data_3D03
#
_entry.id   3D03
#
_cell.length_a   94.967
_cell.length_b   133.842
_cell.length_c   168.941
_cell.angle_alpha   90.00
_cell.angle_beta   90.00
_cell.angle_gamma   90.00
#
_symmetry.space_group_name_H-M   'P 21 21 21'
#
loop_
_entity.id
_entity.type
_entity.pdbx_description
1 polymer Phosphohydrolase
2 non-polymer 'COBALT (II) ION'
3 water water
#
_entity_poly.entity_id   1
_entity_poly.type   'polypeptide(L)'
_entity_poly.pdbx_seq_one_letter_code
;MLLAHISDTHFRSRGEKLYGFIDVNAANADVVSQLNALRERPDAVVVSGDIVNCGRPEEYQVARQILGSLNYPLYLIPGN
HDDKALFLEYLQPLCPQLGSDANNMRCAVDDFATRLLFIDSSRAGTSKGWLTDETISWLEAQLFEGGDKPATIFMHHPPL
PLGNAQMDPIACENGHRLLALVERFPSLTRIFCGHNHSLTMTQYRQALISTLPGTVHQVPYCHADTDPYYDLSPASCLMH
RQVGEQWVSYQHSLAHYAGPWLYDENISCPTEER
;
_entity_poly.pdbx_strand_id   A,B,C,D,E,F
#
loop_
_chem_comp.id
_chem_comp.type
_chem_comp.name
_chem_comp.formula
CO non-polymer 'COBALT (II) ION' 'Co 2'
#
# COMPACT_ATOMS: atom_id res chain seq x y z
N MET A 1 19.33 -20.51 24.50
CA MET A 1 18.35 -19.44 24.83
C MET A 1 18.02 -18.65 23.58
N LEU A 2 16.69 -18.55 23.34
CA LEU A 2 16.12 -17.63 22.37
C LEU A 2 14.90 -16.99 23.06
N LEU A 3 14.94 -15.68 23.16
CA LEU A 3 13.84 -14.89 23.73
C LEU A 3 13.33 -13.96 22.63
N ALA A 4 12.01 -13.84 22.50
CA ALA A 4 11.41 -12.77 21.70
C ALA A 4 11.02 -11.66 22.68
N HIS A 5 11.44 -10.45 22.41
CA HIS A 5 11.28 -9.34 23.37
C HIS A 5 10.48 -8.23 22.67
N ILE A 6 9.24 -8.03 23.14
CA ILE A 6 8.41 -6.93 22.61
C ILE A 6 8.15 -5.91 23.74
N SER A 7 7.60 -4.74 23.40
CA SER A 7 7.47 -3.76 24.43
C SER A 7 6.35 -2.80 24.11
N ASP A 8 5.81 -2.13 25.15
CA ASP A 8 4.93 -0.98 24.94
C ASP A 8 3.75 -1.30 23.97
N THR A 9 3.03 -2.35 24.33
CA THR A 9 1.83 -2.79 23.61
C THR A 9 0.67 -1.75 23.71
N HIS A 10 0.56 -1.03 24.82
CA HIS A 10 -0.50 0.02 24.99
C HIS A 10 -1.92 -0.44 24.64
N PHE A 11 -2.30 -1.64 25.09
CA PHE A 11 -3.64 -2.14 24.85
C PHE A 11 -4.69 -1.14 25.37
N ARG A 12 -5.81 -1.08 24.65
CA ARG A 12 -7.01 -0.29 25.03
C ARG A 12 -8.18 -1.23 25.34
N SER A 13 -9.30 -0.63 25.78
CA SER A 13 -10.56 -1.34 26.06
C SER A 13 -11.07 -2.03 24.82
N ARG A 14 -11.88 -3.08 25.01
CA ARG A 14 -12.51 -3.74 23.90
C ARG A 14 -13.31 -2.77 23.02
N GLY A 15 -12.97 -2.74 21.74
CA GLY A 15 -13.65 -1.87 20.82
C GLY A 15 -13.12 -0.44 20.77
N GLU A 16 -12.08 -0.09 21.53
CA GLU A 16 -11.54 1.26 21.49
C GLU A 16 -10.24 1.24 20.71
N LYS A 17 -9.94 2.33 20.03
CA LYS A 17 -8.64 2.47 19.34
C LYS A 17 -7.79 3.52 20.07
N LEU A 18 -6.48 3.34 20.05
CA LEU A 18 -5.56 4.30 20.63
C LEU A 18 -5.66 5.64 19.89
N TYR A 19 -5.91 6.72 20.64
CA TYR A 19 -6.20 8.08 20.07
C TYR A 19 -7.39 8.16 19.10
N GLY A 20 -8.22 7.13 19.13
CA GLY A 20 -9.35 7.01 18.26
C GLY A 20 -9.09 6.44 16.88
N PHE A 21 -7.84 6.21 16.51
CA PHE A 21 -7.60 5.73 15.16
C PHE A 21 -6.49 4.68 14.98
N ILE A 22 -5.69 4.43 16.00
CA ILE A 22 -4.66 3.38 15.89
C ILE A 22 -5.21 2.10 16.55
N ASP A 23 -5.45 1.05 15.75
CA ASP A 23 -6.06 -0.15 16.30
C ASP A 23 -4.98 -0.98 16.98
N VAL A 24 -4.57 -0.56 18.19
CA VAL A 24 -3.48 -1.26 18.92
C VAL A 24 -3.88 -2.68 19.27
N ASN A 25 -5.15 -2.93 19.54
CA ASN A 25 -5.59 -4.26 19.94
C ASN A 25 -5.46 -5.22 18.76
N ALA A 26 -5.91 -4.80 17.59
CA ALA A 26 -5.73 -5.63 16.37
C ALA A 26 -4.26 -5.76 16.04
N ALA A 27 -3.48 -4.69 16.17
CA ALA A 27 -2.05 -4.79 15.75
C ALA A 27 -1.33 -5.80 16.66
N ASN A 28 -1.65 -5.76 17.96
CA ASN A 28 -1.03 -6.66 18.93
C ASN A 28 -1.45 -8.14 18.77
N ALA A 29 -2.70 -8.34 18.36
CA ALA A 29 -3.23 -9.66 17.96
C ALA A 29 -2.47 -10.23 16.74
N ASP A 30 -2.25 -9.39 15.73
CA ASP A 30 -1.39 -9.78 14.58
C ASP A 30 0.01 -10.20 15.09
N VAL A 31 0.63 -9.38 15.95
CA VAL A 31 1.95 -9.65 16.50
C VAL A 31 2.01 -10.99 17.27
N VAL A 32 1.05 -11.19 18.18
CA VAL A 32 0.92 -12.48 18.86
C VAL A 32 0.85 -13.69 17.87
N SER A 33 -0.01 -13.61 16.87
CA SER A 33 -0.06 -14.68 15.87
C SER A 33 1.26 -14.81 15.08
N GLN A 34 1.92 -13.69 14.77
CA GLN A 34 3.27 -13.74 14.17
C GLN A 34 4.27 -14.52 15.06
N LEU A 35 4.28 -14.20 16.36
CA LEU A 35 5.15 -14.91 17.31
C LEU A 35 4.80 -16.40 17.40
N ASN A 36 3.49 -16.69 17.50
CA ASN A 36 3.02 -18.10 17.48
C ASN A 36 3.42 -18.88 16.21
N ALA A 37 3.58 -18.16 15.10
CA ALA A 37 3.92 -18.82 13.84
C ALA A 37 5.42 -18.99 13.56
N LEU A 38 6.29 -18.50 14.42
CA LEU A 38 7.73 -18.54 14.16
C LEU A 38 8.22 -19.98 13.97
N ARG A 39 9.10 -20.21 12.99
CA ARG A 39 9.68 -21.54 12.71
C ARG A 39 10.72 -21.87 13.76
N GLU A 40 11.57 -20.89 14.08
CA GLU A 40 12.52 -21.01 15.16
C GLU A 40 11.85 -20.42 16.40
N ARG A 41 11.34 -21.32 17.24
CA ARG A 41 10.47 -20.90 18.32
C ARG A 41 11.28 -20.48 19.53
N PRO A 42 11.01 -19.26 20.05
CA PRO A 42 11.61 -18.77 21.27
C PRO A 42 11.27 -19.66 22.46
N ASP A 43 12.12 -19.58 23.48
CA ASP A 43 11.91 -20.30 24.73
C ASP A 43 10.92 -19.55 25.61
N ALA A 44 10.83 -18.24 25.37
CA ALA A 44 9.90 -17.37 26.15
C ALA A 44 9.80 -16.03 25.41
N VAL A 45 8.79 -15.25 25.82
CA VAL A 45 8.53 -13.92 25.31
C VAL A 45 8.61 -12.94 26.49
N VAL A 46 9.39 -11.88 26.32
CA VAL A 46 9.47 -10.79 27.28
C VAL A 46 8.58 -9.61 26.82
N VAL A 47 7.75 -9.10 27.73
CA VAL A 47 7.03 -7.81 27.43
C VAL A 47 7.40 -6.72 28.43
N SER A 48 8.17 -5.73 27.98
CA SER A 48 8.86 -4.84 28.94
C SER A 48 8.11 -3.53 29.20
N GLY A 49 6.82 -3.64 29.50
CA GLY A 49 6.09 -2.54 30.10
C GLY A 49 5.26 -1.72 29.16
N ASP A 50 4.54 -0.76 29.76
CA ASP A 50 3.38 -0.07 29.16
C ASP A 50 2.49 -1.08 28.46
N ILE A 51 2.04 -2.06 29.24
CA ILE A 51 1.20 -3.11 28.71
C ILE A 51 -0.16 -2.54 28.29
N VAL A 52 -0.79 -1.75 29.16
CA VAL A 52 -2.02 -1.01 28.80
C VAL A 52 -1.73 0.49 28.66
N ASN A 53 -2.68 1.23 28.08
CA ASN A 53 -2.45 2.64 27.81
C ASN A 53 -2.80 3.57 28.95
N CYS A 54 -3.83 3.22 29.71
CA CYS A 54 -4.48 4.16 30.63
C CYS A 54 -4.61 3.59 32.03
N GLY A 55 -4.01 2.42 32.24
CA GLY A 55 -4.10 1.71 33.51
C GLY A 55 -5.50 1.31 33.93
N ARG A 56 -6.38 1.03 32.99
CA ARG A 56 -7.81 0.77 33.30
C ARG A 56 -8.10 -0.73 33.31
N PRO A 57 -9.02 -1.18 34.21
CA PRO A 57 -9.34 -2.63 34.23
C PRO A 57 -9.75 -3.20 32.86
N GLU A 58 -10.55 -2.44 32.09
CA GLU A 58 -11.02 -2.99 30.79
C GLU A 58 -9.88 -3.23 29.81
N GLU A 59 -8.78 -2.48 29.93
CA GLU A 59 -7.62 -2.67 29.06
C GLU A 59 -6.89 -3.92 29.49
N TYR A 60 -6.87 -4.19 30.80
CA TYR A 60 -6.21 -5.41 31.28
C TYR A 60 -6.99 -6.65 30.88
N GLN A 61 -8.31 -6.51 30.69
CA GLN A 61 -9.09 -7.65 30.19
C GLN A 61 -8.63 -8.03 28.77
N VAL A 62 -8.42 -7.00 27.94
CA VAL A 62 -7.90 -7.23 26.59
C VAL A 62 -6.44 -7.75 26.62
N ALA A 63 -5.58 -7.15 27.45
CA ALA A 63 -4.18 -7.61 27.52
C ALA A 63 -4.10 -9.09 27.90
N ARG A 64 -4.93 -9.46 28.88
CA ARG A 64 -4.92 -10.84 29.39
C ARG A 64 -5.32 -11.84 28.31
N GLN A 65 -6.35 -11.49 27.55
CA GLN A 65 -6.80 -12.30 26.43
C GLN A 65 -5.75 -12.44 25.33
N ILE A 66 -5.18 -11.33 24.87
CA ILE A 66 -4.26 -11.39 23.73
C ILE A 66 -2.89 -11.96 24.13
N LEU A 67 -2.30 -11.45 25.20
CA LEU A 67 -1.03 -11.97 25.71
C LEU A 67 -1.23 -13.43 26.18
N GLY A 68 -2.39 -13.69 26.78
CA GLY A 68 -2.82 -15.03 27.15
C GLY A 68 -2.83 -16.01 25.99
N SER A 69 -2.90 -15.53 24.75
CA SER A 69 -2.96 -16.44 23.60
C SER A 69 -1.58 -16.77 23.00
N LEU A 70 -0.52 -16.24 23.62
CA LEU A 70 0.85 -16.54 23.18
C LEU A 70 1.15 -17.98 23.59
N ASN A 71 1.75 -18.76 22.67
CA ASN A 71 2.03 -20.15 23.03
C ASN A 71 3.44 -20.29 23.58
N TYR A 72 3.76 -19.44 24.57
CA TYR A 72 5.10 -19.35 25.17
C TYR A 72 4.99 -18.99 26.65
N PRO A 73 6.00 -19.35 27.47
CA PRO A 73 6.12 -18.76 28.81
C PRO A 73 6.34 -17.26 28.67
N LEU A 74 5.71 -16.47 29.55
CA LEU A 74 5.80 -15.00 29.51
C LEU A 74 6.51 -14.42 30.73
N TYR A 75 7.34 -13.41 30.44
CA TYR A 75 7.95 -12.57 31.45
C TYR A 75 7.47 -11.15 31.19
N LEU A 76 6.68 -10.66 32.14
CA LEU A 76 5.94 -9.40 32.00
C LEU A 76 6.37 -8.41 33.08
N ILE A 77 6.64 -7.16 32.69
CA ILE A 77 6.93 -6.11 33.68
C ILE A 77 6.06 -4.87 33.38
N PRO A 78 5.76 -4.08 34.43
CA PRO A 78 5.00 -2.82 34.19
C PRO A 78 5.80 -1.64 33.64
N GLY A 79 5.08 -0.67 33.09
CA GLY A 79 5.63 0.60 32.70
C GLY A 79 4.83 1.67 33.40
N ASN A 80 5.14 2.96 33.15
CA ASN A 80 4.36 4.03 33.79
C ASN A 80 2.85 4.07 33.42
N HIS A 81 2.45 3.52 32.27
CA HIS A 81 1.03 3.56 31.85
C HIS A 81 0.23 2.45 32.56
N ASP A 82 0.95 1.50 33.15
CA ASP A 82 0.32 0.47 33.97
C ASP A 82 -0.09 0.92 35.36
N ASP A 83 -1.12 0.26 35.90
CA ASP A 83 -1.45 0.39 37.31
C ASP A 83 -0.94 -0.88 38.00
N LYS A 84 -0.08 -0.75 39.02
CA LYS A 84 0.58 -1.92 39.63
C LYS A 84 -0.39 -2.93 40.20
N ALA A 85 -1.42 -2.46 40.91
CA ALA A 85 -2.41 -3.37 41.53
C ALA A 85 -3.24 -4.15 40.51
N LEU A 86 -3.72 -3.50 39.45
CA LEU A 86 -4.47 -4.15 38.41
C LEU A 86 -3.56 -5.06 37.57
N PHE A 87 -2.34 -4.60 37.31
CA PHE A 87 -1.35 -5.40 36.56
C PHE A 87 -1.19 -6.79 37.24
N LEU A 88 -1.02 -6.75 38.55
CA LEU A 88 -0.87 -7.99 39.31
C LEU A 88 -2.16 -8.80 39.25
N GLU A 89 -3.30 -8.16 39.51
CA GLU A 89 -4.60 -8.86 39.53
C GLU A 89 -4.83 -9.60 38.22
N TYR A 90 -4.60 -8.94 37.08
CA TYR A 90 -4.94 -9.52 35.77
C TYR A 90 -3.82 -10.33 35.18
N LEU A 91 -2.56 -9.98 35.43
CA LEU A 91 -1.48 -10.59 34.65
C LEU A 91 -0.62 -11.55 35.46
N GLN A 92 -0.77 -11.55 36.78
CA GLN A 92 0.03 -12.45 37.59
C GLN A 92 -0.19 -13.91 37.18
N PRO A 93 -1.45 -14.31 36.85
CA PRO A 93 -1.54 -15.70 36.38
C PRO A 93 -0.77 -16.05 35.11
N LEU A 94 -0.45 -15.06 34.28
CA LEU A 94 0.44 -15.28 33.12
C LEU A 94 1.93 -15.25 33.45
N CYS A 95 2.29 -14.71 34.62
CA CYS A 95 3.70 -14.57 34.99
C CYS A 95 3.73 -14.70 36.49
N PRO A 96 3.49 -15.92 36.98
CA PRO A 96 3.31 -16.08 38.42
C PRO A 96 4.57 -15.80 39.24
N GLN A 97 5.73 -15.78 38.59
CA GLN A 97 6.98 -15.60 39.34
C GLN A 97 7.23 -14.15 39.80
N LEU A 98 6.34 -13.26 39.42
CA LEU A 98 6.35 -11.89 39.91
C LEU A 98 6.04 -11.80 41.42
N GLY A 99 5.17 -12.70 41.89
CA GLY A 99 4.84 -12.80 43.31
C GLY A 99 3.42 -12.36 43.60
N SER A 100 3.15 -11.96 44.83
CA SER A 100 1.80 -11.56 45.18
C SER A 100 1.76 -10.15 45.79
N ASP A 101 2.87 -9.43 45.67
CA ASP A 101 2.96 -8.07 46.18
C ASP A 101 3.06 -7.07 45.02
N ALA A 102 1.99 -6.31 44.76
CA ALA A 102 1.93 -5.37 43.62
C ALA A 102 3.03 -4.32 43.66
N ASN A 103 3.50 -4.00 44.86
CA ASN A 103 4.55 -2.99 45.07
C ASN A 103 5.99 -3.51 44.98
N ASN A 104 6.14 -4.82 44.82
CA ASN A 104 7.46 -5.44 44.72
C ASN A 104 7.51 -6.57 43.70
N MET A 105 6.97 -6.30 42.51
CA MET A 105 7.01 -7.23 41.40
C MET A 105 8.38 -7.29 40.72
N ARG A 106 9.07 -8.41 40.91
CA ARG A 106 10.23 -8.77 40.15
C ARG A 106 10.49 -10.27 40.16
N CYS A 107 11.39 -10.72 39.28
CA CYS A 107 11.79 -12.08 39.29
C CYS A 107 13.12 -12.33 38.63
N ALA A 108 13.76 -13.42 39.00
CA ALA A 108 15.02 -13.80 38.37
C ALA A 108 14.82 -15.17 37.74
N VAL A 109 15.46 -15.41 36.59
CA VAL A 109 15.30 -16.67 35.88
C VAL A 109 16.67 -17.26 35.69
N ASP A 110 16.80 -18.52 36.08
CA ASP A 110 18.10 -19.15 36.10
C ASP A 110 18.24 -20.32 35.12
N ASP A 111 17.27 -20.46 34.22
CA ASP A 111 17.21 -21.56 33.25
C ASP A 111 18.33 -21.53 32.23
N PHE A 112 18.88 -20.36 31.94
CA PHE A 112 19.80 -20.20 30.79
C PHE A 112 21.25 -19.89 31.20
N ALA A 113 22.15 -19.83 30.23
CA ALA A 113 23.55 -19.55 30.58
C ALA A 113 23.75 -18.17 31.22
N THR A 114 22.82 -17.25 30.94
CA THR A 114 22.84 -15.90 31.48
C THR A 114 21.62 -15.75 32.38
N ARG A 115 21.82 -15.22 33.57
CA ARG A 115 20.69 -14.97 34.51
C ARG A 115 19.83 -13.82 33.97
N LEU A 116 18.51 -13.96 34.02
CA LEU A 116 17.61 -12.86 33.68
C LEU A 116 16.99 -12.23 34.93
N LEU A 117 17.00 -10.91 34.98
CA LEU A 117 16.50 -10.16 36.11
C LEU A 117 15.41 -9.19 35.60
N PHE A 118 14.18 -9.36 36.08
CA PHE A 118 13.04 -8.53 35.62
C PHE A 118 12.59 -7.68 36.80
N ILE A 119 12.55 -6.36 36.61
CA ILE A 119 12.19 -5.41 37.67
C ILE A 119 11.14 -4.39 37.19
N ASP A 120 10.52 -3.72 38.16
CA ASP A 120 9.51 -2.70 37.90
C ASP A 120 10.13 -1.34 38.25
N SER A 121 10.38 -0.49 37.25
CA SER A 121 10.91 0.85 37.49
C SER A 121 9.80 1.91 37.56
N SER A 122 8.56 1.49 37.35
CA SER A 122 7.45 2.46 37.33
C SER A 122 7.18 2.96 38.74
N ARG A 123 6.62 4.16 38.83
CA ARG A 123 6.26 4.77 40.10
C ARG A 123 4.88 5.43 39.95
N ALA A 124 4.00 5.21 40.91
CA ALA A 124 2.67 5.86 40.89
C ALA A 124 2.81 7.38 40.84
N GLY A 125 1.98 7.98 40.00
CA GLY A 125 1.76 9.44 39.99
C GLY A 125 2.75 10.18 39.11
N THR A 126 3.63 9.45 38.43
CA THR A 126 4.62 10.10 37.56
C THR A 126 4.95 9.24 36.33
N SER A 127 5.45 9.86 35.26
CA SER A 127 5.98 9.12 34.11
C SER A 127 7.45 8.75 34.28
N LYS A 128 8.14 9.41 35.22
CA LYS A 128 9.55 9.15 35.50
C LYS A 128 9.73 7.79 36.14
N GLY A 129 10.91 7.17 35.91
CA GLY A 129 11.21 5.93 36.58
C GLY A 129 11.79 6.16 37.97
N TRP A 130 11.76 5.10 38.78
CA TRP A 130 12.25 5.16 40.14
C TRP A 130 12.63 3.76 40.64
N LEU A 131 13.89 3.62 41.04
CA LEU A 131 14.42 2.40 41.62
C LEU A 131 14.34 2.43 43.16
N THR A 132 13.48 1.58 43.73
CA THR A 132 13.26 1.59 45.17
C THR A 132 14.43 0.89 45.87
N ASP A 133 14.59 1.17 47.16
CA ASP A 133 15.56 0.47 47.99
C ASP A 133 15.40 -1.04 47.94
N GLU A 134 14.16 -1.57 48.05
CA GLU A 134 13.94 -3.01 47.85
C GLU A 134 14.45 -3.58 46.51
N THR A 135 14.16 -2.88 45.43
CA THR A 135 14.60 -3.32 44.13
C THR A 135 16.11 -3.34 44.04
N ILE A 136 16.76 -2.26 44.45
CA ILE A 136 18.24 -2.19 44.38
C ILE A 136 18.91 -3.24 45.25
N SER A 137 18.39 -3.42 46.47
CA SER A 137 18.89 -4.39 47.40
C SER A 137 18.73 -5.84 46.88
N TRP A 138 17.60 -6.15 46.23
CA TRP A 138 17.41 -7.45 45.58
C TRP A 138 18.31 -7.67 44.36
N LEU A 139 18.49 -6.63 43.54
CA LEU A 139 19.46 -6.65 42.41
C LEU A 139 20.90 -6.94 42.86
N GLU A 140 21.35 -6.20 43.86
CA GLU A 140 22.64 -6.46 44.51
C GLU A 140 22.81 -7.93 44.96
N ALA A 141 21.83 -8.45 45.69
CA ALA A 141 21.82 -9.83 46.18
C ALA A 141 21.87 -10.86 45.03
N GLN A 142 21.10 -10.62 43.97
CA GLN A 142 21.10 -11.49 42.79
C GLN A 142 22.43 -11.51 42.10
N LEU A 143 23.01 -10.32 41.93
CA LEU A 143 24.32 -10.16 41.27
C LEU A 143 25.45 -10.75 42.11
N PHE A 144 25.38 -10.52 43.42
CA PHE A 144 26.38 -11.02 44.35
C PHE A 144 26.31 -12.54 44.42
N GLU A 145 25.10 -13.10 44.58
CA GLU A 145 24.92 -14.55 44.63
C GLU A 145 25.29 -15.21 43.31
N GLY A 146 25.02 -14.51 42.21
CA GLY A 146 25.30 -15.01 40.86
C GLY A 146 26.77 -15.25 40.56
N GLY A 147 27.65 -14.56 41.29
CA GLY A 147 29.09 -14.74 41.14
C GLY A 147 29.56 -14.50 39.71
N ASP A 148 30.13 -15.55 39.13
CA ASP A 148 30.64 -15.58 37.74
C ASP A 148 29.62 -15.41 36.60
N LYS A 149 28.37 -15.80 36.83
CA LYS A 149 27.47 -16.05 35.73
C LYS A 149 26.95 -14.69 35.22
N PRO A 150 26.99 -14.45 33.88
CA PRO A 150 26.56 -13.09 33.41
C PRO A 150 25.07 -12.86 33.70
N ALA A 151 24.66 -11.60 33.70
CA ALA A 151 23.29 -11.23 34.03
C ALA A 151 22.78 -10.20 33.06
N THR A 152 21.47 -10.25 32.82
CA THR A 152 20.78 -9.28 31.96
C THR A 152 19.58 -8.74 32.74
N ILE A 153 19.44 -7.41 32.78
CA ILE A 153 18.29 -6.78 33.46
C ILE A 153 17.27 -6.30 32.43
N PHE A 154 15.98 -6.54 32.70
CA PHE A 154 14.92 -6.03 31.86
C PHE A 154 14.18 -5.05 32.75
N MET A 155 14.06 -3.81 32.29
CA MET A 155 13.29 -2.78 33.07
C MET A 155 12.56 -1.84 32.10
N HIS A 156 11.50 -1.19 32.55
CA HIS A 156 10.82 -0.25 31.65
C HIS A 156 11.61 0.99 31.32
N HIS A 157 12.08 1.72 32.32
CA HIS A 157 12.73 3.02 32.08
C HIS A 157 14.26 2.93 31.89
N PRO A 158 14.80 3.61 30.85
CA PRO A 158 16.28 3.62 30.73
C PRO A 158 16.93 4.28 31.96
N PRO A 159 18.06 3.72 32.44
CA PRO A 159 18.71 4.27 33.64
C PRO A 159 19.73 5.42 33.42
N LEU A 160 19.75 6.02 32.24
CA LEU A 160 20.68 7.12 31.94
C LEU A 160 20.03 7.92 30.79
N PRO A 161 20.33 9.23 30.69
CA PRO A 161 19.77 10.01 29.60
C PRO A 161 20.42 9.62 28.31
N LEU A 162 19.69 9.78 27.20
CA LEU A 162 20.16 9.32 25.90
C LEU A 162 20.17 10.46 24.88
N GLY A 163 19.94 11.69 25.33
CA GLY A 163 19.95 12.87 24.44
C GLY A 163 18.64 13.06 23.70
N ASN A 164 17.64 12.25 24.06
CA ASN A 164 16.31 12.35 23.47
C ASN A 164 15.48 13.41 24.22
N ALA A 165 15.24 14.54 23.59
CA ALA A 165 14.60 15.69 24.24
C ALA A 165 13.20 15.37 24.83
N GLN A 166 12.43 14.53 24.15
CA GLN A 166 11.12 14.13 24.67
C GLN A 166 11.23 13.18 25.88
N MET A 167 12.16 12.23 25.79
CA MET A 167 12.20 11.09 26.67
C MET A 167 13.13 11.22 27.89
N ASP A 168 14.24 11.94 27.73
CA ASP A 168 15.22 12.12 28.82
C ASP A 168 14.63 12.62 30.15
N PRO A 169 13.83 13.71 30.13
CA PRO A 169 13.18 14.22 31.35
C PRO A 169 12.35 13.18 32.12
N ILE A 170 11.92 12.11 31.44
CA ILE A 170 11.12 11.03 32.07
C ILE A 170 11.83 9.65 32.11
N ALA A 171 13.16 9.66 31.99
CA ALA A 171 13.97 8.46 32.28
C ALA A 171 13.90 8.08 33.76
N CYS A 172 14.70 7.10 34.13
CA CYS A 172 14.83 6.66 35.51
C CYS A 172 15.50 7.80 36.31
N GLU A 173 14.74 8.39 37.23
CA GLU A 173 15.20 9.54 37.99
C GLU A 173 16.46 9.26 38.84
N ASN A 174 16.50 8.12 39.50
CA ASN A 174 17.71 7.77 40.22
C ASN A 174 18.43 6.59 39.56
N GLY A 175 18.44 6.62 38.23
CA GLY A 175 19.14 5.64 37.40
C GLY A 175 20.57 5.45 37.84
N HIS A 176 21.20 6.51 38.36
CA HIS A 176 22.59 6.40 38.91
C HIS A 176 22.76 5.16 39.82
N ARG A 177 21.69 4.73 40.49
CA ARG A 177 21.82 3.58 41.40
C ARG A 177 22.09 2.27 40.64
N LEU A 178 21.54 2.15 39.45
CA LEU A 178 21.82 1.01 38.59
C LEU A 178 23.17 1.12 37.85
N LEU A 179 23.55 2.33 37.43
CA LEU A 179 24.90 2.51 36.89
C LEU A 179 25.99 2.16 37.94
N ALA A 180 25.69 2.41 39.22
CA ALA A 180 26.61 2.05 40.32
C ALA A 180 26.81 0.52 40.42
N LEU A 181 25.73 -0.25 40.21
CA LEU A 181 25.80 -1.73 40.15
C LEU A 181 26.57 -2.26 38.92
N VAL A 182 26.40 -1.62 37.76
CA VAL A 182 27.23 -1.93 36.58
C VAL A 182 28.70 -1.80 36.94
N GLU A 183 29.06 -0.69 37.58
CA GLU A 183 30.42 -0.47 38.05
C GLU A 183 30.91 -1.56 39.02
N ARG A 184 30.05 -1.99 39.92
CA ARG A 184 30.46 -2.90 40.98
C ARG A 184 30.54 -4.36 40.51
N PHE A 185 29.70 -4.71 39.54
CA PHE A 185 29.49 -6.08 39.15
C PHE A 185 29.77 -6.31 37.64
N PRO A 186 30.99 -6.74 37.33
CA PRO A 186 31.36 -7.03 35.93
C PRO A 186 30.46 -8.08 35.25
N SER A 187 29.74 -8.88 36.05
CA SER A 187 28.75 -9.84 35.58
C SER A 187 27.57 -9.24 34.82
N LEU A 188 27.24 -8.00 35.14
CA LEU A 188 26.02 -7.40 34.63
C LEU A 188 26.42 -6.78 33.31
N THR A 189 26.01 -7.39 32.20
CA THR A 189 26.49 -6.95 30.87
C THR A 189 25.38 -6.52 29.89
N ARG A 190 24.11 -6.62 30.30
CA ARG A 190 23.02 -6.12 29.46
C ARG A 190 21.93 -5.46 30.30
N ILE A 191 21.38 -4.35 29.81
CA ILE A 191 20.16 -3.74 30.37
C ILE A 191 19.25 -3.37 29.19
N PHE A 192 18.06 -3.99 29.11
CA PHE A 192 17.14 -3.72 28.01
C PHE A 192 15.91 -3.04 28.58
N CYS A 193 15.43 -2.02 27.86
CA CYS A 193 14.36 -1.12 28.36
C CYS A 193 13.29 -0.88 27.26
N GLY A 194 12.08 -0.55 27.69
CA GLY A 194 11.05 0.00 26.80
C GLY A 194 11.01 1.52 26.93
N HIS A 195 9.79 2.07 27.04
CA HIS A 195 9.57 3.52 27.36
C HIS A 195 9.81 4.44 26.16
N ASN A 196 10.92 4.24 25.45
CA ASN A 196 11.31 5.19 24.39
C ASN A 196 10.70 4.95 23.03
N HIS A 197 10.11 3.76 22.80
CA HIS A 197 9.52 3.38 21.49
C HIS A 197 10.50 3.70 20.36
N SER A 198 11.72 3.23 20.53
CA SER A 198 12.82 3.50 19.63
C SER A 198 13.91 2.48 19.93
N LEU A 199 14.59 2.02 18.89
CA LEU A 199 15.83 1.32 19.08
C LEU A 199 16.95 2.34 19.26
N THR A 200 17.34 2.53 20.50
CA THR A 200 18.43 3.41 20.88
C THR A 200 19.41 2.65 21.77
N MET A 201 20.69 2.60 21.41
CA MET A 201 21.61 1.80 22.20
C MET A 201 22.89 2.57 22.61
N THR A 202 23.43 2.18 23.74
CA THR A 202 24.66 2.76 24.20
C THR A 202 25.40 1.73 25.07
N GLN A 203 26.56 2.11 25.58
CA GLN A 203 27.41 1.21 26.36
C GLN A 203 27.93 1.97 27.57
N TYR A 204 27.85 1.35 28.72
CA TYR A 204 28.35 1.94 29.92
C TYR A 204 29.20 0.86 30.59
N ARG A 205 30.50 1.10 30.63
CA ARG A 205 31.51 0.09 31.05
C ARG A 205 31.31 -1.20 30.21
N GLN A 206 31.21 -2.36 30.88
CA GLN A 206 30.95 -3.65 30.21
C GLN A 206 29.47 -3.88 29.79
N ALA A 207 28.54 -2.97 30.11
CA ALA A 207 27.12 -3.25 29.87
C ALA A 207 26.62 -2.55 28.61
N LEU A 208 26.00 -3.30 27.69
CA LEU A 208 25.27 -2.76 26.55
C LEU A 208 23.85 -2.42 27.06
N ILE A 209 23.43 -1.18 26.80
CA ILE A 209 22.14 -0.71 27.28
C ILE A 209 21.31 -0.29 26.06
N SER A 210 20.09 -0.79 25.94
CA SER A 210 19.29 -0.53 24.74
C SER A 210 17.82 -0.36 25.06
N THR A 211 17.19 0.65 24.45
CA THR A 211 15.70 0.70 24.48
C THR A 211 15.18 -0.07 23.25
N LEU A 212 13.88 -0.37 23.24
CA LEU A 212 13.25 -1.09 22.16
C LEU A 212 12.17 -0.27 21.42
N PRO A 213 11.96 -0.58 20.12
CA PRO A 213 10.73 -0.16 19.43
C PRO A 213 9.45 -0.64 20.14
N GLY A 214 8.36 0.08 19.94
CA GLY A 214 7.04 -0.43 20.33
C GLY A 214 6.54 -1.46 19.33
N THR A 215 5.56 -2.25 19.78
CA THR A 215 4.85 -3.16 18.88
C THR A 215 3.94 -2.44 17.88
N VAL A 216 3.54 -1.19 18.15
CA VAL A 216 2.64 -0.48 17.23
C VAL A 216 3.19 0.90 16.82
N HIS A 217 2.87 1.91 17.62
CA HIS A 217 3.35 3.28 17.35
C HIS A 217 4.74 3.52 17.94
N GLN A 218 5.51 4.33 17.22
CA GLN A 218 6.88 4.68 17.58
C GLN A 218 7.00 6.16 17.97
N VAL A 219 8.13 6.51 18.57
CA VAL A 219 8.40 7.87 19.00
C VAL A 219 9.76 8.27 18.40
N PRO A 220 9.77 9.28 17.52
CA PRO A 220 11.03 9.74 16.89
C PRO A 220 12.04 10.28 17.93
N TYR A 221 13.33 10.06 17.68
CA TYR A 221 14.33 10.67 18.54
C TYR A 221 14.52 12.11 18.08
N CYS A 222 14.32 13.09 18.96
CA CYS A 222 14.72 14.46 18.62
C CYS A 222 15.64 15.01 19.67
N HIS A 223 16.71 15.67 19.24
CA HIS A 223 17.67 16.15 20.20
C HIS A 223 17.25 17.48 20.88
N ALA A 224 16.54 18.34 20.16
CA ALA A 224 16.18 19.68 20.68
C ALA A 224 14.66 19.88 20.81
N ASP A 225 13.93 19.41 19.82
CA ASP A 225 12.49 19.61 19.71
C ASP A 225 11.78 18.79 20.79
N THR A 226 11.03 19.45 21.67
CA THR A 226 10.27 18.74 22.71
C THR A 226 8.78 18.55 22.37
N ASP A 227 8.31 19.02 21.21
CA ASP A 227 6.96 18.68 20.72
C ASP A 227 6.76 17.16 20.93
N PRO A 228 5.62 16.74 21.53
CA PRO A 228 5.47 15.29 21.84
C PRO A 228 5.03 14.41 20.64
N TYR A 229 5.92 14.18 19.68
CA TYR A 229 5.59 13.43 18.46
C TYR A 229 5.48 11.89 18.65
N TYR A 230 4.58 11.26 17.91
CA TYR A 230 4.59 9.79 17.71
C TYR A 230 4.20 9.51 16.26
N ASP A 231 4.55 8.33 15.78
CA ASP A 231 4.30 7.98 14.39
C ASP A 231 4.01 6.48 14.24
N LEU A 232 3.66 6.05 13.02
CA LEU A 232 3.45 4.66 12.70
C LEU A 232 4.57 4.13 11.77
N SER A 233 5.81 4.54 12.06
CA SER A 233 6.98 4.00 11.35
C SER A 233 7.06 2.48 11.74
N PRO A 234 7.84 1.68 10.98
CA PRO A 234 7.80 0.19 11.17
C PRO A 234 8.07 -0.34 12.60
N ALA A 235 7.23 -1.28 13.04
CA ALA A 235 7.37 -1.94 14.36
C ALA A 235 8.22 -3.21 14.23
N SER A 236 8.80 -3.62 15.34
CA SER A 236 9.71 -4.76 15.35
C SER A 236 9.88 -5.18 16.78
N CYS A 237 10.47 -6.34 16.98
CA CYS A 237 10.88 -6.73 18.32
C CYS A 237 12.36 -7.07 18.26
N LEU A 238 12.94 -7.36 19.42
CA LEU A 238 14.32 -7.76 19.43
C LEU A 238 14.28 -9.24 19.75
N MET A 239 15.08 -10.04 19.04
CA MET A 239 15.32 -11.42 19.47
C MET A 239 16.64 -11.45 20.23
N HIS A 240 16.68 -12.18 21.35
CA HIS A 240 17.91 -12.32 22.12
C HIS A 240 18.37 -13.76 22.08
N ARG A 241 19.63 -13.97 21.69
CA ARG A 241 20.14 -15.35 21.53
C ARG A 241 21.49 -15.54 22.24
N GLN A 242 21.61 -16.63 23.01
CA GLN A 242 22.92 -16.99 23.53
C GLN A 242 23.72 -17.71 22.44
N VAL A 243 24.88 -17.15 22.09
CA VAL A 243 25.68 -17.68 20.99
C VAL A 243 27.09 -17.93 21.54
N GLY A 244 27.27 -19.14 22.04
CA GLY A 244 28.46 -19.49 22.81
C GLY A 244 28.53 -18.58 24.00
N GLU A 245 29.63 -17.83 24.09
CA GLU A 245 29.87 -16.85 25.14
C GLU A 245 29.17 -15.49 24.96
N GLN A 246 28.66 -15.23 23.76
CA GLN A 246 28.08 -13.93 23.46
C GLN A 246 26.56 -13.92 23.57
N TRP A 247 26.02 -12.84 24.13
CA TRP A 247 24.59 -12.60 24.08
C TRP A 247 24.40 -11.73 22.81
N VAL A 248 23.59 -12.20 21.85
CA VAL A 248 23.42 -11.51 20.57
C VAL A 248 21.94 -11.09 20.47
N SER A 249 21.70 -9.82 20.18
CA SER A 249 20.34 -9.30 19.99
C SER A 249 20.20 -8.85 18.52
N TYR A 250 19.08 -9.20 17.91
CA TYR A 250 18.83 -8.83 16.50
C TYR A 250 17.42 -8.43 16.26
N GLN A 251 17.23 -7.52 15.31
CA GLN A 251 15.94 -6.92 15.10
C GLN A 251 15.08 -7.82 14.21
N HIS A 252 13.86 -8.06 14.64
CA HIS A 252 12.94 -8.88 13.87
C HIS A 252 11.73 -7.99 13.49
N SER A 253 11.62 -7.63 12.21
CA SER A 253 10.45 -6.87 11.72
C SER A 253 9.08 -7.52 12.01
N LEU A 254 8.14 -6.70 12.51
CA LEU A 254 6.77 -7.13 12.72
C LEU A 254 5.84 -6.59 11.61
N ALA A 255 6.46 -6.04 10.54
CA ALA A 255 5.73 -5.47 9.42
C ALA A 255 5.44 -6.59 8.43
N HIS A 256 4.53 -6.35 7.50
CA HIS A 256 4.28 -7.38 6.49
C HIS A 256 4.96 -6.91 5.20
N TYR A 257 5.89 -7.68 4.67
CA TYR A 257 6.73 -7.12 3.59
C TYR A 257 6.89 -8.14 2.48
N ALA A 258 7.43 -7.72 1.32
CA ALA A 258 7.63 -8.65 0.19
C ALA A 258 8.82 -9.53 0.45
N GLY A 259 8.72 -10.79 0.03
CA GLY A 259 9.85 -11.74 0.15
C GLY A 259 9.59 -12.80 1.21
N PRO A 260 10.58 -13.65 1.51
CA PRO A 260 11.92 -13.69 0.96
C PRO A 260 12.05 -14.32 -0.45
N TRP A 261 13.17 -14.07 -1.09
CA TRP A 261 13.53 -14.79 -2.29
C TRP A 261 14.92 -15.36 -1.98
N LEU A 262 15.50 -16.10 -2.90
CA LEU A 262 16.82 -16.68 -2.70
C LEU A 262 17.86 -16.02 -3.59
N TYR A 263 19.02 -15.70 -3.01
CA TYR A 263 20.11 -15.12 -3.78
C TYR A 263 20.66 -16.09 -4.82
N ASP A 264 20.95 -15.58 -6.01
CA ASP A 264 21.50 -16.40 -7.06
C ASP A 264 22.56 -15.57 -7.79
N GLU A 265 23.76 -16.14 -7.90
CA GLU A 265 24.88 -15.45 -8.54
C GLU A 265 24.57 -14.96 -9.97
N ASN A 266 23.90 -15.79 -10.80
CA ASN A 266 23.58 -15.46 -12.21
C ASN A 266 22.60 -14.26 -12.25
N ILE A 267 21.69 -14.25 -11.29
CA ILE A 267 20.69 -13.19 -11.20
C ILE A 267 21.29 -11.88 -10.62
N SER A 268 22.19 -12.01 -9.63
CA SER A 268 22.85 -10.84 -9.00
C SER A 268 23.70 -10.05 -9.99
N CYS A 269 24.44 -10.74 -10.84
CA CYS A 269 25.39 -10.07 -11.74
C CYS A 269 25.28 -10.62 -13.16
N PRO A 270 24.19 -10.26 -13.89
CA PRO A 270 23.89 -10.82 -15.19
C PRO A 270 24.99 -10.57 -16.18
N THR A 271 25.28 -11.56 -17.02
CA THR A 271 26.38 -11.40 -18.01
C THR A 271 25.98 -10.48 -19.18
N GLU A 272 24.68 -10.16 -19.28
CA GLU A 272 24.13 -9.25 -20.30
C GLU A 272 24.27 -7.76 -19.95
N GLU A 273 24.53 -7.45 -18.68
CA GLU A 273 24.39 -6.08 -18.19
C GLU A 273 25.72 -5.40 -17.87
N ARG A 274 25.72 -4.07 -17.84
CA ARG A 274 26.84 -3.26 -17.31
C ARG A 274 26.87 -3.26 -15.77
N MET B 1 28.72 15.96 17.85
CA MET B 1 28.78 15.03 16.70
C MET B 1 27.40 14.39 16.46
N LEU B 2 26.92 14.51 15.23
CA LEU B 2 25.81 13.72 14.69
C LEU B 2 26.30 13.14 13.34
N LEU B 3 26.31 11.81 13.27
CA LEU B 3 26.66 11.08 12.04
C LEU B 3 25.41 10.35 11.54
N ALA B 4 25.13 10.41 10.24
CA ALA B 4 24.15 9.50 9.63
C ALA B 4 24.94 8.36 8.97
N HIS B 5 24.55 7.14 9.30
CA HIS B 5 25.33 5.95 8.91
C HIS B 5 24.43 4.99 8.13
N ILE B 6 24.69 4.87 6.85
CA ILE B 6 23.98 3.90 6.04
C ILE B 6 24.95 2.81 5.53
N SER B 7 24.40 1.77 4.92
CA SER B 7 25.23 0.64 4.53
C SER B 7 24.66 -0.13 3.40
N ASP B 8 25.54 -0.80 2.64
CA ASP B 8 25.10 -1.85 1.72
C ASP B 8 24.10 -1.34 0.71
N THR B 9 24.52 -0.30 0.02
CA THR B 9 23.65 0.39 -0.95
C THR B 9 23.45 -0.47 -2.23
N HIS B 10 24.46 -1.27 -2.56
CA HIS B 10 24.39 -2.19 -3.73
C HIS B 10 23.92 -1.55 -5.04
N PHE B 11 24.38 -0.34 -5.35
CA PHE B 11 24.07 0.31 -6.62
C PHE B 11 24.26 -0.60 -7.83
N ARG B 12 23.42 -0.41 -8.86
CA ARG B 12 23.59 -1.12 -10.15
C ARG B 12 23.89 -0.07 -11.23
N SER B 13 24.20 -0.52 -12.45
CA SER B 13 24.44 0.40 -13.55
C SER B 13 23.14 1.10 -13.97
N ARG B 14 23.28 2.17 -14.74
CA ARG B 14 22.14 3.04 -15.02
C ARG B 14 20.98 2.28 -15.72
N GLY B 15 19.76 2.49 -15.24
CA GLY B 15 18.63 1.74 -15.78
C GLY B 15 18.42 0.29 -15.33
N GLU B 16 19.38 -0.29 -14.62
CA GLU B 16 19.24 -1.67 -14.15
C GLU B 16 18.68 -1.74 -12.72
N LYS B 17 18.01 -2.84 -12.42
CA LYS B 17 17.49 -3.07 -11.07
C LYS B 17 18.20 -4.29 -10.49
N LEU B 18 18.36 -4.32 -9.19
CA LEU B 18 18.94 -5.47 -8.48
C LEU B 18 18.05 -6.70 -8.66
N TYR B 19 18.66 -7.78 -9.15
CA TYR B 19 17.99 -9.03 -9.43
C TYR B 19 16.89 -8.89 -10.48
N GLY B 20 16.93 -7.78 -11.22
CA GLY B 20 15.92 -7.49 -12.24
C GLY B 20 14.66 -6.80 -11.72
N PHE B 21 14.50 -6.70 -10.40
CA PHE B 21 13.24 -6.17 -9.85
C PHE B 21 13.32 -5.25 -8.61
N ILE B 22 14.47 -5.20 -7.93
CA ILE B 22 14.61 -4.29 -6.77
C ILE B 22 15.30 -3.03 -7.22
N ASP B 23 14.57 -1.90 -7.22
CA ASP B 23 15.14 -0.65 -7.75
C ASP B 23 16.04 0.03 -6.71
N VAL B 24 17.24 -0.52 -6.53
CA VAL B 24 18.29 0.03 -5.62
C VAL B 24 18.65 1.46 -5.91
N ASN B 25 18.80 1.78 -7.20
CA ASN B 25 19.22 3.12 -7.60
C ASN B 25 18.18 4.18 -7.17
N ALA B 26 16.90 3.92 -7.43
CA ALA B 26 15.84 4.86 -7.00
C ALA B 26 15.72 4.89 -5.47
N ALA B 27 15.69 3.70 -4.83
CA ALA B 27 15.59 3.62 -3.39
C ALA B 27 16.73 4.44 -2.75
N ASN B 28 17.97 4.29 -3.24
CA ASN B 28 19.11 5.03 -2.71
C ASN B 28 19.01 6.54 -3.00
N ALA B 29 18.48 6.89 -4.16
CA ALA B 29 18.30 8.32 -4.51
C ALA B 29 17.25 8.97 -3.57
N ASP B 30 16.21 8.20 -3.21
CA ASP B 30 15.20 8.59 -2.22
C ASP B 30 15.90 8.80 -0.85
N VAL B 31 16.67 7.80 -0.40
CA VAL B 31 17.47 7.90 0.84
C VAL B 31 18.34 9.16 0.87
N VAL B 32 19.06 9.44 -0.22
CA VAL B 32 19.94 10.61 -0.29
C VAL B 32 19.14 11.92 -0.11
N SER B 33 17.98 11.99 -0.75
CA SER B 33 17.12 13.16 -0.60
C SER B 33 16.52 13.21 0.81
N GLN B 34 16.20 12.07 1.40
CA GLN B 34 15.76 12.09 2.81
C GLN B 34 16.85 12.66 3.72
N LEU B 35 18.10 12.22 3.52
CA LEU B 35 19.21 12.68 4.35
C LEU B 35 19.43 14.18 4.18
N ASN B 36 19.32 14.65 2.94
CA ASN B 36 19.44 16.08 2.60
C ASN B 36 18.33 16.92 3.23
N ALA B 37 17.19 16.31 3.51
CA ALA B 37 16.00 17.05 4.02
C ALA B 37 15.86 17.07 5.55
N LEU B 38 16.81 16.41 6.23
CA LEU B 38 16.80 16.26 7.69
C LEU B 38 16.79 17.62 8.42
N ARG B 39 15.87 17.79 9.39
CA ARG B 39 15.85 19.05 10.16
C ARG B 39 17.08 19.25 11.05
N GLU B 40 17.49 18.18 11.76
CA GLU B 40 18.73 18.15 12.54
C GLU B 40 19.77 17.59 11.60
N ARG B 41 20.66 18.44 11.11
CA ARG B 41 21.58 18.07 10.03
C ARG B 41 22.79 17.35 10.62
N PRO B 42 23.09 16.15 10.11
CA PRO B 42 24.33 15.44 10.51
C PRO B 42 25.59 16.20 10.12
N ASP B 43 26.64 15.98 10.88
CA ASP B 43 27.94 16.55 10.54
C ASP B 43 28.57 15.86 9.36
N ALA B 44 28.24 14.57 9.21
CA ALA B 44 28.77 13.73 8.13
C ALA B 44 27.90 12.50 7.89
N VAL B 45 28.12 11.86 6.75
CA VAL B 45 27.42 10.61 6.38
C VAL B 45 28.49 9.53 6.15
N VAL B 46 28.30 8.40 6.85
CA VAL B 46 29.15 7.23 6.69
C VAL B 46 28.37 6.22 5.84
N VAL B 47 29.10 5.59 4.90
CA VAL B 47 28.56 4.50 4.09
C VAL B 47 29.51 3.30 4.23
N SER B 48 29.07 2.28 4.97
CA SER B 48 30.01 1.21 5.36
C SER B 48 30.08 0.01 4.45
N GLY B 49 30.31 0.23 3.16
CA GLY B 49 30.67 -0.88 2.28
C GLY B 49 29.54 -1.50 1.48
N ASP B 50 29.94 -2.40 0.57
CA ASP B 50 29.07 -2.92 -0.53
C ASP B 50 28.32 -1.75 -1.15
N ILE B 51 29.11 -0.77 -1.59
CA ILE B 51 28.57 0.44 -2.22
C ILE B 51 27.89 0.07 -3.55
N VAL B 52 28.56 -0.76 -4.36
CA VAL B 52 28.00 -1.33 -5.60
C VAL B 52 27.76 -2.84 -5.51
N ASN B 53 26.95 -3.39 -6.42
CA ASN B 53 26.56 -4.80 -6.29
C ASN B 53 27.57 -5.75 -6.95
N CYS B 54 28.16 -5.31 -8.05
CA CYS B 54 28.89 -6.24 -8.94
C CYS B 54 30.36 -5.87 -9.09
N GLY B 55 30.75 -4.72 -8.54
CA GLY B 55 32.07 -4.16 -8.71
C GLY B 55 32.39 -3.70 -10.11
N ARG B 56 31.40 -3.12 -10.81
CA ARG B 56 31.53 -2.77 -12.23
C ARG B 56 31.60 -1.25 -12.37
N PRO B 57 32.38 -0.74 -13.38
CA PRO B 57 32.60 0.70 -13.55
C PRO B 57 31.32 1.52 -13.67
N GLU B 58 30.34 1.05 -14.44
CA GLU B 58 29.08 1.81 -14.59
C GLU B 58 28.26 1.84 -13.31
N GLU B 59 28.50 0.91 -12.41
CA GLU B 59 27.85 0.96 -11.08
C GLU B 59 28.48 2.09 -10.23
N TYR B 60 29.81 2.18 -10.25
CA TYR B 60 30.50 3.29 -9.61
C TYR B 60 30.11 4.65 -10.19
N GLN B 61 29.79 4.69 -11.49
CA GLN B 61 29.29 5.90 -12.08
C GLN B 61 27.98 6.36 -11.39
N VAL B 62 27.03 5.43 -11.22
CA VAL B 62 25.76 5.70 -10.56
C VAL B 62 25.99 6.10 -9.08
N ALA B 63 26.83 5.33 -8.38
CA ALA B 63 27.16 5.61 -7.00
C ALA B 63 27.78 7.00 -6.84
N ARG B 64 28.72 7.33 -7.71
CA ARG B 64 29.37 8.63 -7.61
C ARG B 64 28.36 9.77 -7.80
N GLN B 65 27.45 9.64 -8.75
CA GLN B 65 26.43 10.69 -8.97
C GLN B 65 25.47 10.80 -7.78
N ILE B 66 24.99 9.66 -7.30
CA ILE B 66 23.96 9.71 -6.26
C ILE B 66 24.57 10.07 -4.92
N LEU B 67 25.64 9.36 -4.50
CA LEU B 67 26.34 9.74 -3.26
C LEU B 67 26.97 11.13 -3.34
N GLY B 68 27.43 11.51 -4.53
CA GLY B 68 27.92 12.86 -4.77
C GLY B 68 26.89 13.97 -4.57
N SER B 69 25.60 13.63 -4.49
CA SER B 69 24.55 14.67 -4.36
C SER B 69 24.15 14.86 -2.91
N LEU B 70 24.74 14.06 -2.01
CA LEU B 70 24.60 14.29 -0.56
C LEU B 70 25.26 15.61 -0.20
N ASN B 71 24.54 16.43 0.54
CA ASN B 71 25.08 17.73 0.96
C ASN B 71 25.76 17.65 2.31
N TYR B 72 26.67 16.69 2.42
CA TYR B 72 27.41 16.40 3.65
C TYR B 72 28.80 15.86 3.26
N PRO B 73 29.81 16.10 4.11
CA PRO B 73 31.09 15.39 3.99
C PRO B 73 30.84 13.88 4.14
N LEU B 74 31.55 13.08 3.33
CA LEU B 74 31.33 11.65 3.31
C LEU B 74 32.51 10.85 3.85
N TYR B 75 32.20 9.77 4.56
CA TYR B 75 33.21 8.74 4.90
C TYR B 75 32.79 7.42 4.29
N LEU B 76 33.56 6.94 3.31
CA LEU B 76 33.17 5.78 2.50
C LEU B 76 34.19 4.66 2.69
N ILE B 77 33.72 3.43 2.90
CA ILE B 77 34.61 2.25 2.89
C ILE B 77 34.02 1.12 2.00
N PRO B 78 34.89 0.24 1.46
CA PRO B 78 34.45 -0.87 0.59
C PRO B 78 33.91 -2.08 1.34
N GLY B 79 33.12 -2.91 0.66
CA GLY B 79 32.76 -4.23 1.14
C GLY B 79 33.27 -5.26 0.17
N ASN B 80 32.87 -6.51 0.36
CA ASN B 80 33.25 -7.57 -0.59
C ASN B 80 32.67 -7.42 -2.02
N HIS B 81 31.53 -6.75 -2.18
CA HIS B 81 30.96 -6.55 -3.51
C HIS B 81 31.70 -5.46 -4.29
N ASP B 82 32.49 -4.64 -3.58
CA ASP B 82 33.21 -3.52 -4.18
C ASP B 82 34.47 -4.01 -4.88
N ASP B 83 34.93 -3.29 -5.88
CA ASP B 83 36.27 -3.50 -6.46
C ASP B 83 37.20 -2.36 -5.99
N LYS B 84 38.30 -2.73 -5.33
CA LYS B 84 39.23 -1.75 -4.68
C LYS B 84 39.75 -0.63 -5.60
N ALA B 85 40.18 -0.99 -6.81
CA ALA B 85 40.79 -0.02 -7.73
C ALA B 85 39.69 0.93 -8.26
N LEU B 86 38.53 0.37 -8.61
CA LEU B 86 37.43 1.15 -9.15
C LEU B 86 36.82 2.04 -8.07
N PHE B 87 36.76 1.50 -6.85
CA PHE B 87 36.33 2.25 -5.65
C PHE B 87 37.21 3.49 -5.48
N LEU B 88 38.51 3.30 -5.54
CA LEU B 88 39.44 4.42 -5.47
C LEU B 88 39.28 5.39 -6.62
N GLU B 89 39.21 4.86 -7.83
CA GLU B 89 39.06 5.72 -8.98
C GLU B 89 37.79 6.62 -8.94
N TYR B 90 36.63 6.04 -8.59
CA TYR B 90 35.38 6.77 -8.68
C TYR B 90 34.97 7.47 -7.42
N LEU B 91 35.36 6.93 -6.26
CA LEU B 91 34.80 7.43 -4.98
C LEU B 91 35.78 8.19 -4.08
N GLN B 92 37.07 8.05 -4.33
CA GLN B 92 38.05 8.74 -3.52
C GLN B 92 37.98 10.28 -3.64
N PRO B 93 37.61 10.83 -4.81
CA PRO B 93 37.32 12.27 -4.79
C PRO B 93 36.20 12.67 -3.81
N LEU B 94 35.30 11.73 -3.47
CA LEU B 94 34.27 12.02 -2.46
C LEU B 94 34.74 11.83 -1.00
N CYS B 95 35.81 11.06 -0.82
CA CYS B 95 36.41 10.88 0.48
C CYS B 95 37.93 10.81 0.31
N PRO B 96 38.57 11.98 0.09
CA PRO B 96 40.03 12.03 -0.19
C PRO B 96 40.97 11.54 0.92
N GLN B 97 40.49 11.51 2.17
CA GLN B 97 41.27 11.07 3.33
C GLN B 97 41.65 9.60 3.23
N LEU B 98 41.00 8.88 2.33
CA LEU B 98 41.30 7.46 2.15
C LEU B 98 42.72 7.23 1.59
N GLY B 99 43.27 8.22 0.89
CA GLY B 99 44.63 8.11 0.34
C GLY B 99 44.60 7.79 -1.14
N SER B 100 45.71 7.32 -1.71
CA SER B 100 45.73 7.08 -3.13
C SER B 100 46.24 5.69 -3.44
N ASP B 101 46.26 4.84 -2.44
CA ASP B 101 46.64 3.45 -2.63
C ASP B 101 45.40 2.55 -2.47
N ALA B 102 44.95 1.92 -3.56
CA ALA B 102 43.70 1.13 -3.57
C ALA B 102 43.73 -0.04 -2.57
N ASN B 103 44.90 -0.61 -2.35
CA ASN B 103 45.04 -1.71 -1.41
C ASN B 103 45.23 -1.29 0.03
N ASN B 104 45.32 0.03 0.27
CA ASN B 104 45.45 0.50 1.64
C ASN B 104 44.53 1.64 2.03
N MET B 105 43.26 1.53 1.67
CA MET B 105 42.33 2.62 1.92
C MET B 105 41.91 2.59 3.37
N ARG B 106 42.13 3.69 4.08
CA ARG B 106 41.67 3.86 5.47
C ARG B 106 41.85 5.33 5.92
N CYS B 107 41.13 5.76 6.95
CA CYS B 107 41.43 7.04 7.52
C CYS B 107 40.95 7.20 8.96
N ALA B 108 41.57 8.15 9.66
CA ALA B 108 41.19 8.49 11.03
C ALA B 108 40.71 9.94 11.04
N VAL B 109 39.69 10.20 11.84
CA VAL B 109 39.07 11.50 11.87
C VAL B 109 39.14 11.95 13.33
N ASP B 110 39.68 13.15 13.56
CA ASP B 110 39.81 13.65 14.90
C ASP B 110 38.92 14.84 15.24
N ASP B 111 37.99 15.16 14.35
CA ASP B 111 37.15 16.35 14.51
C ASP B 111 36.29 16.36 15.76
N PHE B 112 35.95 15.17 16.28
CA PHE B 112 34.90 15.04 17.29
C PHE B 112 35.47 14.56 18.61
N ALA B 113 34.62 14.47 19.64
CA ALA B 113 35.07 14.02 20.95
C ALA B 113 35.54 12.54 20.96
N THR B 114 35.04 11.74 20.01
CA THR B 114 35.44 10.33 19.80
C THR B 114 36.16 10.27 18.46
N ARG B 115 37.32 9.63 18.44
CA ARG B 115 38.04 9.41 17.19
C ARG B 115 37.30 8.40 16.33
N LEU B 116 37.31 8.60 15.01
CA LEU B 116 36.63 7.71 14.07
C LEU B 116 37.70 7.04 13.22
N LEU B 117 37.66 5.72 13.14
CA LEU B 117 38.65 4.96 12.38
C LEU B 117 37.94 4.16 11.31
N PHE B 118 38.24 4.44 10.04
CA PHE B 118 37.59 3.78 8.90
C PHE B 118 38.58 2.86 8.23
N ILE B 119 38.22 1.56 8.16
CA ILE B 119 39.11 0.55 7.51
C ILE B 119 38.45 -0.30 6.40
N ASP B 120 39.30 -0.90 5.55
CA ASP B 120 38.85 -1.81 4.50
C ASP B 120 39.12 -3.27 4.93
N SER B 121 38.08 -4.05 5.23
CA SER B 121 38.23 -5.45 5.64
C SER B 121 37.98 -6.40 4.47
N SER B 122 37.68 -5.84 3.29
CA SER B 122 37.38 -6.65 2.12
C SER B 122 38.65 -7.25 1.53
N ARG B 123 38.47 -8.41 0.90
CA ARG B 123 39.56 -9.13 0.28
C ARG B 123 39.14 -9.61 -1.13
N ALA B 124 39.98 -9.34 -2.13
CA ALA B 124 39.74 -9.79 -3.50
C ALA B 124 39.57 -11.30 -3.53
N GLY B 125 38.63 -11.78 -4.35
CA GLY B 125 38.40 -13.22 -4.54
C GLY B 125 37.59 -13.96 -3.48
N THR B 126 37.05 -13.26 -2.50
CA THR B 126 36.28 -13.95 -1.43
C THR B 126 35.26 -13.01 -0.83
N SER B 127 34.22 -13.59 -0.22
CA SER B 127 33.23 -12.84 0.53
C SER B 127 33.68 -12.60 1.95
N LYS B 128 34.63 -13.42 2.43
CA LYS B 128 35.14 -13.34 3.79
C LYS B 128 35.96 -12.06 3.97
N GLY B 129 35.96 -11.57 5.21
CA GLY B 129 36.78 -10.44 5.60
C GLY B 129 38.19 -10.84 6.02
N TRP B 130 39.12 -9.91 5.81
CA TRP B 130 40.50 -10.12 6.21
C TRP B 130 41.12 -8.80 6.64
N LEU B 131 41.75 -8.76 7.83
CA LEU B 131 42.57 -7.61 8.25
C LEU B 131 44.01 -7.87 7.83
N THR B 132 44.51 -7.10 6.88
CA THR B 132 45.92 -7.22 6.45
C THR B 132 46.87 -6.77 7.56
N ASP B 133 48.12 -7.24 7.49
CA ASP B 133 49.17 -6.78 8.40
C ASP B 133 49.26 -5.25 8.46
N GLU B 134 49.13 -4.60 7.31
CA GLU B 134 49.17 -3.14 7.23
C GLU B 134 47.99 -2.50 7.99
N THR B 135 46.79 -3.04 7.79
CA THR B 135 45.57 -2.50 8.46
C THR B 135 45.64 -2.62 9.98
N ILE B 136 46.06 -3.79 10.44
CA ILE B 136 46.11 -4.11 11.84
C ILE B 136 47.21 -3.31 12.52
N SER B 137 48.36 -3.16 11.83
CA SER B 137 49.40 -2.31 12.30
C SER B 137 49.01 -0.83 12.42
N TRP B 138 48.26 -0.34 11.43
CA TRP B 138 47.75 1.00 11.44
C TRP B 138 46.77 1.24 12.59
N LEU B 139 45.90 0.28 12.84
CA LEU B 139 44.92 0.40 13.90
C LEU B 139 45.61 0.48 15.26
N GLU B 140 46.61 -0.38 15.46
CA GLU B 140 47.40 -0.33 16.67
C GLU B 140 48.03 1.04 16.84
N ALA B 141 48.65 1.53 15.77
CA ALA B 141 49.28 2.85 15.81
C ALA B 141 48.24 3.92 16.19
N GLN B 142 47.07 3.86 15.59
CA GLN B 142 46.01 4.86 15.86
C GLN B 142 45.49 4.77 17.31
N LEU B 143 45.45 3.57 17.86
CA LEU B 143 44.95 3.41 19.21
C LEU B 143 45.99 3.90 20.22
N PHE B 144 47.27 3.69 19.92
CA PHE B 144 48.34 4.38 20.64
C PHE B 144 48.19 5.90 20.49
N GLU B 145 47.99 6.38 19.27
CA GLU B 145 47.85 7.83 19.01
C GLU B 145 46.67 8.46 19.78
N GLY B 146 45.53 7.75 19.88
CA GLY B 146 44.40 8.30 20.61
C GLY B 146 44.52 8.32 22.14
N GLY B 147 45.37 7.45 22.72
CA GLY B 147 45.51 7.37 24.18
C GLY B 147 44.17 7.15 24.87
N ASP B 148 43.88 7.94 25.90
CA ASP B 148 42.60 7.88 26.60
C ASP B 148 41.42 8.55 25.88
N LYS B 149 41.65 9.10 24.69
CA LYS B 149 40.50 9.61 23.94
C LYS B 149 39.74 8.41 23.33
N PRO B 150 38.40 8.38 23.49
CA PRO B 150 37.62 7.23 22.94
C PRO B 150 37.74 7.03 21.43
N ALA B 151 37.50 5.82 20.98
CA ALA B 151 37.58 5.50 19.54
C ALA B 151 36.46 4.55 19.09
N THR B 152 36.04 4.76 17.83
CA THR B 152 35.02 3.98 17.17
C THR B 152 35.61 3.55 15.85
N ILE B 153 35.43 2.27 15.51
CA ILE B 153 35.88 1.71 14.26
C ILE B 153 34.64 1.41 13.39
N PHE B 154 34.73 1.78 12.11
CA PHE B 154 33.78 1.37 11.11
C PHE B 154 34.51 0.41 10.16
N MET B 155 33.90 -0.74 9.90
CA MET B 155 34.50 -1.71 8.99
C MET B 155 33.36 -2.41 8.27
N HIS B 156 33.62 -3.04 7.13
CA HIS B 156 32.54 -3.78 6.52
C HIS B 156 32.14 -5.07 7.23
N HIS B 157 33.10 -5.95 7.50
CA HIS B 157 32.85 -7.29 8.04
C HIS B 157 32.86 -7.28 9.56
N PRO B 158 31.88 -7.94 10.22
CA PRO B 158 31.99 -8.06 11.68
C PRO B 158 33.18 -8.93 12.11
N PRO B 159 33.87 -8.55 13.21
CA PRO B 159 35.07 -9.27 13.60
C PRO B 159 34.84 -10.52 14.48
N LEU B 160 33.59 -10.93 14.70
CA LEU B 160 33.31 -12.16 15.45
C LEU B 160 32.02 -12.78 14.93
N PRO B 161 31.85 -14.10 15.13
CA PRO B 161 30.57 -14.74 14.78
C PRO B 161 29.41 -14.22 15.64
N LEU B 162 28.24 -14.09 15.01
CA LEU B 162 27.03 -13.64 15.66
C LEU B 162 25.88 -14.68 15.65
N GLY B 163 26.18 -15.92 15.24
CA GLY B 163 25.21 -17.04 15.22
C GLY B 163 24.29 -17.09 14.01
N ASN B 164 24.50 -16.13 13.11
CA ASN B 164 23.79 -16.06 11.86
C ASN B 164 24.34 -17.07 10.83
N ALA B 165 23.55 -18.10 10.52
CA ALA B 165 24.05 -19.25 9.70
C ALA B 165 24.52 -18.86 8.30
N GLN B 166 23.88 -17.87 7.69
CA GLN B 166 24.27 -17.44 6.37
C GLN B 166 25.53 -16.58 6.45
N MET B 167 25.59 -15.73 7.46
CA MET B 167 26.59 -14.68 7.50
C MET B 167 27.88 -15.02 8.21
N ASP B 168 27.82 -15.88 9.23
CA ASP B 168 29.03 -16.24 10.01
C ASP B 168 30.18 -16.80 9.20
N PRO B 169 29.93 -17.75 8.26
CA PRO B 169 31.09 -18.24 7.48
C PRO B 169 31.85 -17.13 6.74
N ILE B 170 31.18 -16.01 6.48
CA ILE B 170 31.81 -14.97 5.69
C ILE B 170 32.01 -13.68 6.52
N ALA B 171 32.17 -13.87 7.83
CA ALA B 171 32.62 -12.80 8.70
C ALA B 171 34.11 -12.51 8.45
N CYS B 172 34.65 -11.56 9.22
CA CYS B 172 36.10 -11.27 9.23
C CYS B 172 36.95 -12.44 9.79
N GLU B 173 37.67 -13.11 8.91
CA GLU B 173 38.25 -14.41 9.24
C GLU B 173 39.32 -14.34 10.34
N ASN B 174 40.14 -13.29 10.33
CA ASN B 174 41.09 -13.06 11.42
C ASN B 174 40.61 -11.96 12.39
N GLY B 175 39.28 -11.89 12.58
CA GLY B 175 38.65 -10.92 13.49
C GLY B 175 39.21 -10.92 14.91
N HIS B 176 39.73 -12.07 15.37
CA HIS B 176 40.37 -12.19 16.69
C HIS B 176 41.51 -11.18 16.91
N ARG B 177 42.19 -10.79 15.83
CA ARG B 177 43.21 -9.76 15.90
C ARG B 177 42.65 -8.42 16.36
N LEU B 178 41.42 -8.11 15.97
CA LEU B 178 40.72 -6.89 16.42
C LEU B 178 40.17 -7.01 17.84
N LEU B 179 39.65 -8.18 18.18
CA LEU B 179 39.24 -8.48 19.54
C LEU B 179 40.43 -8.32 20.52
N ALA B 180 41.66 -8.65 20.07
CA ALA B 180 42.90 -8.47 20.87
C ALA B 180 43.18 -6.99 21.15
N LEU B 181 42.84 -6.14 20.17
CA LEU B 181 43.01 -4.72 20.35
C LEU B 181 42.00 -4.17 21.35
N VAL B 182 40.77 -4.65 21.30
CA VAL B 182 39.75 -4.27 22.30
C VAL B 182 40.29 -4.56 23.69
N GLU B 183 40.91 -5.72 23.86
CA GLU B 183 41.45 -6.09 25.14
C GLU B 183 42.56 -5.16 25.56
N ARG B 184 43.41 -4.73 24.61
CA ARG B 184 44.59 -3.93 24.94
C ARG B 184 44.28 -2.47 25.14
N PHE B 185 43.21 -1.99 24.49
CA PHE B 185 42.96 -0.56 24.41
C PHE B 185 41.56 -0.23 24.89
N PRO B 186 41.39 0.07 26.19
CA PRO B 186 40.07 0.34 26.76
C PRO B 186 39.33 1.51 26.15
N SER B 187 39.99 2.41 25.44
CA SER B 187 39.20 3.50 24.84
C SER B 187 38.48 3.10 23.56
N LEU B 188 38.79 1.91 23.03
CA LEU B 188 38.07 1.39 21.86
C LEU B 188 36.73 0.82 22.35
N THR B 189 35.63 1.55 22.09
CA THR B 189 34.35 1.19 22.73
C THR B 189 33.21 0.97 21.73
N ARG B 190 33.46 1.21 20.43
CA ARG B 190 32.49 0.84 19.38
C ARG B 190 33.12 0.23 18.15
N ILE B 191 32.49 -0.83 17.65
CA ILE B 191 32.76 -1.34 16.30
C ILE B 191 31.45 -1.49 15.52
N PHE B 192 31.36 -0.75 14.42
CA PHE B 192 30.14 -0.76 13.58
C PHE B 192 30.43 -1.34 12.23
N CYS B 193 29.56 -2.23 11.79
CA CYS B 193 29.80 -3.05 10.62
C CYS B 193 28.63 -3.04 9.63
N GLY B 194 28.95 -3.29 8.36
CA GLY B 194 27.92 -3.66 7.39
C GLY B 194 27.77 -5.18 7.23
N HIS B 195 27.62 -5.61 5.97
CA HIS B 195 27.71 -7.02 5.55
C HIS B 195 26.43 -7.83 5.82
N ASN B 196 25.88 -7.72 7.04
CA ASN B 196 24.80 -8.61 7.47
C ASN B 196 23.37 -8.18 7.07
N HIS B 197 23.21 -6.92 6.65
CA HIS B 197 21.91 -6.36 6.27
C HIS B 197 20.87 -6.63 7.40
N SER B 198 21.21 -6.27 8.64
CA SER B 198 20.46 -6.64 9.83
C SER B 198 20.94 -5.79 10.97
N LEU B 199 20.05 -5.34 11.84
CA LEU B 199 20.58 -4.76 13.07
C LEU B 199 20.78 -5.92 14.04
N THR B 200 22.03 -6.31 14.21
CA THR B 200 22.39 -7.35 15.19
C THR B 200 23.47 -6.72 16.06
N MET B 201 23.28 -6.73 17.38
CA MET B 201 24.24 -6.11 18.32
C MET B 201 24.70 -7.08 19.41
N THR B 202 25.92 -6.86 19.87
CA THR B 202 26.55 -7.61 20.95
C THR B 202 27.63 -6.73 21.62
N GLN B 203 28.24 -7.24 22.68
CA GLN B 203 29.18 -6.48 23.45
C GLN B 203 30.36 -7.42 23.74
N TYR B 204 31.59 -6.96 23.47
CA TYR B 204 32.77 -7.75 23.86
C TYR B 204 33.64 -6.85 24.74
N ARG B 205 33.83 -7.21 26.00
CA ARG B 205 34.50 -6.35 26.98
C ARG B 205 33.77 -4.97 26.97
N GLN B 206 34.53 -3.86 26.89
CA GLN B 206 33.97 -2.49 26.80
C GLN B 206 33.40 -2.08 25.43
N ALA B 207 33.51 -2.93 24.41
CA ALA B 207 33.13 -2.51 23.06
C ALA B 207 31.75 -2.99 22.68
N LEU B 208 30.87 -2.07 22.31
CA LEU B 208 29.60 -2.47 21.66
C LEU B 208 29.89 -2.71 20.17
N ILE B 209 29.41 -3.84 19.63
CA ILE B 209 29.67 -4.24 18.24
C ILE B 209 28.31 -4.45 17.57
N SER B 210 28.06 -3.76 16.47
CA SER B 210 26.73 -3.84 15.84
C SER B 210 26.86 -3.84 14.32
N THR B 211 26.07 -4.70 13.65
CA THR B 211 25.93 -4.64 12.21
C THR B 211 24.73 -3.74 11.91
N LEU B 212 24.66 -3.21 10.69
CA LEU B 212 23.55 -2.34 10.29
C LEU B 212 22.61 -2.97 9.27
N PRO B 213 21.32 -2.55 9.27
CA PRO B 213 20.41 -2.81 8.14
C PRO B 213 20.99 -2.22 6.82
N GLY B 214 20.63 -2.77 5.67
CA GLY B 214 20.96 -2.14 4.39
C GLY B 214 19.97 -1.00 4.11
N THR B 215 20.30 -0.18 3.11
CA THR B 215 19.37 0.88 2.66
C THR B 215 18.17 0.36 1.85
N VAL B 216 18.27 -0.85 1.29
CA VAL B 216 17.20 -1.38 0.43
C VAL B 216 16.80 -2.78 0.96
N HIS B 217 17.43 -3.83 0.44
CA HIS B 217 17.05 -5.19 0.77
C HIS B 217 17.78 -5.65 2.05
N GLN B 218 17.09 -6.49 2.84
CA GLN B 218 17.58 -7.00 4.10
C GLN B 218 17.81 -8.50 4.05
N VAL B 219 18.60 -8.99 5.01
CA VAL B 219 18.86 -10.43 5.17
C VAL B 219 18.38 -10.87 6.56
N PRO B 220 17.41 -11.81 6.60
CA PRO B 220 16.91 -12.29 7.89
C PRO B 220 17.98 -13.09 8.65
N TYR B 221 17.98 -12.98 9.97
CA TYR B 221 18.85 -13.79 10.82
C TYR B 221 18.26 -15.19 10.95
N CYS B 222 19.04 -16.21 10.58
CA CYS B 222 18.64 -17.60 10.82
C CYS B 222 19.71 -18.36 11.55
N HIS B 223 19.31 -19.06 12.62
CA HIS B 223 20.31 -19.80 13.36
C HIS B 223 20.80 -21.09 12.66
N ALA B 224 19.93 -21.80 11.96
CA ALA B 224 20.27 -23.10 11.37
C ALA B 224 20.29 -23.08 9.83
N ASP B 225 19.28 -22.43 9.25
CA ASP B 225 19.06 -22.43 7.81
C ASP B 225 20.14 -21.64 7.07
N THR B 226 20.81 -22.28 6.12
CA THR B 226 21.82 -21.60 5.31
C THR B 226 21.34 -21.21 3.90
N ASP B 227 20.07 -21.50 3.55
CA ASP B 227 19.42 -20.97 2.31
C ASP B 227 19.71 -19.47 2.24
N PRO B 228 20.22 -18.95 1.09
CA PRO B 228 20.58 -17.51 1.12
C PRO B 228 19.40 -16.55 0.88
N TYR B 229 18.61 -16.30 1.92
CA TYR B 229 17.45 -15.42 1.85
C TYR B 229 17.79 -13.92 1.82
N TYR B 230 16.95 -13.17 1.14
CA TYR B 230 16.92 -11.72 1.28
C TYR B 230 15.46 -11.31 1.22
N ASP B 231 15.11 -10.18 1.79
CA ASP B 231 13.73 -9.71 1.64
C ASP B 231 13.66 -8.21 1.52
N LEU B 232 12.44 -7.68 1.44
CA LEU B 232 12.27 -6.22 1.42
C LEU B 232 11.56 -5.74 2.67
N SER B 233 11.99 -6.27 3.84
CA SER B 233 11.49 -5.71 5.10
C SER B 233 12.08 -4.30 5.22
N PRO B 234 11.51 -3.47 6.13
CA PRO B 234 11.82 -2.00 6.21
C PRO B 234 13.29 -1.65 6.34
N ALA B 235 13.72 -0.65 5.57
CA ALA B 235 15.08 -0.16 5.59
C ALA B 235 15.25 0.99 6.61
N SER B 236 16.48 1.16 7.08
CA SER B 236 16.79 2.18 8.05
C SER B 236 18.27 2.50 8.04
N CYS B 237 18.59 3.56 8.77
CA CYS B 237 19.96 3.90 9.05
C CYS B 237 20.11 4.01 10.59
N LEU B 238 21.36 4.18 11.00
CA LEU B 238 21.69 4.43 12.37
C LEU B 238 22.17 5.86 12.44
N MET B 239 21.66 6.62 13.37
CA MET B 239 22.25 7.92 13.70
C MET B 239 23.13 7.73 14.92
N HIS B 240 24.34 8.28 14.86
CA HIS B 240 25.27 8.25 16.00
C HIS B 240 25.45 9.67 16.53
N ARG B 241 25.20 9.85 17.82
CA ARG B 241 25.27 11.16 18.47
C ARG B 241 26.13 11.12 19.72
N GLN B 242 27.02 12.10 19.86
CA GLN B 242 27.79 12.29 21.11
C GLN B 242 26.91 13.01 22.14
N VAL B 243 26.65 12.37 23.28
CA VAL B 243 25.71 12.90 24.28
C VAL B 243 26.50 12.91 25.61
N GLY B 244 27.12 14.04 25.92
CA GLY B 244 28.10 14.12 26.99
C GLY B 244 29.13 13.04 26.78
N GLU B 245 29.34 12.22 27.81
CA GLU B 245 30.28 11.09 27.77
C GLU B 245 29.83 9.86 26.98
N GLN B 246 28.56 9.81 26.58
CA GLN B 246 28.00 8.63 25.92
C GLN B 246 27.94 8.78 24.39
N TRP B 247 28.34 7.75 23.68
CA TRP B 247 28.07 7.65 22.26
C TRP B 247 26.72 6.92 22.16
N VAL B 248 25.72 7.58 21.57
CA VAL B 248 24.39 7.01 21.45
C VAL B 248 24.04 6.77 19.99
N SER B 249 23.55 5.55 19.69
CA SER B 249 23.09 5.19 18.34
C SER B 249 21.60 4.91 18.36
N TYR B 250 20.89 5.45 17.39
CA TYR B 250 19.47 5.21 17.28
C TYR B 250 19.08 5.00 15.85
N GLN B 251 18.07 4.18 15.72
CA GLN B 251 17.59 3.77 14.45
C GLN B 251 16.67 4.84 13.86
N HIS B 252 16.88 5.15 12.59
CA HIS B 252 16.09 6.16 11.87
C HIS B 252 15.50 5.46 10.66
N SER B 253 14.18 5.35 10.64
CA SER B 253 13.51 4.70 9.52
C SER B 253 13.65 5.43 8.18
N LEU B 254 13.88 4.67 7.12
CA LEU B 254 14.01 5.23 5.77
C LEU B 254 12.73 4.92 4.97
N ALA B 255 11.72 4.38 5.67
CA ALA B 255 10.45 4.07 5.07
C ALA B 255 9.59 5.33 5.10
N HIS B 256 8.60 5.35 4.23
CA HIS B 256 7.57 6.39 4.25
C HIS B 256 6.40 5.85 5.03
N TYR B 257 5.99 6.51 6.10
CA TYR B 257 4.98 5.97 7.00
C TYR B 257 4.03 7.09 7.45
N ALA B 258 2.87 6.74 7.97
CA ALA B 258 1.92 7.69 8.53
C ALA B 258 2.45 8.43 9.73
N GLY B 259 2.24 9.75 9.75
CA GLY B 259 2.58 10.57 10.91
C GLY B 259 3.73 11.46 10.58
N PRO B 260 4.29 12.18 11.59
CA PRO B 260 3.94 12.12 13.01
C PRO B 260 2.68 12.92 13.40
N TRP B 261 2.11 12.57 14.55
CA TRP B 261 1.06 13.38 15.19
C TRP B 261 1.57 13.82 16.59
N LEU B 262 0.78 14.64 17.29
CA LEU B 262 1.14 15.07 18.64
C LEU B 262 0.34 14.35 19.72
N TYR B 263 1.05 13.82 20.70
CA TYR B 263 0.41 13.21 21.86
C TYR B 263 -0.40 14.27 22.62
N ASP B 264 -1.60 13.88 23.06
CA ASP B 264 -2.48 14.70 23.86
C ASP B 264 -3.11 13.82 24.96
N GLU B 265 -2.93 14.19 26.24
CA GLU B 265 -3.46 13.44 27.39
C GLU B 265 -4.93 13.05 27.27
N ASN B 266 -5.75 13.97 26.79
CA ASN B 266 -7.21 13.77 26.77
C ASN B 266 -7.63 12.90 25.60
N ILE B 267 -6.83 12.92 24.53
CA ILE B 267 -7.03 12.01 23.41
C ILE B 267 -6.55 10.61 23.82
N SER B 268 -5.44 10.53 24.56
CA SER B 268 -4.89 9.24 24.99
C SER B 268 -5.84 8.48 25.90
N CYS B 269 -6.38 9.20 26.90
CA CYS B 269 -7.24 8.55 27.89
C CYS B 269 -8.50 9.37 28.04
N PRO B 270 -9.46 9.18 27.11
CA PRO B 270 -10.67 9.98 27.13
C PRO B 270 -11.53 9.70 28.34
N THR B 271 -12.29 10.74 28.73
CA THR B 271 -13.35 10.62 29.71
C THR B 271 -14.57 11.39 29.18
N MET C 1 -18.90 21.84 -23.82
CA MET C 1 -17.41 21.86 -23.63
C MET C 1 -17.02 21.05 -22.42
N LEU C 2 -16.11 20.09 -22.62
CA LEU C 2 -15.44 19.38 -21.52
C LEU C 2 -13.93 19.42 -21.80
N LEU C 3 -13.18 20.01 -20.89
CA LEU C 3 -11.71 20.03 -21.01
C LEU C 3 -11.10 19.21 -19.86
N ALA C 4 -10.08 18.41 -20.17
CA ALA C 4 -9.27 17.83 -19.11
C ALA C 4 -8.02 18.69 -19.09
N HIS C 5 -7.63 19.14 -17.91
CA HIS C 5 -6.54 20.08 -17.78
C HIS C 5 -5.52 19.51 -16.77
N ILE C 6 -4.35 19.14 -17.27
CA ILE C 6 -3.23 18.63 -16.46
C ILE C 6 -2.07 19.63 -16.55
N SER C 7 -1.10 19.54 -15.65
CA SER C 7 -0.04 20.56 -15.54
C SER C 7 1.24 19.97 -15.00
N ASP C 8 2.37 20.56 -15.40
CA ASP C 8 3.65 20.33 -14.73
C ASP C 8 4.01 18.85 -14.77
N THR C 9 4.07 18.31 -15.98
CA THR C 9 4.44 16.91 -16.25
C THR C 9 5.90 16.60 -15.90
N HIS C 10 6.80 17.56 -16.13
CA HIS C 10 8.23 17.41 -15.82
C HIS C 10 8.87 16.15 -16.39
N PHE C 11 8.59 15.85 -17.67
CA PHE C 11 9.22 14.67 -18.31
C PHE C 11 10.73 14.71 -18.19
N ARG C 12 11.32 13.52 -17.99
CA ARG C 12 12.76 13.33 -18.06
C ARG C 12 13.16 12.51 -19.30
N SER C 13 14.46 12.41 -19.57
CA SER C 13 14.90 11.59 -20.70
C SER C 13 14.72 10.11 -20.41
N ARG C 14 14.84 9.30 -21.47
CA ARG C 14 14.52 7.87 -21.43
C ARG C 14 15.35 7.21 -20.37
N GLY C 15 14.71 6.42 -19.51
CA GLY C 15 15.45 5.74 -18.44
C GLY C 15 16.02 6.61 -17.32
N GLU C 16 15.61 7.87 -17.23
CA GLU C 16 15.97 8.71 -16.09
C GLU C 16 14.74 8.95 -15.25
N LYS C 17 14.93 9.09 -13.96
CA LYS C 17 13.85 9.40 -13.01
C LYS C 17 14.05 10.81 -12.44
N LEU C 18 12.96 11.52 -12.16
CA LEU C 18 13.05 12.84 -11.54
C LEU C 18 13.70 12.74 -10.18
N TYR C 19 14.78 13.49 -9.99
CA TYR C 19 15.61 13.48 -8.77
C TYR C 19 16.21 12.09 -8.46
N GLY C 20 16.16 11.19 -9.45
CA GLY C 20 16.75 9.86 -9.34
C GLY C 20 15.76 8.82 -8.81
N PHE C 21 14.59 9.28 -8.35
CA PHE C 21 13.64 8.35 -7.69
C PHE C 21 12.16 8.46 -8.05
N ILE C 22 11.70 9.58 -8.60
CA ILE C 22 10.30 9.73 -8.97
C ILE C 22 10.16 9.43 -10.46
N ASP C 23 9.41 8.37 -10.77
CA ASP C 23 9.28 7.92 -12.16
C ASP C 23 8.20 8.70 -12.87
N VAL C 24 8.53 9.95 -13.19
CA VAL C 24 7.60 10.86 -13.83
C VAL C 24 7.21 10.32 -15.21
N ASN C 25 8.13 9.66 -15.92
CA ASN C 25 7.79 9.20 -17.29
C ASN C 25 6.68 8.17 -17.24
N ALA C 26 6.83 7.18 -16.35
CA ALA C 26 5.79 6.17 -16.12
C ALA C 26 4.51 6.74 -15.53
N ALA C 27 4.61 7.67 -14.57
CA ALA C 27 3.40 8.24 -13.94
C ALA C 27 2.57 8.98 -15.00
N ASN C 28 3.27 9.77 -15.83
CA ASN C 28 2.62 10.42 -16.94
C ASN C 28 2.02 9.49 -18.01
N ALA C 29 2.67 8.38 -18.33
CA ALA C 29 2.10 7.41 -19.27
C ALA C 29 0.83 6.77 -18.67
N ASP C 30 0.83 6.56 -17.35
CA ASP C 30 -0.38 6.11 -16.65
C ASP C 30 -1.51 7.14 -16.82
N VAL C 31 -1.21 8.36 -16.41
CA VAL C 31 -2.14 9.48 -16.63
C VAL C 31 -2.71 9.55 -18.05
N VAL C 32 -1.86 9.49 -19.07
CA VAL C 32 -2.34 9.46 -20.45
C VAL C 32 -3.33 8.31 -20.71
N SER C 33 -3.00 7.09 -20.29
CA SER C 33 -3.93 6.00 -20.48
C SER C 33 -5.22 6.22 -19.68
N GLN C 34 -5.12 6.81 -18.49
CA GLN C 34 -6.31 7.17 -17.72
C GLN C 34 -7.24 8.13 -18.48
N LEU C 35 -6.63 9.15 -19.07
CA LEU C 35 -7.42 10.12 -19.86
C LEU C 35 -8.04 9.47 -21.09
N ASN C 36 -7.25 8.64 -21.80
CA ASN C 36 -7.74 7.84 -22.93
C ASN C 36 -8.92 6.90 -22.55
N ALA C 37 -9.01 6.49 -21.28
CA ALA C 37 -10.04 5.53 -20.85
C ALA C 37 -11.29 6.17 -20.28
N LEU C 38 -11.28 7.48 -20.10
CA LEU C 38 -12.48 8.19 -19.57
C LEU C 38 -13.77 7.80 -20.31
N ARG C 39 -14.84 7.55 -19.55
CA ARG C 39 -16.14 7.22 -20.15
C ARG C 39 -16.84 8.45 -20.75
N GLU C 40 -16.85 9.56 -20.01
CA GLU C 40 -17.28 10.86 -20.57
C GLU C 40 -16.00 11.51 -21.12
N ARG C 41 -15.83 11.53 -22.44
CA ARG C 41 -14.55 11.92 -23.04
C ARG C 41 -14.46 13.43 -23.23
N PRO C 42 -13.36 14.03 -22.78
CA PRO C 42 -13.18 15.47 -23.06
C PRO C 42 -13.09 15.77 -24.56
N ASP C 43 -13.37 17.03 -24.88
CA ASP C 43 -13.21 17.55 -26.24
C ASP C 43 -11.76 17.84 -26.56
N ALA C 44 -10.99 18.10 -25.51
CA ALA C 44 -9.59 18.47 -25.64
C ALA C 44 -8.87 18.30 -24.31
N VAL C 45 -7.55 18.25 -24.38
CA VAL C 45 -6.69 18.18 -23.21
C VAL C 45 -5.78 19.38 -23.21
N VAL C 46 -5.77 20.10 -22.08
CA VAL C 46 -4.84 21.22 -21.86
C VAL C 46 -3.68 20.75 -21.01
N VAL C 47 -2.46 21.10 -21.41
CA VAL C 47 -1.28 20.92 -20.54
C VAL C 47 -0.59 22.26 -20.28
N SER C 48 -0.71 22.76 -19.05
CA SER C 48 -0.29 24.15 -18.79
C SER C 48 1.14 24.36 -18.29
N GLY C 49 2.13 23.75 -18.95
CA GLY C 49 3.50 24.20 -18.77
C GLY C 49 4.37 23.31 -17.93
N ASP C 50 5.67 23.60 -17.97
CA ASP C 50 6.73 22.70 -17.44
C ASP C 50 6.51 21.29 -17.97
N ILE C 51 6.50 21.18 -19.30
CA ILE C 51 6.26 19.89 -19.94
C ILE C 51 7.47 18.98 -19.62
N VAL C 52 8.67 19.53 -19.73
CA VAL C 52 9.88 18.81 -19.35
C VAL C 52 10.54 19.45 -18.13
N ASN C 53 11.47 18.71 -17.51
CA ASN C 53 12.16 19.18 -16.33
C ASN C 53 13.39 20.09 -16.54
N CYS C 54 14.21 19.80 -17.56
CA CYS C 54 15.54 20.41 -17.69
C CYS C 54 15.69 21.17 -19.01
N GLY C 55 14.66 21.13 -19.83
CA GLY C 55 14.65 21.80 -21.13
C GLY C 55 15.61 21.14 -22.11
N ARG C 56 15.76 19.82 -22.00
CA ARG C 56 16.69 19.05 -22.81
C ARG C 56 15.99 18.39 -24.02
N PRO C 57 16.66 18.34 -25.19
CA PRO C 57 16.06 17.67 -26.35
C PRO C 57 15.53 16.26 -26.03
N GLU C 58 16.28 15.50 -25.24
CA GLU C 58 15.94 14.09 -25.01
C GLU C 58 14.74 13.95 -24.08
N GLU C 59 14.46 15.00 -23.32
CA GLU C 59 13.23 15.00 -22.53
C GLU C 59 12.02 15.27 -23.41
N TYR C 60 12.16 16.21 -24.35
CA TYR C 60 11.09 16.46 -25.33
C TYR C 60 10.82 15.24 -26.21
N GLN C 61 11.84 14.46 -26.53
CA GLN C 61 11.61 13.16 -27.21
C GLN C 61 10.62 12.28 -26.46
N VAL C 62 10.81 12.18 -25.14
CA VAL C 62 9.87 11.41 -24.29
C VAL C 62 8.49 12.10 -24.25
N ALA C 63 8.48 13.40 -24.06
CA ALA C 63 7.22 14.14 -23.95
C ALA C 63 6.38 13.97 -25.24
N ARG C 64 7.04 14.06 -26.40
CA ARG C 64 6.36 13.89 -27.67
C ARG C 64 5.72 12.50 -27.80
N GLN C 65 6.48 11.46 -27.43
CA GLN C 65 5.99 10.08 -27.45
C GLN C 65 4.79 9.91 -26.50
N ILE C 66 4.91 10.32 -25.25
CA ILE C 66 3.81 10.11 -24.31
C ILE C 66 2.58 11.02 -24.57
N LEU C 67 2.81 12.31 -24.72
CA LEU C 67 1.66 13.18 -24.99
C LEU C 67 1.05 12.89 -26.35
N GLY C 68 1.90 12.50 -27.32
CA GLY C 68 1.47 12.11 -28.64
C GLY C 68 0.55 10.90 -28.64
N SER C 69 0.48 10.16 -27.52
CA SER C 69 -0.39 8.99 -27.45
C SER C 69 -1.77 9.30 -26.83
N LEU C 70 -2.00 10.56 -26.48
CA LEU C 70 -3.35 10.99 -26.05
C LEU C 70 -4.25 10.98 -27.26
N ASN C 71 -5.43 10.38 -27.11
CA ASN C 71 -6.42 10.35 -28.18
C ASN C 71 -7.36 11.57 -28.18
N TYR C 72 -6.77 12.75 -28.10
CA TYR C 72 -7.51 14.02 -28.02
C TYR C 72 -6.74 15.13 -28.71
N PRO C 73 -7.47 16.17 -29.21
CA PRO C 73 -6.77 17.42 -29.53
C PRO C 73 -6.08 17.99 -28.27
N LEU C 74 -4.87 18.53 -28.44
CA LEU C 74 -4.11 19.06 -27.32
C LEU C 74 -3.91 20.55 -27.43
N TYR C 75 -3.90 21.23 -26.29
CA TYR C 75 -3.48 22.63 -26.17
C TYR C 75 -2.35 22.71 -25.17
N LEU C 76 -1.15 23.00 -25.67
CA LEU C 76 0.06 22.94 -24.88
C LEU C 76 0.65 24.34 -24.68
N ILE C 77 1.00 24.71 -23.44
CA ILE C 77 1.76 25.96 -23.27
C ILE C 77 3.03 25.70 -22.46
N PRO C 78 4.07 26.55 -22.65
CA PRO C 78 5.30 26.31 -21.89
C PRO C 78 5.34 26.82 -20.43
N GLY C 79 6.24 26.26 -19.64
CA GLY C 79 6.58 26.82 -18.34
C GLY C 79 8.04 27.26 -18.28
N ASN C 80 8.48 27.66 -17.10
CA ASN C 80 9.87 28.08 -16.95
C ASN C 80 10.91 26.96 -17.13
N HIS C 81 10.52 25.70 -16.94
CA HIS C 81 11.48 24.59 -17.12
C HIS C 81 11.66 24.21 -18.61
N ASP C 82 10.79 24.73 -19.46
CA ASP C 82 10.78 24.43 -20.89
C ASP C 82 11.77 25.33 -21.64
N ASP C 83 12.19 24.87 -22.80
CA ASP C 83 12.93 25.68 -23.74
C ASP C 83 12.01 26.01 -24.89
N LYS C 84 11.81 27.30 -25.15
CA LYS C 84 10.78 27.76 -26.09
C LYS C 84 10.98 27.17 -27.48
N ALA C 85 12.21 27.23 -27.98
CA ALA C 85 12.52 26.73 -29.32
C ALA C 85 12.34 25.21 -29.45
N LEU C 86 12.85 24.42 -28.48
CA LEU C 86 12.61 22.94 -28.50
C LEU C 86 11.15 22.58 -28.33
N PHE C 87 10.44 23.36 -27.51
CA PHE C 87 9.01 23.21 -27.32
C PHE C 87 8.28 23.22 -28.68
N LEU C 88 8.61 24.20 -29.52
CA LEU C 88 8.03 24.28 -30.86
C LEU C 88 8.49 23.12 -31.72
N GLU C 89 9.80 22.85 -31.72
CA GLU C 89 10.35 21.78 -32.51
C GLU C 89 9.62 20.47 -32.24
N TYR C 90 9.49 20.10 -30.97
CA TYR C 90 9.03 18.77 -30.63
C TYR C 90 7.52 18.69 -30.41
N LEU C 91 6.87 19.81 -30.08
CA LEU C 91 5.43 19.76 -29.76
C LEU C 91 4.45 20.49 -30.71
N GLN C 92 4.95 21.37 -31.57
CA GLN C 92 4.02 22.05 -32.52
C GLN C 92 3.15 21.05 -33.37
N PRO C 93 3.74 19.94 -33.90
CA PRO C 93 2.84 18.98 -34.55
C PRO C 93 1.70 18.45 -33.69
N LEU C 94 1.84 18.52 -32.37
CA LEU C 94 0.76 18.13 -31.46
C LEU C 94 -0.20 19.29 -31.14
N CYS C 95 0.26 20.53 -31.32
CA CYS C 95 -0.57 21.68 -31.08
C CYS C 95 -0.18 22.68 -32.18
N PRO C 96 -0.73 22.52 -33.40
CA PRO C 96 -0.23 23.29 -34.54
C PRO C 96 -0.43 24.79 -34.45
N GLN C 97 -1.37 25.24 -33.62
CA GLN C 97 -1.61 26.67 -33.39
C GLN C 97 -0.46 27.35 -32.66
N LEU C 98 0.52 26.60 -32.12
CA LEU C 98 1.72 27.19 -31.54
C LEU C 98 2.59 27.96 -32.58
N GLY C 99 2.44 27.63 -33.87
CA GLY C 99 3.06 28.41 -34.96
C GLY C 99 4.57 28.20 -35.07
N SER C 100 5.31 29.24 -35.46
CA SER C 100 6.73 29.06 -35.76
C SER C 100 7.69 30.07 -35.14
N ASP C 101 7.14 30.97 -34.34
CA ASP C 101 7.94 31.94 -33.66
C ASP C 101 7.98 31.48 -32.21
N ALA C 102 9.13 30.94 -31.83
CA ALA C 102 9.38 30.49 -30.48
C ALA C 102 9.10 31.55 -29.40
N ASN C 103 9.33 32.84 -29.70
CA ASN C 103 9.10 33.91 -28.72
C ASN C 103 7.68 34.50 -28.71
N ASN C 104 6.80 34.02 -29.59
CA ASN C 104 5.41 34.50 -29.65
C ASN C 104 4.38 33.38 -29.78
N MET C 105 4.50 32.38 -28.89
CA MET C 105 3.58 31.25 -28.91
C MET C 105 2.32 31.58 -28.13
N ARG C 106 1.19 31.57 -28.81
CA ARG C 106 -0.11 31.82 -28.18
C ARG C 106 -1.17 31.45 -29.18
N CYS C 107 -2.39 31.23 -28.72
CA CYS C 107 -3.45 30.96 -29.64
C CYS C 107 -4.77 31.06 -28.93
N ALA C 108 -5.81 31.24 -29.72
CA ALA C 108 -7.17 31.42 -29.24
C ALA C 108 -8.02 30.36 -29.86
N VAL C 109 -8.96 29.86 -29.10
CA VAL C 109 -9.88 28.83 -29.54
C VAL C 109 -11.29 29.36 -29.36
N ASP C 110 -12.06 29.32 -30.45
CA ASP C 110 -13.43 29.83 -30.47
C ASP C 110 -14.51 28.80 -30.68
N ASP C 111 -14.14 27.53 -30.60
CA ASP C 111 -15.05 26.41 -30.74
C ASP C 111 -16.20 26.35 -29.76
N PHE C 112 -16.04 26.96 -28.58
CA PHE C 112 -17.04 26.73 -27.52
C PHE C 112 -17.70 28.05 -27.13
N ALA C 113 -18.59 27.99 -26.15
CA ALA C 113 -19.38 29.13 -25.71
C ALA C 113 -18.49 30.12 -24.95
N THR C 114 -17.37 29.64 -24.43
CA THR C 114 -16.37 30.53 -23.85
C THR C 114 -15.14 30.47 -24.70
N ARG C 115 -14.54 31.64 -24.97
CA ARG C 115 -13.31 31.74 -25.72
C ARG C 115 -12.11 31.25 -24.90
N LEU C 116 -11.21 30.47 -25.51
CA LEU C 116 -10.04 30.00 -24.78
C LEU C 116 -8.78 30.73 -25.22
N LEU C 117 -8.06 31.32 -24.30
CA LEU C 117 -6.83 32.01 -24.68
C LEU C 117 -5.61 31.38 -24.05
N PHE C 118 -4.68 30.90 -24.88
CA PHE C 118 -3.49 30.20 -24.40
C PHE C 118 -2.26 31.09 -24.61
N ILE C 119 -1.49 31.38 -23.55
CA ILE C 119 -0.32 32.28 -23.65
C ILE C 119 0.95 31.70 -23.03
N ASP C 120 2.08 32.36 -23.30
CA ASP C 120 3.38 31.92 -22.79
C ASP C 120 3.88 32.99 -21.82
N SER C 121 3.78 32.71 -20.52
CA SER C 121 4.29 33.65 -19.52
C SER C 121 5.77 33.41 -19.19
N SER C 122 6.39 32.38 -19.76
CA SER C 122 7.76 32.04 -19.43
C SER C 122 8.78 33.02 -20.07
N ARG C 123 9.90 33.16 -19.41
CA ARG C 123 10.99 34.02 -19.83
C ARG C 123 12.26 33.23 -19.65
N ALA C 124 13.17 33.27 -20.63
CA ALA C 124 14.45 32.57 -20.51
C ALA C 124 15.33 33.16 -19.42
N GLY C 125 16.03 32.29 -18.72
CA GLY C 125 17.01 32.68 -17.74
C GLY C 125 16.46 32.98 -16.37
N THR C 126 15.17 32.75 -16.16
CA THR C 126 14.58 33.04 -14.88
C THR C 126 13.37 32.13 -14.63
N SER C 127 13.10 31.86 -13.36
CA SER C 127 11.89 31.13 -12.97
C SER C 127 10.67 32.02 -12.93
N LYS C 128 10.88 33.32 -12.95
CA LYS C 128 9.80 34.30 -12.85
C LYS C 128 9.03 34.43 -14.17
N GLY C 129 7.75 34.77 -14.07
CA GLY C 129 6.96 34.97 -15.28
C GLY C 129 7.10 36.38 -15.80
N TRP C 130 6.78 36.57 -17.07
CA TRP C 130 6.82 37.89 -17.70
C TRP C 130 5.85 37.89 -18.86
N LEU C 131 5.00 38.92 -18.92
CA LEU C 131 4.08 39.11 -20.02
C LEU C 131 4.70 40.11 -21.00
N THR C 132 5.03 39.68 -22.23
CA THR C 132 5.65 40.61 -23.20
C THR C 132 4.59 41.63 -23.71
N ASP C 133 5.05 42.73 -24.31
CA ASP C 133 4.14 43.68 -24.97
C ASP C 133 3.27 43.02 -26.03
N GLU C 134 3.90 42.19 -26.87
CA GLU C 134 3.18 41.48 -27.90
C GLU C 134 2.05 40.64 -27.29
N THR C 135 2.35 39.93 -26.19
CA THR C 135 1.34 39.07 -25.54
C THR C 135 0.18 39.87 -24.98
N ILE C 136 0.50 40.94 -24.26
CA ILE C 136 -0.54 41.78 -23.62
C ILE C 136 -1.36 42.46 -24.70
N SER C 137 -0.68 42.97 -25.73
CA SER C 137 -1.41 43.55 -26.85
C SER C 137 -2.34 42.55 -27.55
N TRP C 138 -1.87 41.32 -27.78
CA TRP C 138 -2.71 40.28 -28.38
C TRP C 138 -3.93 39.98 -27.50
N LEU C 139 -3.71 39.89 -26.20
CA LEU C 139 -4.79 39.64 -25.24
C LEU C 139 -5.87 40.75 -25.29
N GLU C 140 -5.41 41.99 -25.37
CA GLU C 140 -6.36 43.13 -25.40
C GLU C 140 -7.21 43.08 -26.67
N ALA C 141 -6.56 42.76 -27.81
CA ALA C 141 -7.24 42.61 -29.08
C ALA C 141 -8.26 41.50 -29.10
N GLN C 142 -7.91 40.34 -28.54
CA GLN C 142 -8.85 39.24 -28.37
C GLN C 142 -10.08 39.61 -27.55
N LEU C 143 -9.85 40.33 -26.47
CA LEU C 143 -10.93 40.64 -25.49
C LEU C 143 -11.80 41.77 -26.04
N PHE C 144 -11.16 42.75 -26.68
CA PHE C 144 -11.94 43.77 -27.39
C PHE C 144 -12.80 43.14 -28.51
N GLU C 145 -12.23 42.27 -29.34
CA GLU C 145 -13.03 41.70 -30.42
C GLU C 145 -14.03 40.65 -29.91
N GLY C 146 -13.73 39.95 -28.82
CA GLY C 146 -14.67 39.01 -28.24
C GLY C 146 -15.99 39.57 -27.74
N GLY C 147 -15.99 40.84 -27.35
CA GLY C 147 -17.22 41.49 -26.89
C GLY C 147 -17.74 40.87 -25.62
N ASP C 148 -19.01 40.46 -25.62
CA ASP C 148 -19.63 39.89 -24.43
C ASP C 148 -19.48 38.34 -24.32
N LYS C 149 -18.75 37.75 -25.25
CA LYS C 149 -18.44 36.31 -25.17
C LYS C 149 -17.47 36.11 -24.00
N PRO C 150 -17.81 35.26 -23.01
CA PRO C 150 -16.86 35.04 -21.91
C PRO C 150 -15.47 34.55 -22.39
N ALA C 151 -14.40 34.86 -21.65
CA ALA C 151 -13.03 34.39 -21.94
C ALA C 151 -12.35 33.70 -20.75
N THR C 152 -11.61 32.65 -21.05
CA THR C 152 -10.69 32.01 -20.10
C THR C 152 -9.26 32.11 -20.60
N ILE C 153 -8.34 32.56 -19.76
CA ILE C 153 -6.93 32.53 -20.04
C ILE C 153 -6.26 31.31 -19.37
N PHE C 154 -5.40 30.62 -20.12
CA PHE C 154 -4.49 29.60 -19.55
C PHE C 154 -3.05 30.10 -19.69
N MET C 155 -2.32 30.13 -18.58
CA MET C 155 -0.90 30.60 -18.58
C MET C 155 -0.13 29.82 -17.53
N HIS C 156 1.18 29.73 -17.65
CA HIS C 156 1.98 29.03 -16.63
C HIS C 156 1.97 29.74 -15.23
N HIS C 157 2.29 31.02 -15.19
CA HIS C 157 2.59 31.71 -13.91
C HIS C 157 1.37 32.43 -13.41
N PRO C 158 1.06 32.30 -12.10
CA PRO C 158 -0.03 33.13 -11.56
C PRO C 158 0.25 34.62 -11.70
N PRO C 159 -0.79 35.40 -12.06
CA PRO C 159 -0.68 36.85 -12.27
C PRO C 159 -0.69 37.73 -10.98
N LEU C 160 -0.73 37.11 -9.80
CA LEU C 160 -0.70 37.85 -8.54
C LEU C 160 -0.10 36.95 -7.45
N PRO C 161 0.44 37.56 -6.36
CA PRO C 161 0.99 36.76 -5.27
C PRO C 161 -0.15 36.02 -4.55
N LEU C 162 0.13 34.81 -4.04
CA LEU C 162 -0.89 34.00 -3.40
C LEU C 162 -0.55 33.70 -1.92
N GLY C 163 0.57 34.26 -1.44
CA GLY C 163 1.00 34.13 -0.02
C GLY C 163 1.84 32.90 0.24
N ASN C 164 2.18 32.20 -0.84
CA ASN C 164 3.00 30.99 -0.80
C ASN C 164 4.48 31.42 -0.76
N ALA C 165 5.18 31.10 0.32
CA ALA C 165 6.55 31.62 0.54
C ALA C 165 7.51 31.16 -0.54
N GLN C 166 7.43 29.88 -0.91
CA GLN C 166 8.26 29.31 -1.98
C GLN C 166 7.97 29.93 -3.35
N MET C 167 6.69 30.17 -3.62
CA MET C 167 6.17 30.42 -4.98
C MET C 167 5.97 31.88 -5.35
N ASP C 168 5.66 32.72 -4.37
CA ASP C 168 5.33 34.13 -4.66
C ASP C 168 6.48 34.90 -5.33
N PRO C 169 7.73 34.68 -4.88
CA PRO C 169 8.87 35.36 -5.50
C PRO C 169 9.09 35.02 -6.97
N ILE C 170 8.50 33.91 -7.44
CA ILE C 170 8.64 33.50 -8.84
C ILE C 170 7.31 33.46 -9.64
N ALA C 171 6.30 34.20 -9.16
CA ALA C 171 5.06 34.43 -9.92
C ALA C 171 5.32 35.28 -11.17
N CYS C 172 4.24 35.70 -11.84
CA CYS C 172 4.34 36.56 -13.02
C CYS C 172 4.68 38.01 -12.60
N GLU C 173 5.87 38.48 -12.96
CA GLU C 173 6.39 39.73 -12.38
C GLU C 173 5.58 40.99 -12.73
N ASN C 174 5.15 41.11 -13.99
CA ASN C 174 4.24 42.19 -14.41
C ASN C 174 2.77 41.78 -14.54
N GLY C 175 2.35 40.89 -13.65
CA GLY C 175 0.99 40.33 -13.67
C GLY C 175 -0.10 41.36 -13.48
N HIS C 176 0.25 42.52 -12.93
CA HIS C 176 -0.70 43.64 -12.79
C HIS C 176 -1.26 44.07 -14.16
N ARG C 177 -0.48 43.88 -15.23
CA ARG C 177 -0.94 44.19 -16.60
C ARG C 177 -2.13 43.29 -16.97
N LEU C 178 -2.12 42.05 -16.48
CA LEU C 178 -3.26 41.19 -16.72
C LEU C 178 -4.47 41.53 -15.80
N LEU C 179 -4.16 41.85 -14.55
CA LEU C 179 -5.21 42.29 -13.62
C LEU C 179 -5.86 43.57 -14.16
N ALA C 180 -5.08 44.45 -14.78
CA ALA C 180 -5.66 45.61 -15.50
C ALA C 180 -6.65 45.21 -16.59
N LEU C 181 -6.37 44.12 -17.30
CA LEU C 181 -7.26 43.63 -18.33
C LEU C 181 -8.55 43.05 -17.72
N VAL C 182 -8.45 42.36 -16.58
CA VAL C 182 -9.67 41.89 -15.88
C VAL C 182 -10.56 43.10 -15.54
N GLU C 183 -9.93 44.16 -15.06
CA GLU C 183 -10.67 45.38 -14.72
C GLU C 183 -11.42 45.95 -15.94
N ARG C 184 -10.73 45.97 -17.06
CA ARG C 184 -11.23 46.56 -18.27
C ARG C 184 -12.27 45.72 -18.98
N PHE C 185 -12.12 44.40 -18.89
CA PHE C 185 -12.94 43.52 -19.71
C PHE C 185 -13.69 42.53 -18.81
N PRO C 186 -14.93 42.88 -18.46
CA PRO C 186 -15.80 42.06 -17.62
C PRO C 186 -16.05 40.64 -18.17
N SER C 187 -15.83 40.44 -19.45
CA SER C 187 -16.01 39.11 -20.03
C SER C 187 -14.84 38.17 -19.65
N LEU C 188 -13.74 38.71 -19.17
CA LEU C 188 -12.59 37.87 -18.72
C LEU C 188 -12.89 37.36 -17.30
N THR C 189 -13.28 36.09 -17.19
CA THR C 189 -13.76 35.57 -15.88
C THR C 189 -13.01 34.35 -15.30
N ARG C 190 -12.05 33.80 -16.05
CA ARG C 190 -11.23 32.71 -15.52
C ARG C 190 -9.80 32.86 -15.98
N ILE C 191 -8.88 32.70 -15.04
CA ILE C 191 -7.46 32.55 -15.33
C ILE C 191 -6.92 31.27 -14.60
N PHE C 192 -6.44 30.30 -15.39
CA PHE C 192 -5.90 29.02 -14.87
C PHE C 192 -4.41 28.93 -15.14
N CYS C 193 -3.69 28.50 -14.09
CA CYS C 193 -2.23 28.57 -14.03
C CYS C 193 -1.65 27.22 -13.63
N GLY C 194 -0.39 27.00 -14.01
CA GLY C 194 0.41 25.91 -13.43
C GLY C 194 1.39 26.44 -12.41
N HIS C 195 2.64 25.97 -12.47
CA HIS C 195 3.74 26.52 -11.67
C HIS C 195 3.71 26.10 -10.17
N ASN C 196 2.57 26.25 -9.50
CA ASN C 196 2.57 26.09 -8.04
C ASN C 196 2.46 24.64 -7.53
N HIS C 197 2.08 23.71 -8.43
CA HIS C 197 1.83 22.29 -8.07
C HIS C 197 0.93 22.17 -6.83
N SER C 198 -0.20 22.86 -6.86
CA SER C 198 -1.10 22.93 -5.72
C SER C 198 -2.38 23.46 -6.33
N LEU C 199 -3.50 23.02 -5.81
CA LEU C 199 -4.76 23.69 -6.11
C LEU C 199 -4.88 24.88 -5.11
N THR C 200 -4.64 26.09 -5.62
CA THR C 200 -4.75 27.31 -4.82
C THR C 200 -5.62 28.26 -5.61
N MET C 201 -6.71 28.75 -5.03
CA MET C 201 -7.69 29.57 -5.76
C MET C 201 -7.98 30.90 -5.07
N THR C 202 -8.17 31.94 -5.88
CA THR C 202 -8.59 33.23 -5.36
C THR C 202 -9.47 33.91 -6.45
N GLN C 203 -10.00 35.09 -6.15
CA GLN C 203 -10.90 35.82 -7.05
C GLN C 203 -10.46 37.30 -7.07
N TYR C 204 -10.39 37.89 -8.26
CA TYR C 204 -10.06 39.30 -8.48
C TYR C 204 -11.15 39.87 -9.38
N ARG C 205 -11.96 40.76 -8.82
CA ARG C 205 -13.15 41.27 -9.49
C ARG C 205 -13.98 40.10 -9.94
N GLN C 206 -14.29 40.06 -11.22
CA GLN C 206 -15.14 39.01 -11.75
C GLN C 206 -14.37 37.72 -12.14
N ALA C 207 -13.04 37.70 -11.97
CA ALA C 207 -12.24 36.59 -12.46
C ALA C 207 -11.88 35.63 -11.30
N LEU C 208 -12.21 34.36 -11.48
CA LEU C 208 -11.68 33.28 -10.62
C LEU C 208 -10.30 32.96 -11.16
N ILE C 209 -9.31 32.92 -10.28
CA ILE C 209 -7.91 32.65 -10.63
C ILE C 209 -7.45 31.43 -9.81
N SER C 210 -6.94 30.39 -10.48
CA SER C 210 -6.55 29.15 -9.78
C SER C 210 -5.30 28.49 -10.38
N THR C 211 -4.43 27.98 -9.51
CA THR C 211 -3.31 27.15 -9.95
C THR C 211 -3.77 25.68 -9.86
N LEU C 212 -3.03 24.79 -10.53
CA LEU C 212 -3.40 23.36 -10.59
C LEU C 212 -2.35 22.49 -9.89
N PRO C 213 -2.78 21.33 -9.34
CA PRO C 213 -1.80 20.32 -8.90
C PRO C 213 -0.97 19.85 -10.10
N GLY C 214 0.21 19.29 -9.81
CA GLY C 214 0.96 18.62 -10.87
C GLY C 214 0.40 17.23 -11.14
N THR C 215 0.82 16.63 -12.25
CA THR C 215 0.43 15.25 -12.56
C THR C 215 1.19 14.23 -11.72
N VAL C 216 2.31 14.64 -11.12
CA VAL C 216 3.13 13.68 -10.34
C VAL C 216 3.40 14.26 -8.93
N HIS C 217 4.47 15.03 -8.80
CA HIS C 217 4.86 15.58 -7.48
C HIS C 217 4.20 16.93 -7.23
N GLN C 218 4.03 17.24 -5.94
CA GLN C 218 3.30 18.40 -5.48
C GLN C 218 4.19 19.29 -4.61
N VAL C 219 3.78 20.53 -4.45
CA VAL C 219 4.55 21.46 -3.63
C VAL C 219 3.62 21.98 -2.55
N PRO C 220 3.95 21.76 -1.27
CA PRO C 220 3.01 22.17 -0.21
C PRO C 220 2.99 23.70 -0.09
N TYR C 221 1.84 24.25 0.23
CA TYR C 221 1.77 25.70 0.45
C TYR C 221 2.28 26.01 1.87
N CYS C 222 3.31 26.87 1.98
CA CYS C 222 3.78 27.39 3.28
C CYS C 222 3.73 28.90 3.28
N HIS C 223 3.28 29.51 4.36
CA HIS C 223 3.21 30.98 4.39
C HIS C 223 4.52 31.71 4.75
N ALA C 224 5.32 31.08 5.59
CA ALA C 224 6.52 31.67 6.20
C ALA C 224 7.76 30.94 5.72
N ASP C 225 7.72 29.61 5.83
CA ASP C 225 8.86 28.73 5.54
C ASP C 225 9.25 28.79 4.07
N THR C 226 10.48 29.20 3.80
CA THR C 226 10.99 29.23 2.42
C THR C 226 11.70 27.95 1.94
N ASP C 227 12.00 26.98 2.83
CA ASP C 227 12.63 25.71 2.40
C ASP C 227 11.87 25.14 1.17
N PRO C 228 12.58 24.74 0.10
CA PRO C 228 11.91 24.35 -1.17
C PRO C 228 11.37 22.89 -1.18
N TYR C 229 10.30 22.65 -0.44
CA TYR C 229 9.74 21.32 -0.34
C TYR C 229 9.01 20.87 -1.60
N TYR C 230 8.97 19.55 -1.79
CA TYR C 230 8.05 18.91 -2.73
C TYR C 230 7.67 17.57 -2.10
N ASP C 231 6.54 17.00 -2.51
CA ASP C 231 6.14 15.72 -1.95
C ASP C 231 5.41 14.88 -2.97
N LEU C 232 5.03 13.66 -2.59
CA LEU C 232 4.21 12.81 -3.44
C LEU C 232 2.79 12.63 -2.90
N SER C 233 2.21 13.72 -2.39
CA SER C 233 0.79 13.77 -2.07
C SER C 233 -0.01 13.53 -3.36
N PRO C 234 -1.30 13.14 -3.24
CA PRO C 234 -2.07 12.66 -4.40
C PRO C 234 -2.15 13.63 -5.62
N ALA C 235 -1.98 13.09 -6.82
CA ALA C 235 -2.03 13.87 -8.04
C ALA C 235 -3.45 13.91 -8.59
N SER C 236 -3.75 14.96 -9.33
CA SER C 236 -5.09 15.09 -9.93
C SER C 236 -5.01 16.06 -11.10
N CYS C 237 -6.13 16.20 -11.77
CA CYS C 237 -6.26 17.23 -12.80
C CYS C 237 -7.58 17.92 -12.56
N LEU C 238 -7.85 18.91 -13.39
CA LEU C 238 -9.07 19.68 -13.29
C LEU C 238 -9.87 19.41 -14.54
N MET C 239 -11.15 19.11 -14.39
CA MET C 239 -12.03 19.02 -15.57
C MET C 239 -12.77 20.37 -15.61
N HIS C 240 -12.84 20.98 -16.80
CA HIS C 240 -13.59 22.22 -17.00
C HIS C 240 -14.81 21.92 -17.89
N ARG C 241 -16.00 22.21 -17.40
CA ARG C 241 -17.26 21.99 -18.14
C ARG C 241 -18.13 23.25 -18.32
N GLN C 242 -18.66 23.47 -19.53
CA GLN C 242 -19.59 24.57 -19.72
C GLN C 242 -20.96 24.05 -19.28
N VAL C 243 -21.54 24.60 -18.21
CA VAL C 243 -22.82 24.17 -17.68
C VAL C 243 -23.78 25.37 -17.79
N GLY C 244 -24.55 25.42 -18.87
CA GLY C 244 -25.26 26.66 -19.24
C GLY C 244 -24.34 27.86 -19.24
N GLU C 245 -24.68 28.89 -18.47
CA GLU C 245 -23.90 30.14 -18.34
C GLU C 245 -22.67 30.03 -17.45
N GLN C 246 -22.51 28.92 -16.73
CA GLN C 246 -21.43 28.80 -15.76
C GLN C 246 -20.30 27.97 -16.34
N TRP C 247 -19.07 28.43 -16.17
CA TRP C 247 -17.91 27.56 -16.34
C TRP C 247 -17.70 26.86 -14.98
N VAL C 248 -17.66 25.54 -15.00
CA VAL C 248 -17.53 24.81 -13.74
C VAL C 248 -16.25 23.97 -13.86
N SER C 249 -15.43 24.02 -12.82
CA SER C 249 -14.21 23.24 -12.75
C SER C 249 -14.35 22.23 -11.58
N TYR C 250 -13.95 20.99 -11.80
CA TYR C 250 -13.96 20.00 -10.71
C TYR C 250 -12.70 19.15 -10.75
N GLN C 251 -12.31 18.70 -9.57
CA GLN C 251 -11.05 17.98 -9.46
C GLN C 251 -11.28 16.51 -9.75
N HIS C 252 -10.41 15.94 -10.59
CA HIS C 252 -10.49 14.53 -10.96
C HIS C 252 -9.20 13.84 -10.47
N SER C 253 -9.35 12.86 -9.58
CA SER C 253 -8.19 12.21 -8.99
C SER C 253 -7.47 11.35 -10.02
N LEU C 254 -6.15 11.42 -10.04
CA LEU C 254 -5.34 10.56 -10.92
C LEU C 254 -4.66 9.42 -10.12
N ALA C 255 -5.10 9.25 -8.88
CA ALA C 255 -4.58 8.18 -8.01
C ALA C 255 -5.36 6.90 -8.30
N HIS C 256 -4.81 5.75 -7.93
CA HIS C 256 -5.61 4.54 -7.96
C HIS C 256 -6.21 4.31 -6.58
N TYR C 257 -7.54 4.25 -6.49
CA TYR C 257 -8.19 4.16 -5.18
C TYR C 257 -9.30 3.11 -5.18
N ALA C 258 -9.78 2.72 -4.00
CA ALA C 258 -10.87 1.78 -3.92
C ALA C 258 -12.25 2.35 -4.33
N GLY C 259 -13.08 1.52 -4.97
CA GLY C 259 -14.46 1.88 -5.37
C GLY C 259 -14.50 2.19 -6.87
N PRO C 260 -15.63 2.72 -7.42
CA PRO C 260 -16.83 3.11 -6.73
C PRO C 260 -17.75 1.95 -6.32
N TRP C 261 -18.59 2.25 -5.35
CA TRP C 261 -19.67 1.38 -4.96
C TRP C 261 -20.93 2.24 -5.12
N LEU C 262 -22.09 1.66 -4.82
CA LEU C 262 -23.37 2.37 -4.92
C LEU C 262 -24.03 2.64 -3.57
N TYR C 263 -24.40 3.90 -3.36
CA TYR C 263 -25.11 4.26 -2.15
C TYR C 263 -26.44 3.49 -2.08
N ASP C 264 -26.75 2.92 -0.92
CA ASP C 264 -28.02 2.24 -0.68
C ASP C 264 -28.48 2.71 0.70
N GLU C 265 -29.71 3.22 0.79
CA GLU C 265 -30.23 3.79 2.05
C GLU C 265 -30.28 2.80 3.22
N ASN C 266 -30.56 1.54 2.92
CA ASN C 266 -30.57 0.45 3.94
C ASN C 266 -29.17 0.19 4.51
N ILE C 267 -28.19 0.16 3.63
CA ILE C 267 -26.77 -0.03 4.00
C ILE C 267 -26.26 1.23 4.77
N SER C 268 -26.64 2.41 4.29
CA SER C 268 -26.26 3.68 4.92
C SER C 268 -26.77 3.78 6.37
N CYS C 269 -28.06 3.53 6.56
CA CYS C 269 -28.63 3.63 7.91
C CYS C 269 -29.37 2.34 8.30
N PRO C 270 -28.61 1.31 8.72
CA PRO C 270 -29.25 0.02 9.02
C PRO C 270 -30.12 0.08 10.26
N THR C 271 -31.12 -0.80 10.31
CA THR C 271 -32.01 -0.90 11.48
C THR C 271 -31.37 -1.74 12.58
N MET D 1 -5.51 35.78 9.28
CA MET D 1 -6.51 34.65 9.31
C MET D 1 -6.03 33.38 8.58
N LEU D 2 -5.98 32.26 9.32
CA LEU D 2 -5.89 30.95 8.69
C LEU D 2 -7.05 30.11 9.25
N LEU D 3 -7.90 29.59 8.36
CA LEU D 3 -8.95 28.63 8.75
C LEU D 3 -8.63 27.29 8.14
N ALA D 4 -8.80 26.22 8.90
CA ALA D 4 -8.82 24.87 8.33
C ALA D 4 -10.27 24.54 8.15
N HIS D 5 -10.66 24.14 6.94
CA HIS D 5 -12.08 23.88 6.60
C HIS D 5 -12.25 22.43 6.13
N ILE D 6 -12.98 21.65 6.94
CA ILE D 6 -13.33 20.26 6.56
C ILE D 6 -14.84 20.09 6.41
N SER D 7 -15.28 19.01 5.78
CA SER D 7 -16.71 18.83 5.51
C SER D 7 -17.14 17.36 5.55
N ASP D 8 -18.43 17.12 5.78
CA ASP D 8 -19.03 15.82 5.52
C ASP D 8 -18.27 14.66 6.21
N THR D 9 -18.18 14.78 7.52
CA THR D 9 -17.50 13.80 8.38
C THR D 9 -18.30 12.50 8.51
N HIS D 10 -19.63 12.60 8.50
CA HIS D 10 -20.47 11.39 8.48
C HIS D 10 -20.18 10.41 9.61
N PHE D 11 -19.89 10.93 10.80
CA PHE D 11 -19.71 10.06 11.97
C PHE D 11 -20.80 8.99 12.13
N ARG D 12 -20.39 7.81 12.61
CA ARG D 12 -21.32 6.73 12.89
C ARG D 12 -21.29 6.44 14.38
N SER D 13 -22.19 5.61 14.88
CA SER D 13 -22.16 5.29 16.32
C SER D 13 -20.95 4.42 16.69
N ARG D 14 -20.72 4.31 17.99
CA ARG D 14 -19.55 3.66 18.56
C ARG D 14 -19.44 2.24 18.03
N GLY D 15 -18.31 1.93 17.40
CA GLY D 15 -18.11 0.60 16.83
C GLY D 15 -18.83 0.20 15.55
N GLU D 16 -19.54 1.12 14.91
CA GLU D 16 -20.08 0.92 13.57
C GLU D 16 -19.16 1.55 12.54
N LYS D 17 -19.23 0.99 11.34
CA LYS D 17 -18.59 1.55 10.15
C LYS D 17 -19.64 2.02 9.15
N LEU D 18 -19.26 3.00 8.35
CA LEU D 18 -20.12 3.55 7.34
C LEU D 18 -20.28 2.47 6.27
N TYR D 19 -21.53 2.12 5.98
CA TYR D 19 -21.88 1.05 5.04
C TYR D 19 -21.36 -0.33 5.50
N GLY D 20 -20.96 -0.41 6.76
CA GLY D 20 -20.39 -1.64 7.27
C GLY D 20 -18.89 -1.79 7.01
N PHE D 21 -18.27 -0.91 6.22
CA PHE D 21 -16.86 -1.13 5.92
C PHE D 21 -15.93 0.08 5.90
N ILE D 22 -16.44 1.31 5.81
CA ILE D 22 -15.57 2.50 5.82
C ILE D 22 -15.51 3.02 7.27
N ASP D 23 -14.33 2.92 7.90
CA ASP D 23 -14.19 3.32 9.29
C ASP D 23 -14.07 4.83 9.37
N VAL D 24 -15.20 5.50 9.16
CA VAL D 24 -15.28 7.00 9.29
C VAL D 24 -14.83 7.51 10.64
N ASN D 25 -15.19 6.81 11.73
CA ASN D 25 -14.81 7.31 13.05
C ASN D 25 -13.26 7.39 13.24
N ALA D 26 -12.55 6.34 12.83
CA ALA D 26 -11.11 6.28 12.91
C ALA D 26 -10.51 7.30 11.95
N ALA D 27 -11.02 7.32 10.72
CA ALA D 27 -10.52 8.25 9.69
C ALA D 27 -10.60 9.70 10.19
N ASN D 28 -11.73 10.06 10.76
CA ASN D 28 -11.93 11.41 11.30
C ASN D 28 -11.07 11.69 12.52
N ALA D 29 -10.82 10.68 13.36
CA ALA D 29 -9.94 10.87 14.49
C ALA D 29 -8.49 11.10 14.03
N ASP D 30 -8.07 10.40 12.99
CA ASP D 30 -6.76 10.69 12.35
C ASP D 30 -6.71 12.16 11.86
N VAL D 31 -7.71 12.54 11.06
CA VAL D 31 -7.89 13.96 10.65
C VAL D 31 -7.74 14.96 11.82
N VAL D 32 -8.49 14.74 12.91
CA VAL D 32 -8.40 15.62 14.07
C VAL D 32 -6.94 15.73 14.56
N SER D 33 -6.28 14.60 14.73
CA SER D 33 -4.91 14.62 15.23
C SER D 33 -3.98 15.27 14.17
N GLN D 34 -4.26 15.11 12.89
CA GLN D 34 -3.42 15.79 11.87
C GLN D 34 -3.59 17.31 12.02
N LEU D 35 -4.84 17.77 12.18
CA LEU D 35 -5.09 19.22 12.33
C LEU D 35 -4.40 19.74 13.60
N ASN D 36 -4.49 18.97 14.68
CA ASN D 36 -3.83 19.32 15.93
C ASN D 36 -2.29 19.41 15.80
N ALA D 37 -1.72 18.73 14.81
CA ALA D 37 -0.27 18.63 14.69
C ALA D 37 0.32 19.61 13.68
N LEU D 38 -0.50 20.42 13.04
CA LEU D 38 -0.03 21.37 12.04
C LEU D 38 1.02 22.29 12.63
N ARG D 39 2.11 22.51 11.89
CA ARG D 39 3.10 23.50 12.31
C ARG D 39 2.63 24.94 12.19
N GLU D 40 2.02 25.27 11.07
CA GLU D 40 1.37 26.56 10.93
C GLU D 40 -0.10 26.40 11.38
N ARG D 41 -0.38 26.78 12.61
CA ARG D 41 -1.66 26.47 13.23
C ARG D 41 -2.77 27.42 12.78
N PRO D 42 -3.94 26.86 12.36
CA PRO D 42 -5.17 27.61 12.09
C PRO D 42 -5.67 28.39 13.31
N ASP D 43 -6.36 29.49 13.04
CA ASP D 43 -7.02 30.26 14.07
C ASP D 43 -8.32 29.59 14.46
N ALA D 44 -8.87 28.79 13.55
CA ALA D 44 -10.13 28.09 13.82
C ALA D 44 -10.33 26.96 12.83
N VAL D 45 -11.19 26.02 13.19
CA VAL D 45 -11.62 25.00 12.26
C VAL D 45 -13.08 25.12 11.90
N VAL D 46 -13.36 25.07 10.60
CA VAL D 46 -14.73 24.98 10.10
C VAL D 46 -15.11 23.57 9.69
N VAL D 47 -16.27 23.12 10.15
CA VAL D 47 -16.88 21.86 9.68
C VAL D 47 -18.22 22.12 8.98
N SER D 48 -18.24 22.05 7.66
CA SER D 48 -19.41 22.53 6.89
C SER D 48 -20.52 21.50 6.63
N GLY D 49 -20.90 20.75 7.67
CA GLY D 49 -22.15 20.03 7.65
C GLY D 49 -22.05 18.57 7.28
N ASP D 50 -23.16 17.85 7.48
CA ASP D 50 -23.20 16.36 7.43
C ASP D 50 -22.22 15.80 8.43
N ILE D 51 -22.38 16.26 9.65
CA ILE D 51 -21.48 15.89 10.71
C ILE D 51 -21.67 14.39 11.03
N VAL D 52 -22.93 13.95 11.13
CA VAL D 52 -23.26 12.56 11.36
C VAL D 52 -23.95 11.99 10.14
N ASN D 53 -24.04 10.67 10.07
CA ASN D 53 -24.58 10.06 8.87
C ASN D 53 -26.09 9.82 8.91
N CYS D 54 -26.64 9.56 10.09
CA CYS D 54 -27.99 9.04 10.17
C CYS D 54 -28.87 9.91 11.06
N GLY D 55 -28.33 10.98 11.63
CA GLY D 55 -29.10 11.82 12.53
C GLY D 55 -29.38 11.19 13.90
N ARG D 56 -28.58 10.22 14.31
CA ARG D 56 -28.83 9.50 15.58
C ARG D 56 -28.06 10.06 16.75
N PRO D 57 -28.66 10.05 17.97
CA PRO D 57 -27.97 10.54 19.15
C PRO D 57 -26.62 9.85 19.37
N GLU D 58 -26.55 8.54 19.11
CA GLU D 58 -25.33 7.78 19.36
C GLU D 58 -24.18 8.22 18.40
N GLU D 59 -24.54 8.69 17.21
CA GLU D 59 -23.55 9.23 16.27
C GLU D 59 -23.04 10.58 16.75
N TYR D 60 -23.95 11.41 17.30
CA TYR D 60 -23.52 12.67 17.89
C TYR D 60 -22.63 12.51 19.11
N GLN D 61 -22.81 11.45 19.88
CA GLN D 61 -21.92 11.23 21.04
C GLN D 61 -20.47 11.03 20.54
N VAL D 62 -20.31 10.29 19.46
CA VAL D 62 -18.98 10.07 18.84
C VAL D 62 -18.44 11.38 18.25
N ALA D 63 -19.28 12.10 17.49
CA ALA D 63 -18.91 13.43 16.95
C ALA D 63 -18.39 14.39 18.02
N ARG D 64 -19.12 14.50 19.14
CA ARG D 64 -18.71 15.37 20.23
C ARG D 64 -17.36 14.95 20.81
N GLN D 65 -17.16 13.65 20.99
CA GLN D 65 -15.87 13.19 21.49
C GLN D 65 -14.74 13.55 20.51
N ILE D 66 -14.90 13.21 19.23
CA ILE D 66 -13.81 13.42 18.26
C ILE D 66 -13.62 14.88 17.92
N LEU D 67 -14.71 15.59 17.61
CA LEU D 67 -14.59 17.04 17.31
C LEU D 67 -14.14 17.85 18.53
N GLY D 68 -14.61 17.47 19.71
CA GLY D 68 -14.23 18.11 20.94
C GLY D 68 -12.78 17.92 21.34
N SER D 69 -12.09 16.99 20.69
CA SER D 69 -10.66 16.85 20.90
C SER D 69 -9.82 17.75 19.95
N LEU D 70 -10.45 18.44 19.00
CA LEU D 70 -9.74 19.50 18.27
C LEU D 70 -9.26 20.63 19.19
N ASN D 71 -7.99 21.04 19.04
CA ASN D 71 -7.41 22.07 19.87
C ASN D 71 -7.50 23.46 19.24
N TYR D 72 -8.70 23.80 18.77
CA TYR D 72 -8.98 25.06 18.08
C TYR D 72 -10.41 25.44 18.43
N PRO D 73 -10.75 26.75 18.27
CA PRO D 73 -12.13 27.18 18.12
C PRO D 73 -12.79 26.56 16.88
N LEU D 74 -14.04 26.17 17.06
CA LEU D 74 -14.79 25.44 16.03
C LEU D 74 -15.99 26.20 15.57
N TYR D 75 -16.23 26.15 14.27
CA TYR D 75 -17.43 26.72 13.65
C TYR D 75 -18.08 25.62 12.87
N LEU D 76 -19.28 25.25 13.30
CA LEU D 76 -19.99 24.05 12.84
C LEU D 76 -21.33 24.43 12.24
N ILE D 77 -21.69 23.85 11.10
CA ILE D 77 -23.02 24.04 10.53
C ILE D 77 -23.58 22.67 10.14
N PRO D 78 -24.92 22.49 10.19
CA PRO D 78 -25.50 21.19 9.86
C PRO D 78 -25.59 20.93 8.36
N GLY D 79 -25.65 19.64 7.99
CA GLY D 79 -26.12 19.23 6.66
C GLY D 79 -27.47 18.54 6.68
N ASN D 80 -27.88 17.98 5.54
CA ASN D 80 -29.16 17.26 5.48
C ASN D 80 -29.12 15.95 6.24
N HIS D 81 -27.93 15.40 6.50
CA HIS D 81 -27.82 14.16 7.30
C HIS D 81 -27.93 14.45 8.81
N ASP D 82 -27.86 15.72 9.20
CA ASP D 82 -27.91 16.09 10.61
C ASP D 82 -29.35 16.20 11.09
N ASP D 83 -29.55 16.05 12.41
CA ASP D 83 -30.82 16.40 13.02
C ASP D 83 -30.64 17.71 13.77
N LYS D 84 -31.43 18.72 13.45
CA LYS D 84 -31.18 20.08 13.95
C LYS D 84 -31.12 20.18 15.48
N ALA D 85 -32.14 19.66 16.16
CA ALA D 85 -32.19 19.67 17.60
C ALA D 85 -31.02 18.90 18.24
N LEU D 86 -30.69 17.72 17.71
CA LEU D 86 -29.56 16.94 18.30
C LEU D 86 -28.23 17.64 18.06
N PHE D 87 -28.10 18.27 16.88
CA PHE D 87 -26.93 19.03 16.52
C PHE D 87 -26.71 20.11 17.59
N LEU D 88 -27.77 20.84 17.93
CA LEU D 88 -27.64 21.85 18.96
C LEU D 88 -27.34 21.24 20.32
N GLU D 89 -28.08 20.19 20.68
CA GLU D 89 -27.86 19.55 21.96
C GLU D 89 -26.39 19.13 22.15
N TYR D 90 -25.83 18.46 21.16
CA TYR D 90 -24.52 17.83 21.32
C TYR D 90 -23.34 18.68 20.90
N LEU D 91 -23.54 19.72 20.09
CA LEU D 91 -22.41 20.45 19.54
C LEU D 91 -22.37 21.92 19.93
N GLN D 92 -23.46 22.44 20.49
CA GLN D 92 -23.47 23.87 20.85
C GLN D 92 -22.36 24.20 21.88
N PRO D 93 -22.09 23.30 22.88
CA PRO D 93 -20.92 23.65 23.72
C PRO D 93 -19.59 23.77 22.96
N LEU D 94 -19.47 23.16 21.79
CA LEU D 94 -18.24 23.29 20.98
C LEU D 94 -18.24 24.48 20.02
N CYS D 95 -19.42 25.06 19.78
CA CYS D 95 -19.58 26.24 18.94
C CYS D 95 -20.74 27.03 19.57
N PRO D 96 -20.47 27.78 20.67
CA PRO D 96 -21.55 28.42 21.46
C PRO D 96 -22.52 29.34 20.71
N GLN D 97 -22.06 29.98 19.64
CA GLN D 97 -22.94 30.84 18.80
C GLN D 97 -24.08 30.16 18.03
N LEU D 98 -24.07 28.83 17.85
CA LEU D 98 -25.26 28.14 17.35
C LEU D 98 -26.56 28.44 18.19
N GLY D 99 -26.40 28.93 19.42
CA GLY D 99 -27.57 29.36 20.28
C GLY D 99 -28.56 28.31 20.78
N SER D 100 -29.86 28.63 20.79
CA SER D 100 -30.91 27.73 21.35
C SER D 100 -32.13 27.42 20.47
N ASP D 101 -32.15 27.92 19.23
CA ASP D 101 -33.26 27.64 18.34
C ASP D 101 -32.80 26.71 17.22
N ALA D 102 -33.21 25.45 17.29
CA ALA D 102 -32.78 24.44 16.34
C ALA D 102 -33.09 24.86 14.91
N ASN D 103 -34.12 25.68 14.74
CA ASN D 103 -34.55 26.13 13.40
C ASN D 103 -33.98 27.43 12.91
N ASN D 104 -33.20 28.10 13.74
CA ASN D 104 -32.54 29.35 13.34
C ASN D 104 -31.09 29.40 13.77
N MET D 105 -30.32 28.34 13.48
CA MET D 105 -28.91 28.36 13.84
C MET D 105 -28.12 29.11 12.79
N ARG D 106 -27.34 30.10 13.24
CA ARG D 106 -26.46 30.88 12.37
C ARG D 106 -25.58 31.80 13.18
N CYS D 107 -24.46 32.22 12.62
CA CYS D 107 -23.65 33.18 13.34
C CYS D 107 -22.67 33.86 12.45
N ALA D 108 -22.23 35.03 12.91
CA ALA D 108 -21.27 35.82 12.20
C ALA D 108 -20.05 35.89 13.08
N VAL D 109 -18.87 35.92 12.46
CA VAL D 109 -17.62 36.09 13.18
C VAL D 109 -16.92 37.31 12.58
N ASP D 110 -16.56 38.26 13.44
CA ASP D 110 -15.97 39.51 12.98
C ASP D 110 -14.53 39.67 13.46
N ASP D 111 -13.89 38.57 13.83
CA ASP D 111 -12.50 38.61 14.33
C ASP D 111 -11.44 38.96 13.28
N PHE D 112 -11.74 38.76 12.00
CA PHE D 112 -10.72 38.85 10.96
C PHE D 112 -11.02 39.95 9.94
N ALA D 113 -10.13 40.13 8.97
CA ALA D 113 -10.26 41.18 7.96
C ALA D 113 -11.51 40.97 7.09
N THR D 114 -11.96 39.71 7.00
CA THR D 114 -13.17 39.36 6.28
C THR D 114 -14.17 38.81 7.26
N ARG D 115 -15.43 39.26 7.16
CA ARG D 115 -16.53 38.76 7.98
C ARG D 115 -16.91 37.34 7.56
N LEU D 116 -17.14 36.46 8.55
CA LEU D 116 -17.52 35.10 8.27
C LEU D 116 -18.97 34.88 8.69
N LEU D 117 -19.77 34.36 7.76
CA LEU D 117 -21.19 34.09 7.94
C LEU D 117 -21.52 32.60 7.82
N PHE D 118 -22.00 32.03 8.93
CA PHE D 118 -22.32 30.61 9.02
C PHE D 118 -23.85 30.41 9.07
N ILE D 119 -24.40 29.70 8.10
CA ILE D 119 -25.85 29.49 8.01
C ILE D 119 -26.25 28.03 7.85
N ASP D 120 -27.54 27.76 8.07
CA ASP D 120 -28.11 26.42 7.97
C ASP D 120 -29.05 26.30 6.74
N SER D 121 -28.61 25.58 5.72
CA SER D 121 -29.39 25.42 4.51
C SER D 121 -30.15 24.10 4.52
N SER D 122 -29.99 23.31 5.58
CA SER D 122 -30.64 22.01 5.62
C SER D 122 -32.13 22.18 5.94
N ARG D 123 -32.93 21.22 5.50
CA ARG D 123 -34.37 21.24 5.74
C ARG D 123 -34.82 19.83 6.10
N ALA D 124 -35.55 19.69 7.21
CA ALA D 124 -36.12 18.39 7.60
C ALA D 124 -36.86 17.66 6.47
N GLY D 125 -36.64 16.35 6.40
CA GLY D 125 -37.40 15.46 5.53
C GLY D 125 -37.00 15.54 4.07
N THR D 126 -35.94 16.28 3.78
CA THR D 126 -35.43 16.29 2.41
C THR D 126 -33.89 16.40 2.36
N SER D 127 -33.34 15.93 1.25
CA SER D 127 -31.93 16.10 0.94
C SER D 127 -31.65 17.47 0.35
N LYS D 128 -32.68 18.14 -0.16
CA LYS D 128 -32.47 19.41 -0.85
C LYS D 128 -32.29 20.57 0.14
N GLY D 129 -31.62 21.63 -0.32
CA GLY D 129 -31.38 22.78 0.51
C GLY D 129 -32.51 23.77 0.45
N TRP D 130 -32.63 24.58 1.49
CA TRP D 130 -33.64 25.62 1.53
C TRP D 130 -33.14 26.79 2.37
N LEU D 131 -33.27 27.99 1.84
CA LEU D 131 -32.94 29.19 2.60
C LEU D 131 -34.25 29.82 3.04
N THR D 132 -34.47 29.90 4.37
CA THR D 132 -35.69 30.47 4.91
C THR D 132 -35.62 32.00 4.80
N ASP D 133 -36.79 32.63 4.95
CA ASP D 133 -36.87 34.10 4.97
C ASP D 133 -36.03 34.71 6.08
N GLU D 134 -36.03 34.12 7.27
CA GLU D 134 -35.23 34.70 8.39
C GLU D 134 -33.72 34.59 8.15
N THR D 135 -33.30 33.51 7.51
CA THR D 135 -31.90 33.39 7.16
C THR D 135 -31.54 34.47 6.13
N ILE D 136 -32.34 34.59 5.09
CA ILE D 136 -32.11 35.64 4.08
C ILE D 136 -32.11 37.06 4.68
N SER D 137 -33.04 37.35 5.58
CA SER D 137 -33.08 38.68 6.19
C SER D 137 -31.90 38.92 7.07
N TRP D 138 -31.45 37.88 7.77
CA TRP D 138 -30.27 38.01 8.62
C TRP D 138 -29.04 38.25 7.75
N LEU D 139 -28.90 37.49 6.69
CA LEU D 139 -27.81 37.76 5.74
C LEU D 139 -27.77 39.22 5.23
N GLU D 140 -28.90 39.68 4.71
CA GLU D 140 -29.04 41.09 4.25
C GLU D 140 -28.57 42.04 5.36
N ALA D 141 -29.04 41.84 6.59
CA ALA D 141 -28.65 42.70 7.73
C ALA D 141 -27.16 42.67 8.01
N GLN D 142 -26.55 41.48 7.94
CA GLN D 142 -25.11 41.36 8.19
C GLN D 142 -24.29 41.97 7.04
N LEU D 143 -24.74 41.80 5.82
CA LEU D 143 -23.98 42.36 4.68
C LEU D 143 -24.13 43.87 4.69
N PHE D 144 -25.32 44.34 5.06
CA PHE D 144 -25.57 45.78 5.07
C PHE D 144 -24.73 46.43 6.14
N GLU D 145 -24.78 45.86 7.32
CA GLU D 145 -24.07 46.34 8.46
C GLU D 145 -22.53 46.25 8.28
N GLY D 146 -22.07 45.23 7.57
CA GLY D 146 -20.63 45.06 7.37
C GLY D 146 -20.01 46.15 6.51
N GLY D 147 -20.85 46.83 5.73
CA GLY D 147 -20.43 47.92 4.89
C GLY D 147 -19.42 47.41 3.86
N ASP D 148 -18.27 48.07 3.86
CA ASP D 148 -17.17 47.86 2.96
C ASP D 148 -16.37 46.57 3.21
N LYS D 149 -16.59 45.95 4.38
CA LYS D 149 -15.75 44.82 4.82
C LYS D 149 -16.18 43.58 4.01
N PRO D 150 -15.21 42.85 3.39
CA PRO D 150 -15.66 41.69 2.58
C PRO D 150 -16.30 40.62 3.46
N ALA D 151 -17.09 39.76 2.85
CA ALA D 151 -17.75 38.69 3.62
C ALA D 151 -17.63 37.35 2.87
N THR D 152 -17.54 36.29 3.66
CA THR D 152 -17.59 34.92 3.19
C THR D 152 -18.76 34.20 3.87
N ILE D 153 -19.54 33.47 3.10
CA ILE D 153 -20.59 32.61 3.63
C ILE D 153 -20.17 31.14 3.56
N PHE D 154 -20.44 30.41 4.65
CA PHE D 154 -20.34 28.96 4.68
C PHE D 154 -21.73 28.36 4.85
N MET D 155 -22.10 27.43 3.96
CA MET D 155 -23.43 26.80 3.99
C MET D 155 -23.27 25.38 3.51
N HIS D 156 -24.19 24.49 3.85
CA HIS D 156 -24.02 23.11 3.43
C HIS D 156 -24.24 22.93 1.90
N HIS D 157 -25.38 23.42 1.41
CA HIS D 157 -25.82 23.16 0.02
C HIS D 157 -25.30 24.24 -0.95
N PRO D 158 -24.83 23.84 -2.15
CA PRO D 158 -24.47 24.85 -3.16
C PRO D 158 -25.70 25.65 -3.58
N PRO D 159 -25.56 26.99 -3.73
CA PRO D 159 -26.72 27.81 -4.16
C PRO D 159 -27.00 27.85 -5.66
N LEU D 160 -26.37 26.99 -6.46
CA LEU D 160 -26.65 26.96 -7.90
C LEU D 160 -26.30 25.60 -8.46
N PRO D 161 -26.87 25.23 -9.63
CA PRO D 161 -26.56 23.91 -10.21
C PRO D 161 -25.12 23.88 -10.74
N LEU D 162 -24.46 22.76 -10.56
CA LEU D 162 -23.06 22.61 -10.97
C LEU D 162 -22.86 21.60 -12.11
N GLY D 163 -23.95 21.00 -12.60
CA GLY D 163 -23.90 20.10 -13.76
C GLY D 163 -23.61 18.67 -13.35
N ASN D 164 -23.61 18.44 -12.04
CA ASN D 164 -23.33 17.14 -11.45
C ASN D 164 -24.69 16.39 -11.36
N ALA D 165 -24.83 15.32 -12.14
CA ALA D 165 -26.14 14.65 -12.28
C ALA D 165 -26.68 14.10 -10.95
N GLN D 166 -25.80 13.49 -10.15
CA GLN D 166 -26.20 13.02 -8.82
C GLN D 166 -26.67 14.14 -7.90
N MET D 167 -25.88 15.23 -7.83
CA MET D 167 -25.95 16.25 -6.76
C MET D 167 -26.84 17.45 -7.06
N ASP D 168 -26.94 17.81 -8.33
CA ASP D 168 -27.77 18.96 -8.73
C ASP D 168 -29.22 18.92 -8.24
N PRO D 169 -29.92 17.79 -8.45
CA PRO D 169 -31.31 17.71 -7.97
C PRO D 169 -31.46 17.99 -6.46
N ILE D 170 -30.38 17.80 -5.69
CA ILE D 170 -30.45 18.04 -4.26
C ILE D 170 -29.62 19.25 -3.79
N ALA D 171 -29.38 20.20 -4.70
CA ALA D 171 -28.74 21.45 -4.35
C ALA D 171 -29.67 22.33 -3.51
N CYS D 172 -29.33 23.62 -3.38
CA CYS D 172 -30.18 24.57 -2.64
C CYS D 172 -31.34 25.02 -3.52
N GLU D 173 -32.57 24.67 -3.13
CA GLU D 173 -33.73 24.82 -3.99
C GLU D 173 -34.08 26.27 -4.39
N ASN D 174 -34.06 27.19 -3.44
CA ASN D 174 -34.26 28.60 -3.75
C ASN D 174 -32.93 29.36 -3.68
N GLY D 175 -31.86 28.74 -4.20
CA GLY D 175 -30.53 29.34 -4.15
C GLY D 175 -30.42 30.69 -4.85
N HIS D 176 -31.31 30.92 -5.82
CA HIS D 176 -31.44 32.26 -6.46
C HIS D 176 -31.57 33.41 -5.44
N ARG D 177 -32.15 33.14 -4.28
CA ARG D 177 -32.24 34.14 -3.21
C ARG D 177 -30.85 34.60 -2.75
N LEU D 178 -29.90 33.69 -2.68
CA LEU D 178 -28.56 34.04 -2.28
C LEU D 178 -27.82 34.67 -3.44
N LEU D 179 -28.03 34.15 -4.66
CA LEU D 179 -27.42 34.75 -5.82
C LEU D 179 -27.85 36.23 -5.94
N ALA D 180 -29.10 36.52 -5.56
CA ALA D 180 -29.61 37.91 -5.55
C ALA D 180 -28.85 38.78 -4.54
N LEU D 181 -28.39 38.16 -3.45
CA LEU D 181 -27.55 38.84 -2.49
C LEU D 181 -26.15 39.13 -3.03
N VAL D 182 -25.58 38.23 -3.85
CA VAL D 182 -24.27 38.60 -4.40
C VAL D 182 -24.39 39.74 -5.42
N GLU D 183 -25.49 39.75 -6.17
CA GLU D 183 -25.83 40.91 -7.01
C GLU D 183 -25.92 42.23 -6.24
N ARG D 184 -26.63 42.23 -5.11
CA ARG D 184 -26.83 43.43 -4.31
C ARG D 184 -25.64 43.88 -3.49
N PHE D 185 -24.85 42.92 -2.98
CA PHE D 185 -23.73 43.29 -2.14
C PHE D 185 -22.35 42.87 -2.70
N PRO D 186 -21.61 43.85 -3.29
CA PRO D 186 -20.25 43.64 -3.82
C PRO D 186 -19.25 43.10 -2.80
N SER D 187 -19.55 43.29 -1.52
CA SER D 187 -18.66 42.83 -0.46
C SER D 187 -18.73 41.29 -0.27
N LEU D 188 -19.83 40.66 -0.69
CA LEU D 188 -19.97 39.18 -0.66
C LEU D 188 -19.15 38.54 -1.79
N THR D 189 -17.99 37.94 -1.44
CA THR D 189 -17.02 37.46 -2.46
C THR D 189 -16.69 35.94 -2.40
N ARG D 190 -17.17 35.25 -1.36
CA ARG D 190 -16.96 33.79 -1.24
C ARG D 190 -18.18 33.11 -0.70
N ILE D 191 -18.59 32.03 -1.36
CA ILE D 191 -19.58 31.09 -0.81
C ILE D 191 -18.98 29.68 -0.87
N PHE D 192 -18.72 29.10 0.30
CA PHE D 192 -18.13 27.75 0.40
C PHE D 192 -19.15 26.76 0.96
N CYS D 193 -19.16 25.58 0.35
CA CYS D 193 -20.20 24.57 0.54
C CYS D 193 -19.68 23.14 0.87
N GLY D 194 -20.52 22.32 1.48
CA GLY D 194 -20.25 20.87 1.60
C GLY D 194 -21.12 20.10 0.61
N HIS D 195 -21.66 18.97 1.05
CA HIS D 195 -22.71 18.27 0.29
C HIS D 195 -22.22 17.45 -0.90
N ASN D 196 -21.45 18.06 -1.80
CA ASN D 196 -21.02 17.36 -2.98
C ASN D 196 -19.86 16.39 -2.88
N HIS D 197 -19.14 16.38 -1.73
CA HIS D 197 -17.94 15.52 -1.51
C HIS D 197 -17.03 15.55 -2.75
N SER D 198 -16.65 16.74 -3.16
CA SER D 198 -15.86 16.98 -4.39
C SER D 198 -15.40 18.43 -4.37
N LEU D 199 -14.21 18.68 -4.90
CA LEU D 199 -13.82 20.06 -5.05
C LEU D 199 -14.33 20.53 -6.42
N THR D 200 -15.37 21.36 -6.41
CA THR D 200 -16.04 21.84 -7.65
C THR D 200 -16.22 23.34 -7.46
N MET D 201 -15.70 24.16 -8.39
CA MET D 201 -15.66 25.59 -8.18
C MET D 201 -16.21 26.34 -9.40
N THR D 202 -16.90 27.45 -9.13
CA THR D 202 -17.44 28.29 -10.18
C THR D 202 -17.46 29.75 -9.65
N GLN D 203 -17.96 30.65 -10.48
CA GLN D 203 -17.89 32.07 -10.22
C GLN D 203 -19.21 32.67 -10.65
N TYR D 204 -19.78 33.48 -9.78
CA TYR D 204 -20.97 34.22 -10.09
C TYR D 204 -20.72 35.67 -9.73
N ARG D 205 -20.72 36.56 -10.73
CA ARG D 205 -20.32 37.95 -10.49
C ARG D 205 -18.99 37.98 -9.71
N GLN D 206 -18.95 38.72 -8.62
CA GLN D 206 -17.73 38.86 -7.84
C GLN D 206 -17.45 37.71 -6.84
N ALA D 207 -18.36 36.75 -6.72
CA ALA D 207 -18.20 35.70 -5.72
C ALA D 207 -17.64 34.41 -6.32
N LEU D 208 -16.62 33.87 -5.67
CA LEU D 208 -16.12 32.52 -5.97
C LEU D 208 -16.99 31.57 -5.13
N ILE D 209 -17.54 30.55 -5.77
CA ILE D 209 -18.45 29.59 -5.09
C ILE D 209 -17.80 28.19 -5.25
N SER D 210 -17.59 27.47 -4.14
CA SER D 210 -16.87 26.17 -4.24
C SER D 210 -17.39 25.15 -3.24
N THR D 211 -17.54 23.92 -3.69
CA THR D 211 -17.83 22.78 -2.80
C THR D 211 -16.50 22.18 -2.33
N LEU D 212 -16.54 21.43 -1.23
CA LEU D 212 -15.32 20.80 -0.72
C LEU D 212 -15.38 19.27 -0.76
N PRO D 213 -14.22 18.61 -0.83
CA PRO D 213 -14.13 17.18 -0.68
C PRO D 213 -14.62 16.80 0.73
N GLY D 214 -15.05 15.55 0.90
CA GLY D 214 -15.26 15.01 2.24
C GLY D 214 -13.97 14.64 2.98
N THR D 215 -14.09 14.41 4.29
CA THR D 215 -12.91 14.01 5.08
C THR D 215 -12.60 12.53 4.88
N VAL D 216 -13.60 11.76 4.43
CA VAL D 216 -13.42 10.30 4.19
C VAL D 216 -13.80 9.90 2.74
N HIS D 217 -15.09 9.63 2.50
CA HIS D 217 -15.50 9.13 1.17
C HIS D 217 -15.87 10.32 0.30
N GLN D 218 -15.66 10.16 -1.01
CA GLN D 218 -15.86 11.20 -2.01
C GLN D 218 -17.00 10.77 -2.95
N VAL D 219 -17.53 11.71 -3.72
CA VAL D 219 -18.54 11.39 -4.71
C VAL D 219 -18.02 11.88 -6.06
N PRO D 220 -17.88 10.99 -7.06
CA PRO D 220 -17.33 11.52 -8.32
C PRO D 220 -18.36 12.43 -9.04
N TYR D 221 -17.87 13.36 -9.84
CA TYR D 221 -18.75 14.17 -10.66
C TYR D 221 -19.10 13.40 -11.94
N CYS D 222 -20.39 13.18 -12.18
CA CYS D 222 -20.89 12.66 -13.48
C CYS D 222 -21.83 13.64 -14.11
N HIS D 223 -21.65 13.92 -15.39
CA HIS D 223 -22.60 14.83 -16.04
C HIS D 223 -23.94 14.21 -16.45
N ALA D 224 -23.95 12.92 -16.85
CA ALA D 224 -25.20 12.26 -17.25
C ALA D 224 -25.64 11.14 -16.28
N ASP D 225 -24.76 10.15 -16.09
CA ASP D 225 -24.97 9.02 -15.18
C ASP D 225 -25.51 9.51 -13.82
N THR D 226 -26.72 9.09 -13.47
CA THR D 226 -27.23 9.42 -12.15
C THR D 226 -27.10 8.24 -11.13
N ASP D 227 -26.36 7.17 -11.49
CA ASP D 227 -26.12 6.08 -10.50
C ASP D 227 -25.47 6.73 -9.28
N PRO D 228 -25.92 6.37 -8.05
CA PRO D 228 -25.40 7.05 -6.82
C PRO D 228 -24.04 6.53 -6.31
N TYR D 229 -22.98 6.87 -7.03
CA TYR D 229 -21.63 6.42 -6.72
C TYR D 229 -20.96 7.15 -5.54
N TYR D 230 -20.13 6.41 -4.80
CA TYR D 230 -19.15 7.01 -3.91
C TYR D 230 -17.86 6.19 -4.00
N ASP D 231 -16.77 6.75 -3.52
CA ASP D 231 -15.50 6.04 -3.59
C ASP D 231 -14.59 6.52 -2.50
N LEU D 232 -13.42 5.91 -2.41
CA LEU D 232 -12.48 6.29 -1.38
C LEU D 232 -11.25 6.87 -2.07
N SER D 233 -11.50 7.78 -3.02
CA SER D 233 -10.44 8.61 -3.55
C SER D 233 -9.92 9.55 -2.43
N PRO D 234 -8.72 10.11 -2.62
CA PRO D 234 -8.05 10.84 -1.55
C PRO D 234 -8.88 11.99 -0.97
N ALA D 235 -8.88 12.07 0.36
CA ALA D 235 -9.57 13.09 1.14
C ALA D 235 -8.62 14.26 1.35
N SER D 236 -9.20 15.43 1.60
CA SER D 236 -8.42 16.61 1.81
C SER D 236 -9.33 17.66 2.49
N CYS D 237 -8.69 18.73 2.94
CA CYS D 237 -9.45 19.86 3.41
C CYS D 237 -8.99 21.10 2.63
N LEU D 238 -9.66 22.22 2.86
CA LEU D 238 -9.28 23.47 2.24
C LEU D 238 -8.71 24.34 3.35
N MET D 239 -7.59 25.01 3.11
CA MET D 239 -7.08 25.99 4.07
C MET D 239 -7.46 27.38 3.52
N HIS D 240 -7.97 28.27 4.35
CA HIS D 240 -8.32 29.62 3.87
C HIS D 240 -7.40 30.59 4.54
N ARG D 241 -6.71 31.41 3.74
CA ARG D 241 -5.79 32.38 4.31
C ARG D 241 -6.08 33.79 3.81
N GLN D 242 -6.08 34.75 4.73
CA GLN D 242 -6.10 36.19 4.34
C GLN D 242 -4.68 36.60 3.93
N VAL D 243 -4.50 36.99 2.68
CA VAL D 243 -3.21 37.39 2.15
C VAL D 243 -3.42 38.79 1.54
N GLY D 244 -3.12 39.83 2.33
CA GLY D 244 -3.37 41.22 1.92
C GLY D 244 -4.86 41.40 1.78
N GLU D 245 -5.28 41.92 0.63
CA GLU D 245 -6.67 42.03 0.23
C GLU D 245 -7.28 40.77 -0.40
N GLN D 246 -6.50 39.70 -0.51
CA GLN D 246 -6.93 38.51 -1.25
C GLN D 246 -7.26 37.44 -0.21
N TRP D 247 -8.42 36.80 -0.34
CA TRP D 247 -8.72 35.57 0.38
C TRP D 247 -8.21 34.44 -0.53
N VAL D 248 -7.32 33.62 0.00
CA VAL D 248 -6.70 32.55 -0.79
C VAL D 248 -7.08 31.22 -0.13
N SER D 249 -7.61 30.27 -0.91
CA SER D 249 -7.91 28.91 -0.46
C SER D 249 -6.95 27.95 -1.14
N TYR D 250 -6.42 26.98 -0.37
CA TYR D 250 -5.56 25.96 -0.99
C TYR D 250 -5.83 24.60 -0.39
N GLN D 251 -5.66 23.57 -1.21
CA GLN D 251 -6.06 22.23 -0.80
C GLN D 251 -4.94 21.63 0.02
N HIS D 252 -5.29 20.97 1.12
CA HIS D 252 -4.34 20.34 2.03
C HIS D 252 -4.69 18.88 2.16
N SER D 253 -3.79 18.02 1.71
CA SER D 253 -4.07 16.57 1.67
C SER D 253 -4.18 15.99 3.07
N LEU D 254 -5.21 15.16 3.30
CA LEU D 254 -5.34 14.39 4.57
C LEU D 254 -4.90 12.92 4.44
N ALA D 255 -4.32 12.58 3.28
CA ALA D 255 -3.74 11.26 3.03
C ALA D 255 -2.35 11.18 3.63
N HIS D 256 -1.87 9.98 3.86
CA HIS D 256 -0.51 9.82 4.33
C HIS D 256 0.31 9.49 3.07
N TYR D 257 1.38 10.24 2.85
CA TYR D 257 2.09 10.12 1.58
C TYR D 257 3.59 10.31 1.79
N ALA D 258 4.38 9.97 0.77
CA ALA D 258 5.83 10.05 0.85
C ALA D 258 6.28 11.51 0.75
N GLY D 259 7.28 11.88 1.55
CA GLY D 259 7.90 13.20 1.46
C GLY D 259 7.54 13.94 2.73
N PRO D 260 7.87 15.25 2.81
CA PRO D 260 8.58 16.02 1.78
C PRO D 260 10.09 15.81 1.72
N TRP D 261 10.69 16.22 0.61
CA TRP D 261 12.11 16.29 0.46
C TRP D 261 12.40 17.72 -0.01
N LEU D 262 13.67 18.06 -0.21
CA LEU D 262 14.07 19.40 -0.59
C LEU D 262 14.58 19.44 -2.02
N TYR D 263 14.05 20.39 -2.79
CA TYR D 263 14.49 20.59 -4.16
C TYR D 263 15.97 21.01 -4.13
N ASP D 264 16.78 20.43 -5.01
CA ASP D 264 18.21 20.74 -5.15
C ASP D 264 18.52 20.81 -6.64
N GLU D 265 19.05 21.93 -7.12
CA GLU D 265 19.23 22.09 -8.59
C GLU D 265 20.09 21.02 -9.26
N ASN D 266 21.14 20.59 -8.56
CA ASN D 266 22.08 19.51 -9.02
C ASN D 266 21.32 18.16 -9.13
N ILE D 267 20.41 17.91 -8.20
CA ILE D 267 19.65 16.65 -8.21
C ILE D 267 18.55 16.68 -9.32
N SER D 268 17.90 17.85 -9.49
CA SER D 268 16.92 18.10 -10.55
C SER D 268 17.50 17.92 -11.95
N CYS D 269 18.64 18.56 -12.23
CA CYS D 269 19.23 18.42 -13.56
C CYS D 269 20.68 17.97 -13.48
N PRO D 270 20.91 16.66 -13.36
CA PRO D 270 22.29 16.16 -13.23
C PRO D 270 23.16 16.40 -14.48
N THR D 271 24.47 16.53 -14.30
CA THR D 271 25.42 16.73 -15.40
C THR D 271 26.19 15.46 -15.65
N MET E 1 -28.13 -17.34 -17.59
CA MET E 1 -27.81 -17.46 -16.14
C MET E 1 -26.44 -16.84 -15.85
N LEU E 2 -26.43 -15.96 -14.86
CA LEU E 2 -25.18 -15.48 -14.23
C LEU E 2 -25.28 -15.63 -12.70
N LEU E 3 -24.41 -16.44 -12.12
CA LEU E 3 -24.32 -16.56 -10.66
C LEU E 3 -23.01 -15.97 -10.12
N ALA E 4 -23.10 -15.20 -9.03
CA ALA E 4 -21.91 -14.77 -8.30
C ALA E 4 -21.78 -15.74 -7.15
N HIS E 5 -20.62 -16.35 -7.03
CA HIS E 5 -20.49 -17.42 -6.07
C HIS E 5 -19.33 -17.08 -5.13
N ILE E 6 -19.67 -16.82 -3.86
CA ILE E 6 -18.70 -16.51 -2.84
C ILE E 6 -18.73 -17.63 -1.81
N SER E 7 -17.75 -17.69 -0.93
CA SER E 7 -17.67 -18.79 0.02
C SER E 7 -16.87 -18.42 1.24
N ASP E 8 -17.12 -19.17 2.32
CA ASP E 8 -16.36 -19.09 3.55
C ASP E 8 -16.19 -17.67 4.06
N THR E 9 -17.31 -17.03 4.36
CA THR E 9 -17.28 -15.66 4.83
C THR E 9 -16.79 -15.51 6.30
N HIS E 10 -16.98 -16.53 7.15
CA HIS E 10 -16.48 -16.50 8.52
C HIS E 10 -16.84 -15.24 9.32
N PHE E 11 -18.08 -14.81 9.22
CA PHE E 11 -18.57 -13.68 10.01
C PHE E 11 -18.32 -13.90 11.49
N ARG E 12 -17.96 -12.80 12.16
CA ARG E 12 -17.81 -12.77 13.61
C ARG E 12 -18.90 -11.88 14.16
N SER E 13 -19.04 -11.89 15.49
CA SER E 13 -20.01 -11.03 16.17
C SER E 13 -19.64 -9.57 16.04
N ARG E 14 -20.61 -8.71 16.36
CA ARG E 14 -20.51 -7.29 16.16
C ARG E 14 -19.25 -6.71 16.85
N GLY E 15 -18.51 -5.91 16.09
CA GLY E 15 -17.24 -5.35 16.57
C GLY E 15 -16.06 -6.31 16.76
N GLU E 16 -16.23 -7.59 16.51
CA GLU E 16 -15.09 -8.50 16.65
C GLU E 16 -14.39 -8.72 15.33
N LYS E 17 -13.09 -9.04 15.42
CA LYS E 17 -12.29 -9.40 14.28
C LYS E 17 -11.85 -10.87 14.39
N LEU E 18 -11.64 -11.49 13.25
CA LEU E 18 -11.18 -12.87 13.18
C LEU E 18 -9.74 -12.94 13.69
N TYR E 19 -9.53 -13.83 14.66
CA TYR E 19 -8.24 -13.99 15.33
C TYR E 19 -7.77 -12.71 15.98
N GLY E 20 -8.69 -11.76 16.16
CA GLY E 20 -8.38 -10.51 16.82
C GLY E 20 -7.84 -9.47 15.85
N PHE E 21 -7.56 -9.83 14.60
CA PHE E 21 -6.98 -8.83 13.69
C PHE E 21 -7.42 -8.80 12.23
N ILE E 22 -8.14 -9.81 11.76
CA ILE E 22 -8.64 -9.78 10.38
C ILE E 22 -10.11 -9.30 10.40
N ASP E 23 -10.39 -8.10 9.87
CA ASP E 23 -11.76 -7.56 9.91
C ASP E 23 -12.69 -8.20 8.86
N VAL E 24 -13.10 -9.46 9.10
CA VAL E 24 -13.99 -10.21 8.21
C VAL E 24 -15.31 -9.50 8.01
N ASN E 25 -15.87 -8.92 9.07
CA ASN E 25 -17.18 -8.24 8.91
C ASN E 25 -17.12 -7.05 7.93
N ALA E 26 -16.09 -6.22 8.07
CA ALA E 26 -15.86 -5.12 7.12
C ALA E 26 -15.52 -5.61 5.73
N ALA E 27 -14.60 -6.59 5.61
CA ALA E 27 -14.23 -7.12 4.30
C ALA E 27 -15.47 -7.67 3.56
N ASN E 28 -16.33 -8.38 4.29
CA ASN E 28 -17.55 -8.94 3.73
C ASN E 28 -18.57 -7.85 3.38
N ALA E 29 -18.65 -6.80 4.18
CA ALA E 29 -19.55 -5.68 3.83
C ALA E 29 -19.08 -4.95 2.56
N ASP E 30 -17.75 -4.85 2.37
CA ASP E 30 -17.16 -4.32 1.16
C ASP E 30 -17.52 -5.22 -0.05
N VAL E 31 -17.31 -6.54 0.08
CA VAL E 31 -17.76 -7.52 -0.91
C VAL E 31 -19.23 -7.37 -1.30
N VAL E 32 -20.12 -7.26 -0.31
CA VAL E 32 -21.53 -7.14 -0.60
C VAL E 32 -21.77 -5.87 -1.40
N SER E 33 -21.11 -4.77 -1.03
CA SER E 33 -21.26 -3.52 -1.81
C SER E 33 -20.66 -3.63 -3.22
N GLN E 34 -19.55 -4.35 -3.36
CA GLN E 34 -19.03 -4.64 -4.69
C GLN E 34 -20.04 -5.40 -5.56
N LEU E 35 -20.64 -6.45 -4.99
CA LEU E 35 -21.61 -7.31 -5.74
C LEU E 35 -22.82 -6.47 -6.14
N ASN E 36 -23.29 -5.62 -5.22
CA ASN E 36 -24.40 -4.70 -5.51
C ASN E 36 -24.12 -3.68 -6.60
N ALA E 37 -22.84 -3.38 -6.81
CA ALA E 37 -22.42 -2.35 -7.75
C ALA E 37 -22.03 -2.90 -9.11
N LEU E 38 -22.13 -4.20 -9.31
CA LEU E 38 -21.78 -4.79 -10.61
C LEU E 38 -22.66 -4.24 -11.75
N ARG E 39 -22.03 -3.93 -12.88
CA ARG E 39 -22.75 -3.48 -14.09
C ARG E 39 -23.57 -4.59 -14.74
N GLU E 40 -22.94 -5.73 -14.95
CA GLU E 40 -23.62 -6.91 -15.40
C GLU E 40 -24.10 -7.68 -14.16
N ARG E 41 -25.36 -7.47 -13.80
CA ARG E 41 -25.88 -8.00 -12.52
C ARG E 41 -26.19 -9.50 -12.58
N PRO E 42 -25.67 -10.26 -11.60
CA PRO E 42 -26.01 -11.70 -11.53
C PRO E 42 -27.52 -11.88 -11.26
N ASP E 43 -28.03 -13.07 -11.53
CA ASP E 43 -29.40 -13.47 -11.26
C ASP E 43 -29.60 -13.90 -9.82
N ALA E 44 -28.50 -14.31 -9.21
CA ALA E 44 -28.49 -14.79 -7.83
C ALA E 44 -27.05 -14.83 -7.31
N VAL E 45 -26.92 -14.83 -5.97
CA VAL E 45 -25.66 -14.98 -5.27
C VAL E 45 -25.69 -16.30 -4.48
N VAL E 46 -24.68 -17.11 -4.70
CA VAL E 46 -24.46 -18.34 -3.93
C VAL E 46 -23.41 -18.12 -2.83
N VAL E 47 -23.70 -18.56 -1.60
CA VAL E 47 -22.68 -18.54 -0.54
C VAL E 47 -22.44 -19.95 0.02
N SER E 48 -21.34 -20.58 -0.36
CA SER E 48 -21.18 -22.00 -0.09
C SER E 48 -20.60 -22.43 1.26
N GLY E 49 -21.15 -21.92 2.35
CA GLY E 49 -20.82 -22.49 3.65
C GLY E 49 -19.74 -21.78 4.42
N ASP E 50 -19.55 -22.21 5.68
CA ASP E 50 -18.78 -21.49 6.71
C ASP E 50 -19.16 -20.02 6.66
N ILE E 51 -20.46 -19.76 6.82
CA ILE E 51 -20.98 -18.39 6.82
C ILE E 51 -20.50 -17.64 8.08
N VAL E 52 -20.56 -18.31 9.24
CA VAL E 52 -20.00 -17.75 10.46
C VAL E 52 -18.73 -18.49 10.90
N ASN E 53 -17.96 -17.93 11.81
CA ASN E 53 -16.72 -18.57 12.25
C ASN E 53 -16.89 -19.59 13.40
N CYS E 54 -17.83 -19.34 14.31
CA CYS E 54 -17.87 -20.04 15.60
C CYS E 54 -19.20 -20.69 15.87
N GLY E 55 -20.14 -20.48 14.94
CA GLY E 55 -21.53 -20.96 15.04
C GLY E 55 -22.31 -20.30 16.16
N ARG E 56 -22.07 -19.01 16.39
CA ARG E 56 -22.69 -18.31 17.53
C ARG E 56 -23.82 -17.41 17.02
N PRO E 57 -24.88 -17.24 17.85
CA PRO E 57 -26.06 -16.45 17.50
C PRO E 57 -25.77 -15.01 17.02
N GLU E 58 -24.84 -14.31 17.71
CA GLU E 58 -24.43 -12.95 17.32
C GLU E 58 -23.65 -12.86 16.02
N GLU E 59 -22.93 -13.92 15.67
CA GLU E 59 -22.35 -14.04 14.32
C GLU E 59 -23.44 -14.15 13.26
N TYR E 60 -24.45 -14.97 13.53
CA TYR E 60 -25.59 -15.05 12.61
C TYR E 60 -26.34 -13.74 12.50
N GLN E 61 -26.37 -12.95 13.59
CA GLN E 61 -27.07 -11.65 13.49
C GLN E 61 -26.38 -10.70 12.50
N VAL E 62 -25.04 -10.70 12.53
CA VAL E 62 -24.21 -9.94 11.61
C VAL E 62 -24.36 -10.50 10.18
N ALA E 63 -24.26 -11.83 10.03
CA ALA E 63 -24.43 -12.46 8.70
C ALA E 63 -25.77 -12.11 8.03
N ARG E 64 -26.86 -12.21 8.81
CA ARG E 64 -28.21 -11.88 8.35
C ARG E 64 -28.32 -10.43 7.90
N GLN E 65 -27.75 -9.52 8.67
CA GLN E 65 -27.74 -8.12 8.27
C GLN E 65 -26.89 -7.81 7.04
N ILE E 66 -25.70 -8.38 6.96
CA ILE E 66 -24.79 -8.07 5.84
C ILE E 66 -25.22 -8.81 4.59
N LEU E 67 -25.41 -10.12 4.69
CA LEU E 67 -25.93 -10.88 3.55
C LEU E 67 -27.33 -10.41 3.14
N GLY E 68 -28.14 -10.02 4.11
CA GLY E 68 -29.45 -9.48 3.84
C GLY E 68 -29.46 -8.18 3.07
N SER E 69 -28.29 -7.53 2.92
CA SER E 69 -28.22 -6.27 2.21
C SER E 69 -27.82 -6.43 0.74
N LEU E 70 -27.56 -7.68 0.35
CA LEU E 70 -27.35 -8.02 -1.07
C LEU E 70 -28.66 -7.81 -1.82
N ASN E 71 -28.57 -7.16 -2.96
CA ASN E 71 -29.78 -6.89 -3.78
C ASN E 71 -30.04 -7.99 -4.79
N TYR E 72 -30.01 -9.23 -4.31
CA TYR E 72 -30.12 -10.43 -5.16
C TYR E 72 -30.83 -11.52 -4.41
N PRO E 73 -31.54 -12.43 -5.11
CA PRO E 73 -31.95 -13.71 -4.46
C PRO E 73 -30.71 -14.47 -4.01
N LEU E 74 -30.78 -15.12 -2.85
CA LEU E 74 -29.62 -15.81 -2.30
C LEU E 74 -29.82 -17.31 -2.19
N TYR E 75 -28.74 -18.05 -2.43
CA TYR E 75 -28.69 -19.48 -2.16
C TYR E 75 -27.58 -19.78 -1.17
N LEU E 76 -27.98 -20.17 0.04
CA LEU E 76 -27.05 -20.36 1.13
C LEU E 76 -26.98 -21.79 1.57
N ILE E 77 -25.77 -22.27 1.80
CA ILE E 77 -25.59 -23.59 2.40
C ILE E 77 -24.61 -23.52 3.57
N PRO E 78 -24.70 -24.47 4.51
CA PRO E 78 -23.80 -24.44 5.66
C PRO E 78 -22.46 -25.12 5.44
N GLY E 79 -21.45 -24.75 6.24
CA GLY E 79 -20.24 -25.54 6.36
C GLY E 79 -20.05 -26.03 7.78
N ASN E 80 -18.89 -26.62 8.06
CA ASN E 80 -18.60 -27.15 9.38
C ASN E 80 -18.58 -26.09 10.51
N HIS E 81 -18.23 -24.86 10.18
CA HIS E 81 -18.19 -23.76 11.15
C HIS E 81 -19.60 -23.27 11.51
N ASP E 82 -20.59 -23.63 10.70
CA ASP E 82 -21.98 -23.24 10.96
C ASP E 82 -22.61 -24.13 12.02
N ASP E 83 -23.67 -23.63 12.63
CA ASP E 83 -24.56 -24.45 13.49
C ASP E 83 -25.91 -24.58 12.80
N LYS E 84 -26.29 -25.83 12.49
CA LYS E 84 -27.49 -26.10 11.64
C LYS E 84 -28.77 -25.44 12.14
N ALA E 85 -29.08 -25.58 13.43
CA ALA E 85 -30.29 -24.96 13.98
C ALA E 85 -30.27 -23.42 13.87
N LEU E 86 -29.15 -22.78 14.22
CA LEU E 86 -29.10 -21.32 14.19
C LEU E 86 -29.04 -20.83 12.77
N PHE E 87 -28.36 -21.58 11.90
CA PHE E 87 -28.35 -21.30 10.46
C PHE E 87 -29.79 -21.26 9.93
N LEU E 88 -30.55 -22.31 10.22
CA LEU E 88 -31.95 -22.32 9.82
C LEU E 88 -32.73 -21.13 10.42
N GLU E 89 -32.58 -20.89 11.72
CA GLU E 89 -33.31 -19.81 12.38
C GLU E 89 -33.01 -18.43 11.81
N TYR E 90 -31.73 -18.13 11.59
CA TYR E 90 -31.36 -16.79 11.13
C TYR E 90 -31.32 -16.61 9.64
N LEU E 91 -31.01 -17.67 8.90
CA LEU E 91 -30.74 -17.50 7.47
C LEU E 91 -31.82 -18.02 6.50
N GLN E 92 -32.58 -19.02 6.94
CA GLN E 92 -33.70 -19.53 6.14
C GLN E 92 -34.61 -18.42 5.56
N PRO E 93 -35.03 -17.41 6.36
CA PRO E 93 -35.78 -16.33 5.71
C PRO E 93 -35.12 -15.71 4.46
N LEU E 94 -33.80 -15.73 4.37
CA LEU E 94 -33.10 -15.21 3.18
C LEU E 94 -33.02 -16.25 2.06
N CYS E 95 -33.18 -17.51 2.42
CA CYS E 95 -33.22 -18.59 1.47
C CYS E 95 -34.27 -19.61 1.89
N PRO E 96 -35.58 -19.31 1.69
CA PRO E 96 -36.72 -20.12 2.21
C PRO E 96 -36.82 -21.50 1.59
N GLN E 97 -36.32 -21.66 0.37
CA GLN E 97 -36.37 -22.97 -0.29
C GLN E 97 -35.56 -24.09 0.39
N LEU E 98 -34.75 -23.75 1.40
CA LEU E 98 -34.05 -24.76 2.17
C LEU E 98 -35.03 -25.63 2.98
N GLY E 99 -36.20 -25.08 3.27
CA GLY E 99 -37.22 -25.80 4.04
C GLY E 99 -37.13 -25.43 5.51
N SER E 100 -37.66 -26.27 6.38
CA SER E 100 -37.78 -25.92 7.77
C SER E 100 -37.34 -27.07 8.66
N ASP E 101 -36.58 -27.99 8.08
CA ASP E 101 -35.88 -29.02 8.82
C ASP E 101 -34.36 -28.71 8.79
N ALA E 102 -33.82 -28.27 9.93
CA ALA E 102 -32.40 -27.95 10.06
C ALA E 102 -31.48 -29.14 9.68
N ASN E 103 -32.01 -30.35 9.78
CA ASN E 103 -31.20 -31.54 9.51
C ASN E 103 -31.24 -32.04 8.08
N ASN E 104 -32.07 -31.44 7.27
CA ASN E 104 -32.25 -31.85 5.86
C ASN E 104 -32.39 -30.60 5.01
N MET E 105 -31.46 -29.65 5.18
CA MET E 105 -31.49 -28.42 4.39
C MET E 105 -30.84 -28.69 3.05
N ARG E 106 -31.60 -28.47 2.00
CA ARG E 106 -31.13 -28.63 0.63
C ARG E 106 -32.19 -28.11 -0.32
N CYS E 107 -31.83 -27.87 -1.58
CA CYS E 107 -32.84 -27.44 -2.55
C CYS E 107 -32.39 -27.56 -3.98
N ALA E 108 -33.37 -27.78 -4.88
CA ALA E 108 -33.14 -27.77 -6.31
C ALA E 108 -33.72 -26.53 -6.96
N VAL E 109 -33.01 -25.97 -7.94
CA VAL E 109 -33.45 -24.77 -8.66
C VAL E 109 -33.49 -25.13 -10.14
N ASP E 110 -34.58 -24.74 -10.79
CA ASP E 110 -34.86 -25.16 -12.16
C ASP E 110 -35.14 -24.01 -13.11
N ASP E 111 -34.92 -22.79 -12.62
CA ASP E 111 -35.08 -21.59 -13.44
C ASP E 111 -34.21 -21.51 -14.68
N PHE E 112 -33.09 -22.24 -14.72
CA PHE E 112 -32.05 -22.00 -15.75
C PHE E 112 -31.83 -23.21 -16.64
N ALA E 113 -31.01 -23.08 -17.68
CA ALA E 113 -30.75 -24.21 -18.57
C ALA E 113 -30.10 -25.40 -17.84
N THR E 114 -29.39 -25.13 -16.75
CA THR E 114 -28.76 -26.16 -15.95
C THR E 114 -29.42 -26.16 -14.58
N ARG E 115 -29.75 -27.37 -14.11
CA ARG E 115 -30.32 -27.57 -12.80
C ARG E 115 -29.29 -27.33 -11.68
N LEU E 116 -29.71 -26.60 -10.63
CA LEU E 116 -28.84 -26.33 -9.50
C LEU E 116 -29.31 -27.11 -8.31
N LEU E 117 -28.40 -27.86 -7.71
CA LEU E 117 -28.69 -28.66 -6.52
C LEU E 117 -27.80 -28.22 -5.37
N PHE E 118 -28.40 -27.74 -4.30
CA PHE E 118 -27.69 -27.23 -3.15
C PHE E 118 -27.89 -28.20 -2.01
N ILE E 119 -26.79 -28.65 -1.39
CA ILE E 119 -26.90 -29.62 -0.31
C ILE E 119 -26.05 -29.23 0.90
N ASP E 120 -26.27 -29.93 2.01
CA ASP E 120 -25.55 -29.72 3.27
C ASP E 120 -24.63 -30.93 3.54
N SER E 121 -23.31 -30.71 3.45
CA SER E 121 -22.36 -31.78 3.70
C SER E 121 -21.77 -31.71 5.12
N SER E 122 -22.18 -30.69 5.89
CA SER E 122 -21.62 -30.52 7.24
C SER E 122 -22.24 -31.50 8.23
N ARG E 123 -21.45 -31.87 9.23
CA ARG E 123 -21.86 -32.80 10.25
C ARG E 123 -21.47 -32.26 11.62
N ALA E 124 -22.44 -32.28 12.54
CA ALA E 124 -22.27 -31.83 13.91
C ALA E 124 -21.11 -32.54 14.61
N GLY E 125 -20.26 -31.76 15.26
CA GLY E 125 -19.15 -32.32 16.03
C GLY E 125 -17.93 -32.71 15.22
N THR E 126 -17.86 -32.31 13.96
CA THR E 126 -16.68 -32.68 13.15
C THR E 126 -16.37 -31.63 12.09
N SER E 127 -15.09 -31.49 11.75
CA SER E 127 -14.68 -30.72 10.55
C SER E 127 -14.94 -31.50 9.26
N LYS E 128 -14.97 -32.83 9.37
CA LYS E 128 -15.21 -33.71 8.20
C LYS E 128 -16.58 -33.53 7.56
N GLY E 129 -16.65 -33.74 6.26
CA GLY E 129 -17.94 -33.79 5.56
C GLY E 129 -18.61 -35.15 5.65
N TRP E 130 -19.93 -35.16 5.56
CA TRP E 130 -20.69 -36.42 5.52
C TRP E 130 -21.96 -36.26 4.68
N LEU E 131 -22.18 -37.19 3.75
CA LEU E 131 -23.41 -37.21 2.98
C LEU E 131 -24.39 -38.16 3.64
N THR E 132 -25.52 -37.66 4.15
CA THR E 132 -26.52 -38.56 4.76
C THR E 132 -27.22 -39.41 3.69
N ASP E 133 -27.83 -40.52 4.12
CA ASP E 133 -28.67 -41.34 3.25
C ASP E 133 -29.76 -40.52 2.59
N GLU E 134 -30.38 -39.63 3.34
CA GLU E 134 -31.44 -38.77 2.81
C GLU E 134 -30.94 -37.90 1.67
N THR E 135 -29.79 -37.27 1.87
CA THR E 135 -29.21 -36.36 0.86
C THR E 135 -28.90 -37.14 -0.42
N ILE E 136 -28.34 -38.34 -0.28
CA ILE E 136 -28.00 -39.16 -1.44
C ILE E 136 -29.21 -39.63 -2.24
N SER E 137 -30.28 -40.05 -1.54
CA SER E 137 -31.52 -40.46 -2.20
C SER E 137 -32.17 -39.29 -2.91
N TRP E 138 -32.21 -38.14 -2.25
CA TRP E 138 -32.80 -36.94 -2.83
C TRP E 138 -32.03 -36.59 -4.12
N LEU E 139 -30.71 -36.76 -4.07
CA LEU E 139 -29.80 -36.44 -5.19
C LEU E 139 -30.02 -37.40 -6.36
N GLU E 140 -30.09 -38.69 -6.02
CA GLU E 140 -30.44 -39.70 -7.02
C GLU E 140 -31.81 -39.44 -7.66
N ALA E 141 -32.79 -39.08 -6.85
CA ALA E 141 -34.12 -38.81 -7.37
C ALA E 141 -34.13 -37.60 -8.29
N GLN E 142 -33.51 -36.50 -7.85
CA GLN E 142 -33.37 -35.30 -8.67
C GLN E 142 -32.73 -35.60 -10.03
N LEU E 143 -31.75 -36.50 -10.04
CA LEU E 143 -30.95 -36.76 -11.24
C LEU E 143 -31.68 -37.73 -12.19
N PHE E 144 -32.53 -38.59 -11.62
CA PHE E 144 -33.44 -39.45 -12.38
C PHE E 144 -34.50 -38.60 -13.07
N GLU E 145 -35.19 -37.79 -12.28
CA GLU E 145 -36.21 -36.88 -12.79
C GLU E 145 -35.67 -35.92 -13.85
N GLY E 146 -34.42 -35.46 -13.70
CA GLY E 146 -33.88 -34.43 -14.57
C GLY E 146 -33.57 -34.92 -15.98
N GLY E 147 -33.29 -36.21 -16.12
CA GLY E 147 -32.99 -36.79 -17.43
C GLY E 147 -31.72 -36.19 -18.02
N ASP E 148 -31.84 -35.67 -19.24
CA ASP E 148 -30.67 -35.14 -19.95
C ASP E 148 -30.44 -33.62 -19.69
N LYS E 149 -31.15 -33.08 -18.70
CA LYS E 149 -30.92 -31.70 -18.28
C LYS E 149 -29.65 -31.68 -17.43
N PRO E 150 -28.68 -30.77 -17.75
CA PRO E 150 -27.43 -30.76 -16.97
C PRO E 150 -27.68 -30.32 -15.53
N ALA E 151 -26.84 -30.83 -14.62
CA ALA E 151 -26.95 -30.53 -13.22
C ALA E 151 -25.61 -30.06 -12.67
N THR E 152 -25.68 -29.06 -11.78
CA THR E 152 -24.56 -28.62 -10.94
C THR E 152 -24.92 -28.79 -9.46
N ILE E 153 -24.01 -29.38 -8.70
CA ILE E 153 -24.15 -29.49 -7.24
C ILE E 153 -23.23 -28.46 -6.54
N PHE E 154 -23.79 -27.76 -5.55
CA PHE E 154 -23.01 -26.92 -4.65
C PHE E 154 -23.07 -27.58 -3.28
N MET E 155 -21.90 -27.76 -2.67
CA MET E 155 -21.78 -28.38 -1.37
C MET E 155 -20.59 -27.75 -0.62
N HIS E 156 -20.54 -27.84 0.71
CA HIS E 156 -19.35 -27.29 1.38
C HIS E 156 -18.04 -28.08 1.16
N HIS E 157 -18.08 -29.38 1.44
CA HIS E 157 -16.88 -30.21 1.48
C HIS E 157 -16.58 -30.84 0.13
N PRO E 158 -15.29 -30.87 -0.26
CA PRO E 158 -14.95 -31.54 -1.52
C PRO E 158 -15.15 -33.06 -1.41
N PRO E 159 -15.65 -33.69 -2.49
CA PRO E 159 -16.03 -35.11 -2.57
C PRO E 159 -14.86 -36.08 -2.67
N LEU E 160 -13.64 -35.56 -2.87
CA LEU E 160 -12.47 -36.43 -3.04
C LEU E 160 -11.19 -35.77 -2.52
N PRO E 161 -10.17 -36.59 -2.16
CA PRO E 161 -8.83 -36.05 -1.85
C PRO E 161 -8.31 -35.16 -2.98
N LEU E 162 -7.68 -34.03 -2.61
CA LEU E 162 -7.04 -33.14 -3.60
C LEU E 162 -5.52 -33.00 -3.43
N GLY E 163 -4.97 -33.73 -2.47
CA GLY E 163 -3.54 -33.77 -2.19
C GLY E 163 -3.09 -32.66 -1.25
N ASN E 164 -4.05 -31.92 -0.72
CA ASN E 164 -3.79 -30.82 0.19
C ASN E 164 -3.65 -31.36 1.61
N ALA E 165 -2.44 -31.29 2.17
CA ALA E 165 -2.12 -31.98 3.42
C ALA E 165 -3.03 -31.54 4.57
N GLN E 166 -3.29 -30.25 4.65
CA GLN E 166 -4.11 -29.70 5.72
C GLN E 166 -5.60 -30.03 5.54
N MET E 167 -6.05 -30.09 4.30
CA MET E 167 -7.48 -30.14 3.97
C MET E 167 -8.01 -31.56 3.69
N ASP E 168 -7.16 -32.41 3.09
CA ASP E 168 -7.58 -33.76 2.71
C ASP E 168 -8.24 -34.56 3.88
N PRO E 169 -7.62 -34.57 5.10
CA PRO E 169 -8.22 -35.35 6.20
C PRO E 169 -9.62 -34.87 6.58
N ILE E 170 -9.95 -33.64 6.24
CA ILE E 170 -11.26 -33.08 6.61
C ILE E 170 -12.18 -32.83 5.42
N ALA E 171 -11.96 -33.57 4.33
CA ALA E 171 -12.85 -33.58 3.16
C ALA E 171 -14.13 -34.37 3.48
N CYS E 172 -14.98 -34.59 2.46
CA CYS E 172 -16.18 -35.44 2.60
C CYS E 172 -15.81 -36.90 2.84
N GLU E 173 -16.07 -37.38 4.06
CA GLU E 173 -15.59 -38.70 4.49
C GLU E 173 -16.12 -39.86 3.63
N ASN E 174 -17.36 -39.74 3.18
CA ASN E 174 -17.98 -40.72 2.29
C ASN E 174 -18.24 -40.09 0.91
N GLY E 175 -17.30 -39.26 0.46
CA GLY E 175 -17.35 -38.67 -0.87
C GLY E 175 -17.53 -39.64 -2.03
N HIS E 176 -17.07 -40.88 -1.86
CA HIS E 176 -17.21 -41.96 -2.88
C HIS E 176 -18.64 -42.16 -3.38
N ARG E 177 -19.61 -41.91 -2.51
CA ARG E 177 -21.03 -42.03 -2.85
C ARG E 177 -21.49 -40.96 -3.82
N LEU E 178 -20.89 -39.78 -3.75
CA LEU E 178 -21.19 -38.76 -4.75
C LEU E 178 -20.44 -39.06 -6.06
N LEU E 179 -19.23 -39.58 -5.96
CA LEU E 179 -18.50 -39.98 -7.15
C LEU E 179 -19.20 -41.11 -7.93
N ALA E 180 -19.86 -42.01 -7.18
CA ALA E 180 -20.72 -43.06 -7.73
C ALA E 180 -21.84 -42.42 -8.53
N LEU E 181 -22.40 -41.34 -8.01
CA LEU E 181 -23.45 -40.63 -8.73
C LEU E 181 -22.95 -40.02 -10.05
N VAL E 182 -21.73 -39.47 -10.04
CA VAL E 182 -21.09 -38.94 -11.26
C VAL E 182 -20.93 -40.04 -12.34
N GLU E 183 -20.49 -41.23 -11.94
CA GLU E 183 -20.39 -42.36 -12.88
C GLU E 183 -21.75 -42.72 -13.48
N ARG E 184 -22.79 -42.78 -12.64
CA ARG E 184 -24.11 -43.23 -13.07
C ARG E 184 -24.88 -42.23 -13.91
N PHE E 185 -24.68 -40.94 -13.63
CA PHE E 185 -25.48 -39.88 -14.25
C PHE E 185 -24.63 -38.91 -15.04
N PRO E 186 -24.53 -39.11 -16.37
CA PRO E 186 -23.78 -38.25 -17.29
C PRO E 186 -24.21 -36.79 -17.26
N SER E 187 -25.45 -36.52 -16.82
CA SER E 187 -25.94 -35.15 -16.67
C SER E 187 -25.23 -34.33 -15.58
N LEU E 188 -24.65 -35.00 -14.60
CA LEU E 188 -24.00 -34.31 -13.50
C LEU E 188 -22.59 -33.93 -13.94
N THR E 189 -22.42 -32.66 -14.34
CA THR E 189 -21.18 -32.15 -14.90
C THR E 189 -20.44 -31.10 -14.04
N ARG E 190 -21.06 -30.57 -12.97
CA ARG E 190 -20.29 -29.68 -12.06
C ARG E 190 -20.48 -29.99 -10.57
N ILE E 191 -19.38 -29.95 -9.83
CA ILE E 191 -19.46 -29.96 -8.36
C ILE E 191 -18.58 -28.82 -7.84
N PHE E 192 -19.23 -27.81 -7.25
CA PHE E 192 -18.52 -26.66 -6.65
C PHE E 192 -18.60 -26.67 -5.12
N CYS E 193 -17.42 -26.46 -4.49
CA CYS E 193 -17.24 -26.62 -3.03
C CYS E 193 -16.56 -25.44 -2.39
N GLY E 194 -16.81 -25.28 -1.09
CA GLY E 194 -16.04 -24.32 -0.25
C GLY E 194 -14.94 -25.05 0.51
N HIS E 195 -14.75 -24.65 1.77
CA HIS E 195 -13.88 -25.38 2.74
C HIS E 195 -12.35 -25.18 2.62
N ASN E 196 -11.83 -25.28 1.39
CA ASN E 196 -10.37 -25.25 1.17
C ASN E 196 -9.76 -23.85 1.11
N HIS E 197 -10.60 -22.81 0.97
CA HIS E 197 -10.13 -21.41 0.89
C HIS E 197 -9.00 -21.32 -0.18
N SER E 198 -9.28 -21.87 -1.36
CA SER E 198 -8.34 -21.99 -2.46
C SER E 198 -9.07 -22.34 -3.76
N LEU E 199 -8.63 -21.77 -4.87
CA LEU E 199 -9.11 -22.25 -6.15
C LEU E 199 -8.29 -23.49 -6.50
N THR E 200 -8.89 -24.65 -6.27
CA THR E 200 -8.33 -25.95 -6.61
C THR E 200 -9.32 -26.71 -7.49
N MET E 201 -8.86 -27.22 -8.64
CA MET E 201 -9.78 -27.84 -9.60
C MET E 201 -9.28 -29.18 -10.18
N THR E 202 -10.22 -30.08 -10.39
CA THR E 202 -9.97 -31.42 -10.94
C THR E 202 -11.23 -31.87 -11.70
N GLN E 203 -11.13 -33.00 -12.40
CA GLN E 203 -12.14 -33.51 -13.27
C GLN E 203 -12.29 -35.00 -12.91
N TYR E 204 -13.52 -35.45 -12.69
CA TYR E 204 -13.76 -36.87 -12.46
C TYR E 204 -14.82 -37.31 -13.47
N ARG E 205 -14.46 -38.18 -14.40
CA ARG E 205 -15.32 -38.45 -15.58
C ARG E 205 -15.78 -37.14 -16.26
N GLN E 206 -17.10 -36.95 -16.40
CA GLN E 206 -17.66 -35.75 -17.06
C GLN E 206 -17.76 -34.51 -16.14
N ALA E 207 -17.52 -34.69 -14.84
CA ALA E 207 -17.71 -33.61 -13.86
C ALA E 207 -16.44 -32.82 -13.63
N LEU E 208 -16.53 -31.50 -13.77
CA LEU E 208 -15.54 -30.55 -13.20
C LEU E 208 -15.85 -30.32 -11.71
N ILE E 209 -14.85 -30.52 -10.85
CA ILE E 209 -14.97 -30.36 -9.41
C ILE E 209 -13.94 -29.27 -8.96
N SER E 210 -14.44 -28.20 -8.34
CA SER E 210 -13.59 -27.06 -7.94
C SER E 210 -13.95 -26.57 -6.53
N THR E 211 -12.93 -26.32 -5.70
CA THR E 211 -13.14 -25.56 -4.48
C THR E 211 -12.94 -24.08 -4.86
N LEU E 212 -13.44 -23.18 -4.01
CA LEU E 212 -13.36 -21.72 -4.21
C LEU E 212 -12.44 -21.00 -3.19
N PRO E 213 -11.83 -19.85 -3.58
CA PRO E 213 -11.18 -19.00 -2.57
C PRO E 213 -12.25 -18.51 -1.55
N GLY E 214 -11.81 -18.05 -0.40
CA GLY E 214 -12.73 -17.42 0.56
C GLY E 214 -12.86 -15.96 0.22
N THR E 215 -13.80 -15.26 0.88
CA THR E 215 -13.99 -13.84 0.65
C THR E 215 -12.95 -12.99 1.38
N VAL E 216 -12.26 -13.59 2.37
CA VAL E 216 -11.30 -12.81 3.18
C VAL E 216 -9.92 -13.50 3.27
N HIS E 217 -9.76 -14.41 4.21
CA HIS E 217 -8.49 -15.11 4.34
C HIS E 217 -8.44 -16.39 3.49
N GLN E 218 -7.23 -16.81 3.09
CA GLN E 218 -7.04 -17.95 2.20
C GLN E 218 -6.19 -19.01 2.92
N VAL E 219 -6.21 -20.23 2.39
CA VAL E 219 -5.41 -21.34 2.96
C VAL E 219 -4.50 -21.83 1.83
N PRO E 220 -3.18 -21.72 2.04
CA PRO E 220 -2.26 -22.18 0.98
C PRO E 220 -2.32 -23.71 0.80
N TYR E 221 -2.04 -24.18 -0.40
CA TYR E 221 -2.02 -25.61 -0.69
C TYR E 221 -0.61 -26.10 -0.38
N CYS E 222 -0.48 -27.09 0.51
CA CYS E 222 0.81 -27.73 0.78
C CYS E 222 0.61 -29.21 0.68
N HIS E 223 1.53 -29.87 -0.01
CA HIS E 223 1.42 -31.30 -0.25
C HIS E 223 1.87 -32.15 0.93
N ALA E 224 2.94 -31.75 1.60
CA ALA E 224 3.42 -32.53 2.76
C ALA E 224 3.15 -31.86 4.10
N ASP E 225 3.31 -30.53 4.15
CA ASP E 225 3.30 -29.80 5.42
C ASP E 225 1.88 -29.67 5.99
N THR E 226 1.65 -30.20 7.19
CA THR E 226 0.30 -30.13 7.82
C THR E 226 0.11 -28.98 8.84
N ASP E 227 1.16 -28.18 9.11
CA ASP E 227 1.03 -26.90 9.86
C ASP E 227 -0.24 -26.17 9.34
N PRO E 228 -1.13 -25.74 10.25
CA PRO E 228 -2.41 -25.22 9.73
C PRO E 228 -2.32 -23.73 9.37
N TYR E 229 -1.74 -23.41 8.21
CA TYR E 229 -1.54 -22.02 7.83
C TYR E 229 -2.78 -21.33 7.28
N TYR E 230 -2.80 -20.00 7.35
CA TYR E 230 -3.77 -19.18 6.64
C TYR E 230 -3.06 -17.87 6.30
N ASP E 231 -3.61 -17.10 5.36
CA ASP E 231 -2.93 -15.90 4.93
C ASP E 231 -3.96 -14.93 4.39
N LEU E 232 -3.52 -13.71 4.11
CA LEU E 232 -4.38 -12.74 3.45
C LEU E 232 -3.96 -12.49 2.01
N SER E 233 -3.65 -13.57 1.27
CA SER E 233 -3.49 -13.47 -0.18
C SER E 233 -4.83 -13.04 -0.80
N PRO E 234 -4.81 -12.54 -2.04
CA PRO E 234 -6.02 -11.88 -2.55
C PRO E 234 -7.28 -12.75 -2.68
N ALA E 235 -8.41 -12.12 -2.39
CA ALA E 235 -9.69 -12.79 -2.33
C ALA E 235 -10.45 -12.60 -3.65
N SER E 236 -11.27 -13.58 -4.01
CA SER E 236 -12.06 -13.49 -5.22
C SER E 236 -13.34 -14.29 -5.06
N CYS E 237 -14.16 -14.21 -6.09
CA CYS E 237 -15.31 -15.08 -6.22
C CYS E 237 -15.29 -15.70 -7.61
N LEU E 238 -16.13 -16.69 -7.83
CA LEU E 238 -16.27 -17.31 -9.13
C LEU E 238 -17.59 -16.78 -9.67
N MET E 239 -17.59 -16.32 -10.91
CA MET E 239 -18.85 -16.01 -11.58
C MET E 239 -19.16 -17.23 -12.44
N HIS E 240 -20.42 -17.69 -12.44
CA HIS E 240 -20.83 -18.85 -13.27
C HIS E 240 -21.81 -18.36 -14.31
N ARG E 241 -21.50 -18.62 -15.57
CA ARG E 241 -22.34 -18.23 -16.67
C ARG E 241 -22.69 -19.36 -17.66
N GLN E 242 -23.96 -19.40 -18.06
CA GLN E 242 -24.42 -20.28 -19.15
C GLN E 242 -24.10 -19.66 -20.50
N VAL E 243 -23.16 -20.24 -21.24
CA VAL E 243 -22.80 -19.73 -22.56
C VAL E 243 -23.17 -20.81 -23.58
N GLY E 244 -24.33 -20.66 -24.23
CA GLY E 244 -24.93 -21.76 -25.02
C GLY E 244 -24.96 -23.04 -24.22
N GLU E 245 -24.38 -24.10 -24.77
CA GLU E 245 -24.31 -25.42 -24.11
C GLU E 245 -23.24 -25.54 -22.99
N GLN E 246 -22.37 -24.54 -22.86
CA GLN E 246 -21.28 -24.57 -21.84
C GLN E 246 -21.60 -23.80 -20.57
N TRP E 247 -21.30 -24.41 -19.45
CA TRP E 247 -21.29 -23.70 -18.19
C TRP E 247 -19.85 -23.22 -17.99
N VAL E 248 -19.70 -21.90 -17.86
CA VAL E 248 -18.39 -21.26 -17.84
C VAL E 248 -18.21 -20.60 -16.48
N SER E 249 -17.09 -20.87 -15.80
CA SER E 249 -16.79 -20.16 -14.56
C SER E 249 -15.55 -19.34 -14.76
N TYR E 250 -15.57 -18.12 -14.26
CA TYR E 250 -14.38 -17.27 -14.30
C TYR E 250 -14.16 -16.56 -13.00
N GLN E 251 -12.90 -16.37 -12.65
CA GLN E 251 -12.52 -15.71 -11.40
C GLN E 251 -12.73 -14.18 -11.46
N HIS E 252 -13.40 -13.64 -10.46
CA HIS E 252 -13.63 -12.20 -10.35
C HIS E 252 -12.92 -11.69 -9.05
N SER E 253 -11.92 -10.83 -9.20
CA SER E 253 -11.16 -10.34 -8.03
C SER E 253 -12.02 -9.42 -7.15
N LEU E 254 -11.87 -9.60 -5.83
CA LEU E 254 -12.58 -8.76 -4.85
C LEU E 254 -11.61 -7.80 -4.16
N ALA E 255 -10.37 -7.77 -4.67
CA ALA E 255 -9.37 -6.79 -4.25
C ALA E 255 -9.59 -5.44 -4.97
N HIS E 256 -8.99 -4.38 -4.42
CA HIS E 256 -9.07 -3.05 -5.03
C HIS E 256 -7.74 -2.86 -5.76
N TYR E 257 -7.79 -2.61 -7.06
CA TYR E 257 -6.55 -2.65 -7.85
C TYR E 257 -6.58 -1.48 -8.85
N ALA E 258 -5.42 -1.17 -9.42
CA ALA E 258 -5.31 -0.11 -10.42
C ALA E 258 -5.94 -0.53 -11.77
N GLY E 259 -6.65 0.40 -12.42
CA GLY E 259 -7.26 0.11 -13.71
C GLY E 259 -8.77 0.05 -13.60
N PRO E 260 -9.47 -0.17 -14.73
CA PRO E 260 -8.91 -0.56 -15.98
C PRO E 260 -8.45 0.61 -16.84
N TRP E 261 -7.59 0.31 -17.81
CA TRP E 261 -7.30 1.23 -18.91
C TRP E 261 -7.71 0.55 -20.23
N LEU E 262 -7.58 1.25 -21.36
CA LEU E 262 -7.94 0.73 -22.67
C LEU E 262 -6.70 0.39 -23.47
N TYR E 263 -6.67 -0.81 -24.02
CA TYR E 263 -5.63 -1.20 -24.95
C TYR E 263 -5.57 -0.27 -26.19
N ASP E 264 -4.37 0.08 -26.63
CA ASP E 264 -4.19 0.89 -27.79
C ASP E 264 -2.92 0.37 -28.49
N GLU E 265 -3.09 -0.02 -29.75
CA GLU E 265 -2.06 -0.69 -30.51
C GLU E 265 -0.76 0.12 -30.59
N ASN E 266 -0.91 1.43 -30.71
CA ASN E 266 0.28 2.27 -30.84
C ASN E 266 0.96 2.56 -29.52
N ILE E 267 0.23 2.48 -28.42
CA ILE E 267 0.81 2.56 -27.08
C ILE E 267 1.53 1.21 -26.78
N SER E 268 0.94 0.10 -27.23
CA SER E 268 1.49 -1.24 -26.97
C SER E 268 2.82 -1.43 -27.64
N CYS E 269 2.88 -1.05 -28.93
CA CYS E 269 4.07 -1.25 -29.72
C CYS E 269 4.43 0.05 -30.44
N PRO E 270 5.14 0.95 -29.74
CA PRO E 270 5.39 2.28 -30.26
C PRO E 270 6.48 2.27 -31.34
N THR E 271 6.42 3.26 -32.23
CA THR E 271 7.40 3.45 -33.30
C THR E 271 7.70 4.96 -33.41
N MET F 1 4.58 -35.68 -10.14
CA MET F 1 4.61 -34.51 -11.08
C MET F 1 4.11 -33.25 -10.41
N LEU F 2 4.97 -32.22 -10.36
CA LEU F 2 4.54 -30.87 -10.01
C LEU F 2 4.99 -29.92 -11.09
N LEU F 3 4.05 -29.19 -11.67
CA LEU F 3 4.33 -28.18 -12.71
C LEU F 3 3.95 -26.80 -12.22
N ALA F 4 4.85 -25.84 -12.37
CA ALA F 4 4.47 -24.42 -12.22
C ALA F 4 4.13 -23.90 -13.61
N HIS F 5 2.97 -23.27 -13.77
CA HIS F 5 2.49 -22.87 -15.10
C HIS F 5 2.10 -21.38 -15.09
N ILE F 6 2.88 -20.59 -15.84
CA ILE F 6 2.68 -19.14 -15.93
C ILE F 6 2.35 -18.85 -17.40
N SER F 7 1.88 -17.64 -17.69
CA SER F 7 1.44 -17.35 -19.06
C SER F 7 1.48 -15.87 -19.31
N ASP F 8 1.59 -15.50 -20.61
CA ASP F 8 1.43 -14.10 -21.04
C ASP F 8 2.35 -13.15 -20.25
N THR F 9 3.64 -13.45 -20.29
CA THR F 9 4.67 -12.62 -19.67
C THR F 9 4.78 -11.23 -20.37
N HIS F 10 4.58 -11.19 -21.67
CA HIS F 10 4.61 -9.91 -22.43
C HIS F 10 5.90 -9.08 -22.22
N PHE F 11 7.06 -9.71 -22.21
CA PHE F 11 8.32 -9.00 -22.05
C PHE F 11 8.47 -7.85 -23.04
N ARG F 12 9.10 -6.76 -22.57
CA ARG F 12 9.38 -5.58 -23.40
C ARG F 12 10.91 -5.49 -23.53
N SER F 13 11.40 -4.61 -24.40
CA SER F 13 12.84 -4.46 -24.57
C SER F 13 13.46 -3.82 -23.31
N ARG F 14 14.77 -3.85 -23.21
CA ARG F 14 15.47 -3.42 -22.03
C ARG F 14 15.22 -1.94 -21.80
N GLY F 15 14.78 -1.62 -20.59
CA GLY F 15 14.50 -0.24 -20.27
C GLY F 15 13.19 0.30 -20.84
N GLU F 16 12.30 -0.58 -21.31
CA GLU F 16 10.98 -0.15 -21.77
C GLU F 16 9.92 -0.75 -20.86
N LYS F 17 8.82 -0.04 -20.68
CA LYS F 17 7.75 -0.52 -19.81
C LYS F 17 6.59 -0.75 -20.78
N LEU F 18 5.72 -1.67 -20.41
CA LEU F 18 4.54 -1.97 -21.20
C LEU F 18 3.56 -0.80 -21.13
N TYR F 19 3.16 -0.26 -22.28
CA TYR F 19 2.30 0.95 -22.36
C TYR F 19 2.91 2.20 -21.72
N GLY F 20 4.23 2.14 -21.53
CA GLY F 20 4.98 3.21 -20.90
C GLY F 20 4.94 3.27 -19.39
N PHE F 21 4.17 2.40 -18.75
CA PHE F 21 4.06 2.48 -17.30
C PHE F 21 4.00 1.16 -16.51
N ILE F 22 3.77 0.02 -17.15
CA ILE F 22 3.75 -1.26 -16.42
C ILE F 22 5.12 -1.95 -16.60
N ASP F 23 5.88 -2.08 -15.50
CA ASP F 23 7.21 -2.65 -15.57
C ASP F 23 7.09 -4.17 -15.61
N VAL F 24 6.71 -4.67 -16.79
CA VAL F 24 6.54 -6.12 -17.04
C VAL F 24 7.84 -6.86 -16.84
N ASN F 25 8.97 -6.26 -17.25
CA ASN F 25 10.27 -6.92 -17.06
C ASN F 25 10.63 -7.09 -15.57
N ALA F 26 10.43 -6.02 -14.79
CA ALA F 26 10.64 -6.13 -13.35
C ALA F 26 9.66 -7.11 -12.72
N ALA F 27 8.39 -7.05 -13.12
CA ALA F 27 7.37 -7.95 -12.53
C ALA F 27 7.68 -9.44 -12.80
N ASN F 28 8.15 -9.74 -14.02
CA ASN F 28 8.50 -11.11 -14.43
C ASN F 28 9.78 -11.58 -13.70
N ALA F 29 10.75 -10.69 -13.52
CA ALA F 29 11.97 -11.00 -12.74
C ALA F 29 11.64 -11.33 -11.27
N ASP F 30 10.67 -10.63 -10.70
CA ASP F 30 10.15 -10.96 -9.35
C ASP F 30 9.50 -12.35 -9.38
N VAL F 31 8.66 -12.60 -10.37
CA VAL F 31 8.00 -13.91 -10.51
C VAL F 31 9.02 -15.07 -10.61
N VAL F 32 10.04 -14.89 -11.44
CA VAL F 32 11.09 -15.91 -11.60
C VAL F 32 11.79 -16.18 -10.26
N SER F 33 12.09 -15.12 -9.49
CA SER F 33 12.73 -15.29 -8.20
C SER F 33 11.76 -15.95 -7.22
N GLN F 34 10.47 -15.66 -7.33
CA GLN F 34 9.45 -16.36 -6.52
C GLN F 34 9.42 -17.87 -6.82
N LEU F 35 9.44 -18.22 -8.10
CA LEU F 35 9.43 -19.63 -8.50
C LEU F 35 10.71 -20.34 -8.04
N ASN F 36 11.85 -19.67 -8.16
CA ASN F 36 13.12 -20.21 -7.72
C ASN F 36 13.20 -20.43 -6.19
N ALA F 37 12.44 -19.64 -5.44
CA ALA F 37 12.43 -19.71 -3.98
C ALA F 37 11.42 -20.68 -3.37
N LEU F 38 10.58 -21.32 -4.19
CA LEU F 38 9.59 -22.24 -3.68
C LEU F 38 10.23 -23.37 -2.86
N ARG F 39 9.60 -23.67 -1.74
CA ARG F 39 10.01 -24.75 -0.86
C ARG F 39 9.70 -26.14 -1.44
N GLU F 40 8.53 -26.24 -2.05
CA GLU F 40 8.07 -27.42 -2.77
C GLU F 40 8.39 -27.15 -4.25
N ARG F 41 9.53 -27.67 -4.72
CA ARG F 41 10.08 -27.27 -6.01
C ARG F 41 9.42 -28.04 -7.13
N PRO F 42 8.90 -27.33 -8.13
CA PRO F 42 8.36 -27.98 -9.33
C PRO F 42 9.41 -28.80 -10.09
N ASP F 43 8.92 -29.76 -10.87
CA ASP F 43 9.75 -30.54 -11.78
C ASP F 43 10.05 -29.73 -13.04
N ALA F 44 9.14 -28.82 -13.42
CA ALA F 44 9.35 -28.04 -14.62
C ALA F 44 8.47 -26.82 -14.56
N VAL F 45 8.79 -25.83 -15.38
CA VAL F 45 7.96 -24.62 -15.51
C VAL F 45 7.45 -24.53 -16.94
N VAL F 46 6.13 -24.38 -17.07
CA VAL F 46 5.49 -24.14 -18.36
C VAL F 46 5.18 -22.65 -18.55
N VAL F 47 5.51 -22.13 -19.73
CA VAL F 47 5.08 -20.76 -20.07
C VAL F 47 4.24 -20.77 -21.36
N SER F 48 2.95 -20.51 -21.25
CA SER F 48 2.03 -20.81 -22.37
C SER F 48 1.72 -19.65 -23.31
N GLY F 49 2.78 -19.02 -23.84
CA GLY F 49 2.62 -18.09 -24.92
C GLY F 49 2.47 -16.62 -24.56
N ASP F 50 2.45 -15.77 -25.59
CA ASP F 50 2.70 -14.33 -25.49
C ASP F 50 3.88 -14.03 -24.59
N ILE F 51 5.01 -14.62 -24.95
CA ILE F 51 6.20 -14.50 -24.13
C ILE F 51 6.73 -13.06 -24.22
N VAL F 52 6.75 -12.51 -25.43
CA VAL F 52 7.06 -11.08 -25.61
C VAL F 52 5.85 -10.30 -26.10
N ASN F 53 5.92 -8.95 -26.07
CA ASN F 53 4.74 -8.15 -26.37
C ASN F 53 4.60 -7.78 -27.85
N CYS F 54 5.71 -7.58 -28.54
CA CYS F 54 5.69 -6.99 -29.87
C CYS F 54 6.35 -7.86 -30.94
N GLY F 55 6.81 -9.06 -30.57
CA GLY F 55 7.58 -9.90 -31.48
C GLY F 55 8.94 -9.35 -31.86
N ARG F 56 9.54 -8.52 -31.00
CA ARG F 56 10.79 -7.80 -31.35
C ARG F 56 12.03 -8.50 -30.82
N PRO F 57 13.11 -8.51 -31.61
CA PRO F 57 14.31 -9.25 -31.15
C PRO F 57 14.84 -8.73 -29.78
N GLU F 58 14.70 -7.42 -29.54
CA GLU F 58 15.11 -6.84 -28.27
C GLU F 58 14.30 -7.37 -27.09
N GLU F 59 13.03 -7.66 -27.32
CA GLU F 59 12.21 -8.26 -26.24
C GLU F 59 12.64 -9.70 -25.96
N TYR F 60 12.99 -10.43 -27.03
CA TYR F 60 13.49 -11.82 -26.85
C TYR F 60 14.79 -11.89 -26.10
N GLN F 61 15.68 -10.90 -26.28
CA GLN F 61 16.90 -10.85 -25.50
C GLN F 61 16.58 -10.81 -23.97
N VAL F 62 15.59 -10.00 -23.60
CA VAL F 62 15.14 -9.89 -22.21
C VAL F 62 14.43 -11.16 -21.72
N ALA F 63 13.56 -11.72 -22.57
CA ALA F 63 12.86 -12.95 -22.23
C ALA F 63 13.88 -14.07 -21.98
N ARG F 64 14.91 -14.13 -22.82
CA ARG F 64 15.93 -15.17 -22.70
C ARG F 64 16.76 -15.04 -21.44
N GLN F 65 17.09 -13.80 -21.09
CA GLN F 65 17.77 -13.53 -19.84
C GLN F 65 16.91 -13.94 -18.65
N ILE F 66 15.67 -13.43 -18.59
CA ILE F 66 14.84 -13.66 -17.39
C ILE F 66 14.35 -15.11 -17.28
N LEU F 67 13.78 -15.67 -18.34
CA LEU F 67 13.35 -17.06 -18.29
C LEU F 67 14.55 -18.02 -18.12
N GLY F 68 15.68 -17.67 -18.72
CA GLY F 68 16.94 -18.38 -18.52
C GLY F 68 17.49 -18.39 -17.09
N SER F 69 17.00 -17.50 -16.22
CA SER F 69 17.44 -17.52 -14.83
C SER F 69 16.59 -18.41 -13.93
N LEU F 70 15.54 -19.01 -14.49
CA LEU F 70 14.74 -20.01 -13.77
C LEU F 70 15.54 -21.27 -13.55
N ASN F 71 15.51 -21.78 -12.32
CA ASN F 71 16.30 -22.97 -12.00
C ASN F 71 15.54 -24.25 -12.20
N TYR F 72 14.89 -24.35 -13.37
CA TYR F 72 14.01 -25.46 -13.70
C TYR F 72 14.06 -25.72 -15.18
N PRO F 73 13.78 -26.99 -15.60
CA PRO F 73 13.49 -27.30 -17.00
C PRO F 73 12.26 -26.48 -17.48
N LEU F 74 12.32 -25.94 -18.70
CA LEU F 74 11.21 -25.12 -19.25
C LEU F 74 10.54 -25.76 -20.43
N TYR F 75 9.21 -25.58 -20.49
CA TYR F 75 8.41 -25.92 -21.63
C TYR F 75 7.74 -24.62 -22.07
N LEU F 76 8.11 -24.13 -23.24
CA LEU F 76 7.69 -22.81 -23.75
C LEU F 76 6.89 -23.00 -25.01
N ILE F 77 5.79 -22.24 -25.15
CA ILE F 77 5.10 -22.21 -26.43
C ILE F 77 4.77 -20.75 -26.78
N PRO F 78 4.57 -20.44 -28.09
CA PRO F 78 4.24 -19.07 -28.53
C PRO F 78 2.78 -18.67 -28.46
N GLY F 79 2.57 -17.35 -28.50
CA GLY F 79 1.25 -16.78 -28.63
C GLY F 79 1.26 -15.88 -29.83
N ASN F 80 0.12 -15.25 -30.08
CA ASN F 80 0.00 -14.31 -31.20
C ASN F 80 0.95 -13.10 -31.14
N HIS F 81 1.38 -12.68 -29.93
CA HIS F 81 2.31 -11.54 -29.80
C HIS F 81 3.73 -11.97 -30.10
N ASP F 82 3.99 -13.29 -30.13
CA ASP F 82 5.29 -13.86 -30.48
C ASP F 82 5.57 -13.86 -31.98
N ASP F 83 6.85 -13.85 -32.36
CA ASP F 83 7.24 -14.01 -33.76
C ASP F 83 7.87 -15.40 -33.83
N LYS F 84 7.36 -16.30 -34.68
CA LYS F 84 7.79 -17.70 -34.68
C LYS F 84 9.29 -17.88 -34.89
N ALA F 85 9.86 -17.24 -35.92
CA ALA F 85 11.30 -17.39 -36.19
C ALA F 85 12.19 -16.89 -35.05
N LEU F 86 11.85 -15.73 -34.52
CA LEU F 86 12.66 -15.15 -33.43
C LEU F 86 12.51 -15.93 -32.15
N PHE F 87 11.27 -16.38 -31.89
CA PHE F 87 10.98 -17.24 -30.73
C PHE F 87 11.92 -18.44 -30.77
N LEU F 88 11.98 -19.13 -31.91
CA LEU F 88 12.89 -20.29 -32.00
C LEU F 88 14.37 -19.89 -31.93
N GLU F 89 14.75 -18.78 -32.56
CA GLU F 89 16.14 -18.36 -32.53
C GLU F 89 16.62 -18.05 -31.10
N TYR F 90 15.77 -17.38 -30.32
CA TYR F 90 16.14 -16.95 -28.98
C TYR F 90 15.83 -17.95 -27.87
N LEU F 91 14.76 -18.74 -28.05
CA LEU F 91 14.27 -19.59 -26.93
C LEU F 91 14.48 -21.11 -27.09
N GLN F 92 14.80 -21.57 -28.30
CA GLN F 92 15.03 -22.97 -28.50
C GLN F 92 16.10 -23.53 -27.56
N PRO F 93 17.24 -22.82 -27.35
CA PRO F 93 18.15 -23.34 -26.34
C PRO F 93 17.54 -23.56 -24.94
N LEU F 94 16.50 -22.80 -24.58
CA LEU F 94 15.82 -22.98 -23.27
C LEU F 94 14.83 -24.15 -23.29
N CYS F 95 14.39 -24.51 -24.50
CA CYS F 95 13.44 -25.60 -24.71
C CYS F 95 13.72 -26.32 -26.04
N PRO F 96 14.80 -27.13 -26.08
CA PRO F 96 15.31 -27.74 -27.33
C PRO F 96 14.37 -28.79 -27.93
N GLN F 97 13.46 -29.33 -27.11
CA GLN F 97 12.45 -30.28 -27.57
C GLN F 97 11.50 -29.76 -28.64
N LEU F 98 11.45 -28.44 -28.84
CA LEU F 98 10.55 -27.86 -29.83
C LEU F 98 10.98 -28.12 -31.28
N GLY F 99 12.26 -28.48 -31.43
CA GLY F 99 12.84 -28.77 -32.74
C GLY F 99 13.58 -27.58 -33.33
N SER F 100 13.81 -27.60 -34.64
CA SER F 100 14.50 -26.51 -35.31
C SER F 100 13.71 -25.99 -36.49
N ASP F 101 12.42 -26.33 -36.55
CA ASP F 101 11.55 -25.78 -37.59
C ASP F 101 10.58 -24.82 -36.88
N ALA F 102 10.74 -23.51 -37.13
CA ALA F 102 9.89 -22.48 -36.48
C ALA F 102 8.39 -22.58 -36.84
N ASN F 103 8.06 -23.18 -37.98
CA ASN F 103 6.66 -23.36 -38.34
C ASN F 103 5.98 -24.59 -37.75
N ASN F 104 6.75 -25.46 -37.11
CA ASN F 104 6.24 -26.69 -36.54
C ASN F 104 6.77 -26.97 -35.14
N MET F 105 6.73 -25.94 -34.29
CA MET F 105 7.21 -26.09 -32.91
C MET F 105 6.21 -26.81 -32.03
N ARG F 106 6.61 -27.98 -31.53
CA ARG F 106 5.77 -28.71 -30.56
C ARG F 106 6.61 -29.76 -29.91
N CYS F 107 6.17 -30.27 -28.77
CA CYS F 107 6.84 -31.41 -28.21
C CYS F 107 5.95 -32.19 -27.26
N ALA F 108 6.31 -33.45 -27.06
CA ALA F 108 5.56 -34.33 -26.13
C ALA F 108 6.48 -34.73 -25.01
N VAL F 109 5.96 -34.83 -23.81
CA VAL F 109 6.77 -35.22 -22.67
C VAL F 109 6.13 -36.45 -22.03
N ASP F 110 6.94 -37.50 -21.88
CA ASP F 110 6.42 -38.75 -21.34
C ASP F 110 6.96 -39.12 -19.94
N ASP F 111 7.60 -38.17 -19.26
CA ASP F 111 8.29 -38.47 -18.01
C ASP F 111 7.35 -38.84 -16.87
N PHE F 112 6.09 -38.42 -16.98
CA PHE F 112 5.17 -38.47 -15.84
C PHE F 112 3.98 -39.42 -16.10
N ALA F 113 3.09 -39.60 -15.12
CA ALA F 113 1.91 -40.47 -15.23
C ALA F 113 0.92 -39.99 -16.29
N THR F 114 0.87 -38.67 -16.48
CA THR F 114 0.11 -38.06 -17.54
C THR F 114 1.07 -37.52 -18.62
N ARG F 115 0.76 -37.86 -19.86
CA ARG F 115 1.48 -37.34 -21.01
C ARG F 115 1.20 -35.84 -21.25
N LEU F 116 2.23 -35.06 -21.62
CA LEU F 116 2.08 -33.60 -21.81
C LEU F 116 2.37 -33.24 -23.24
N LEU F 117 1.42 -32.56 -23.89
CA LEU F 117 1.54 -32.20 -25.29
C LEU F 117 1.56 -30.66 -25.45
N PHE F 118 2.62 -30.12 -26.06
CA PHE F 118 2.79 -28.67 -26.18
C PHE F 118 2.69 -28.33 -27.65
N ILE F 119 1.77 -27.43 -28.00
CA ILE F 119 1.56 -27.02 -29.38
C ILE F 119 1.55 -25.50 -29.55
N ASP F 120 1.73 -25.07 -30.80
CA ASP F 120 1.70 -23.68 -31.19
C ASP F 120 0.41 -23.45 -31.95
N SER F 121 -0.52 -22.69 -31.34
CA SER F 121 -1.78 -22.37 -32.01
C SER F 121 -1.68 -21.00 -32.70
N SER F 122 -0.50 -20.36 -32.66
CA SER F 122 -0.40 -18.99 -33.20
C SER F 122 -0.28 -18.98 -34.71
N ARG F 123 -0.75 -17.89 -35.31
CA ARG F 123 -0.79 -17.79 -36.73
C ARG F 123 -0.37 -16.37 -37.15
N ALA F 124 0.63 -16.28 -38.03
CA ALA F 124 1.15 -14.96 -38.45
C ALA F 124 0.05 -14.11 -39.08
N GLY F 125 0.03 -12.82 -38.72
CA GLY F 125 -0.86 -11.86 -39.35
C GLY F 125 -2.16 -11.66 -38.62
N THR F 126 -2.42 -12.50 -37.61
CA THR F 126 -3.71 -12.42 -36.92
C THR F 126 -3.56 -12.69 -35.41
N SER F 127 -4.52 -12.20 -34.63
CA SER F 127 -4.60 -12.51 -33.21
C SER F 127 -5.31 -13.85 -32.98
N LYS F 128 -6.07 -14.31 -33.98
CA LYS F 128 -6.85 -15.53 -33.87
C LYS F 128 -5.93 -16.77 -33.87
N GLY F 129 -6.37 -17.84 -33.21
CA GLY F 129 -5.61 -19.09 -33.24
C GLY F 129 -5.92 -19.94 -34.45
N TRP F 130 -5.04 -20.89 -34.72
CA TRP F 130 -5.23 -21.80 -35.84
C TRP F 130 -4.46 -23.10 -35.64
N LEU F 131 -5.15 -24.21 -35.72
CA LEU F 131 -4.49 -25.52 -35.72
C LEU F 131 -4.16 -25.96 -37.14
N THR F 132 -2.87 -26.10 -37.46
CA THR F 132 -2.51 -26.57 -38.79
C THR F 132 -2.77 -28.08 -38.91
N ASP F 133 -2.74 -28.58 -40.15
CA ASP F 133 -2.91 -30.00 -40.40
C ASP F 133 -1.80 -30.83 -39.79
N GLU F 134 -0.57 -30.33 -39.86
CA GLU F 134 0.54 -31.06 -39.23
C GLU F 134 0.39 -31.12 -37.74
N THR F 135 -0.13 -30.06 -37.12
CA THR F 135 -0.33 -30.10 -35.66
C THR F 135 -1.39 -31.11 -35.32
N ILE F 136 -2.50 -31.08 -36.08
CA ILE F 136 -3.61 -32.00 -35.86
C ILE F 136 -3.15 -33.44 -36.05
N SER F 137 -2.39 -33.69 -37.14
CA SER F 137 -1.87 -35.04 -37.41
C SER F 137 -0.91 -35.52 -36.36
N TRP F 138 -0.05 -34.61 -35.88
CA TRP F 138 0.87 -34.93 -34.81
C TRP F 138 0.10 -35.26 -33.53
N LEU F 139 -0.86 -34.43 -33.18
CA LEU F 139 -1.74 -34.74 -32.03
C LEU F 139 -2.43 -36.12 -32.10
N GLU F 140 -2.99 -36.47 -33.27
CA GLU F 140 -3.68 -37.77 -33.47
C GLU F 140 -2.71 -38.92 -33.24
N ALA F 141 -1.50 -38.78 -33.77
CA ALA F 141 -0.42 -39.77 -33.60
C ALA F 141 -0.02 -39.94 -32.13
N GLN F 142 0.19 -38.84 -31.42
CA GLN F 142 0.46 -38.94 -29.95
C GLN F 142 -0.67 -39.61 -29.18
N LEU F 143 -1.92 -39.24 -29.50
CA LEU F 143 -3.08 -39.74 -28.73
C LEU F 143 -3.35 -41.21 -29.04
N PHE F 144 -3.22 -41.57 -30.32
CA PHE F 144 -3.25 -42.96 -30.71
C PHE F 144 -2.16 -43.82 -30.01
N GLU F 145 -0.90 -43.43 -30.16
CA GLU F 145 0.21 -44.11 -29.47
C GLU F 145 0.15 -44.14 -27.91
N GLY F 146 -0.41 -43.09 -27.30
CA GLY F 146 -0.53 -43.05 -25.82
C GLY F 146 -1.52 -44.06 -25.23
N GLY F 147 -2.52 -44.46 -26.04
CA GLY F 147 -3.50 -45.44 -25.56
C GLY F 147 -4.20 -44.96 -24.30
N ASP F 148 -4.09 -45.76 -23.24
CA ASP F 148 -4.82 -45.51 -21.99
C ASP F 148 -4.16 -44.49 -21.06
N LYS F 149 -2.96 -44.05 -21.41
CA LYS F 149 -2.23 -43.08 -20.58
C LYS F 149 -2.91 -41.71 -20.73
N PRO F 150 -3.29 -41.05 -19.60
CA PRO F 150 -3.98 -39.73 -19.71
C PRO F 150 -3.08 -38.68 -20.35
N ALA F 151 -3.67 -37.62 -20.88
CA ALA F 151 -2.88 -36.67 -21.66
C ALA F 151 -3.42 -35.24 -21.40
N THR F 152 -2.49 -34.28 -21.35
CA THR F 152 -2.83 -32.86 -21.13
C THR F 152 -2.20 -32.09 -22.29
N ILE F 153 -3.00 -31.22 -22.90
CA ILE F 153 -2.52 -30.34 -23.95
C ILE F 153 -2.34 -28.92 -23.39
N PHE F 154 -1.21 -28.31 -23.73
CA PHE F 154 -0.91 -26.91 -23.47
C PHE F 154 -0.90 -26.15 -24.78
N MET F 155 -1.71 -25.10 -24.90
CA MET F 155 -1.71 -24.32 -26.14
C MET F 155 -2.06 -22.87 -25.82
N HIS F 156 -1.69 -21.95 -26.70
CA HIS F 156 -2.02 -20.55 -26.40
C HIS F 156 -3.52 -20.22 -26.39
N HIS F 157 -4.20 -20.46 -27.52
CA HIS F 157 -5.59 -20.00 -27.73
C HIS F 157 -6.58 -21.04 -27.25
N PRO F 158 -7.64 -20.59 -26.53
CA PRO F 158 -8.71 -21.53 -26.14
C PRO F 158 -9.42 -22.10 -27.37
N PRO F 159 -9.70 -23.43 -27.38
CA PRO F 159 -10.31 -24.11 -28.55
C PRO F 159 -11.85 -23.99 -28.65
N LEU F 160 -12.48 -23.18 -27.79
CA LEU F 160 -13.94 -22.94 -27.91
C LEU F 160 -14.26 -21.56 -27.37
N PRO F 161 -15.36 -20.95 -27.83
CA PRO F 161 -15.74 -19.66 -27.23
C PRO F 161 -16.16 -19.79 -25.75
N LEU F 162 -15.94 -18.74 -24.96
CA LEU F 162 -16.18 -18.81 -23.49
C LEU F 162 -17.11 -17.71 -23.00
N GLY F 163 -17.67 -16.94 -23.94
CA GLY F 163 -18.64 -15.88 -23.63
C GLY F 163 -17.97 -14.53 -23.40
N ASN F 164 -16.66 -14.47 -23.64
CA ASN F 164 -15.88 -13.28 -23.35
C ASN F 164 -15.93 -12.35 -24.57
N ALA F 165 -16.66 -11.23 -24.48
CA ALA F 165 -16.87 -10.40 -25.70
C ALA F 165 -15.58 -9.90 -26.35
N GLN F 166 -14.58 -9.59 -25.53
CA GLN F 166 -13.33 -9.12 -26.06
C GLN F 166 -12.53 -10.27 -26.69
N MET F 167 -12.57 -11.44 -26.07
CA MET F 167 -11.63 -12.52 -26.42
C MET F 167 -12.15 -13.60 -27.37
N ASP F 168 -13.46 -13.81 -27.38
CA ASP F 168 -14.11 -14.87 -28.18
C ASP F 168 -13.84 -14.77 -29.67
N PRO F 169 -13.96 -13.54 -30.26
CA PRO F 169 -13.69 -13.40 -31.70
C PRO F 169 -12.25 -13.79 -32.08
N ILE F 170 -11.36 -13.82 -31.10
CA ILE F 170 -9.97 -14.18 -31.37
C ILE F 170 -9.51 -15.47 -30.69
N ALA F 171 -10.45 -16.36 -30.38
CA ALA F 171 -10.14 -17.74 -29.94
C ALA F 171 -9.46 -18.53 -31.06
N CYS F 172 -9.24 -19.82 -30.84
CA CYS F 172 -8.76 -20.74 -31.89
C CYS F 172 -9.84 -20.92 -32.95
N GLU F 173 -9.60 -20.43 -34.16
CA GLU F 173 -10.68 -20.35 -35.17
C GLU F 173 -11.21 -21.72 -35.61
N ASN F 174 -10.32 -22.69 -35.77
CA ASN F 174 -10.72 -24.09 -36.02
C ASN F 174 -10.65 -25.00 -34.75
N GLY F 175 -10.94 -24.39 -33.59
CA GLY F 175 -10.99 -25.09 -32.30
C GLY F 175 -11.79 -26.39 -32.33
N HIS F 176 -12.83 -26.44 -33.17
CA HIS F 176 -13.69 -27.64 -33.29
C HIS F 176 -12.90 -28.89 -33.63
N ARG F 177 -11.83 -28.75 -34.42
CA ARG F 177 -10.90 -29.86 -34.71
C ARG F 177 -10.29 -30.50 -33.48
N LEU F 178 -9.99 -29.68 -32.48
CA LEU F 178 -9.42 -30.20 -31.24
C LEU F 178 -10.52 -30.76 -30.33
N LEU F 179 -11.71 -30.17 -30.37
CA LEU F 179 -12.86 -30.74 -29.65
C LEU F 179 -13.29 -32.11 -30.22
N ALA F 180 -13.11 -32.33 -31.52
CA ALA F 180 -13.35 -33.65 -32.14
C ALA F 180 -12.37 -34.67 -31.61
N LEU F 181 -11.15 -34.24 -31.32
CA LEU F 181 -10.12 -35.14 -30.72
C LEU F 181 -10.47 -35.53 -29.29
N VAL F 182 -11.02 -34.57 -28.52
CA VAL F 182 -11.54 -34.87 -27.19
C VAL F 182 -12.61 -35.98 -27.32
N GLU F 183 -13.58 -35.84 -28.22
CA GLU F 183 -14.53 -36.95 -28.43
C GLU F 183 -13.85 -38.29 -28.80
N ARG F 184 -12.93 -38.26 -29.76
CA ARG F 184 -12.27 -39.50 -30.16
C ARG F 184 -11.43 -40.20 -29.10
N PHE F 185 -10.73 -39.41 -28.29
CA PHE F 185 -9.72 -39.96 -27.38
C PHE F 185 -10.05 -39.70 -25.91
N PRO F 186 -10.67 -40.69 -25.23
CA PRO F 186 -11.07 -40.52 -23.83
C PRO F 186 -9.91 -40.23 -22.85
N SER F 187 -8.67 -40.55 -23.22
CA SER F 187 -7.59 -40.22 -22.30
C SER F 187 -7.11 -38.72 -22.34
N LEU F 188 -7.56 -37.95 -23.32
CA LEU F 188 -7.36 -36.48 -23.33
C LEU F 188 -8.30 -35.78 -22.35
N THR F 189 -7.79 -35.45 -21.14
CA THR F 189 -8.66 -34.92 -20.08
C THR F 189 -8.36 -33.49 -19.58
N ARG F 190 -7.30 -32.88 -20.12
CA ARG F 190 -6.96 -31.45 -19.80
C ARG F 190 -6.50 -30.69 -21.02
N ILE F 191 -7.03 -29.47 -21.17
CA ILE F 191 -6.50 -28.49 -22.14
C ILE F 191 -6.31 -27.15 -21.40
N PHE F 192 -5.05 -26.70 -21.32
CA PHE F 192 -4.72 -25.46 -20.65
C PHE F 192 -4.23 -24.44 -21.66
N CYS F 193 -4.74 -23.21 -21.53
CA CYS F 193 -4.52 -22.11 -22.47
C CYS F 193 -4.12 -20.77 -21.79
N GLY F 194 -3.42 -19.95 -22.54
CA GLY F 194 -3.21 -18.53 -22.17
C GLY F 194 -4.23 -17.65 -22.86
N HIS F 195 -3.77 -16.48 -23.33
CA HIS F 195 -4.50 -15.61 -24.24
C HIS F 195 -5.50 -14.72 -23.51
N ASN F 196 -6.31 -15.32 -22.66
CA ASN F 196 -7.40 -14.57 -22.01
C ASN F 196 -7.03 -13.72 -20.80
N HIS F 197 -5.84 -13.93 -20.20
CA HIS F 197 -5.37 -13.20 -19.00
C HIS F 197 -6.48 -13.23 -17.92
N SER F 198 -6.96 -14.44 -17.61
CA SER F 198 -8.10 -14.61 -16.74
C SER F 198 -8.15 -16.09 -16.43
N LEU F 199 -8.59 -16.45 -15.24
CA LEU F 199 -8.85 -17.85 -15.00
C LEU F 199 -10.33 -18.09 -15.37
N THR F 200 -10.52 -18.71 -16.53
CA THR F 200 -11.83 -19.07 -17.06
C THR F 200 -11.83 -20.58 -17.31
N MET F 201 -12.71 -21.32 -16.63
CA MET F 201 -12.74 -22.77 -16.77
C MET F 201 -14.10 -23.35 -17.22
N THR F 202 -14.02 -24.41 -17.99
CA THR F 202 -15.19 -25.08 -18.48
C THR F 202 -14.85 -26.55 -18.72
N GLN F 203 -15.82 -27.36 -19.11
CA GLN F 203 -15.60 -28.79 -19.26
C GLN F 203 -16.35 -29.20 -20.54
N TYR F 204 -15.62 -29.94 -21.37
CA TYR F 204 -16.15 -30.51 -22.60
C TYR F 204 -15.89 -32.02 -22.64
N ARG F 205 -16.97 -32.78 -22.65
CA ARG F 205 -16.97 -34.16 -22.23
C ARG F 205 -16.09 -34.46 -21.03
N GLN F 206 -15.11 -35.33 -21.21
CA GLN F 206 -14.16 -35.71 -20.17
C GLN F 206 -12.99 -34.71 -19.95
N ALA F 207 -12.98 -33.63 -20.72
CA ALA F 207 -11.87 -32.70 -20.66
C ALA F 207 -12.20 -31.41 -19.89
N LEU F 208 -11.37 -31.10 -18.90
CA LEU F 208 -11.36 -29.81 -18.27
C LEU F 208 -10.46 -28.86 -19.12
N ILE F 209 -11.05 -27.70 -19.46
CA ILE F 209 -10.43 -26.68 -20.34
C ILE F 209 -10.38 -25.38 -19.54
N SER F 210 -9.18 -24.85 -19.34
CA SER F 210 -9.03 -23.62 -18.57
C SER F 210 -7.98 -22.71 -19.18
N THR F 211 -8.29 -21.41 -19.25
CA THR F 211 -7.30 -20.35 -19.52
C THR F 211 -6.69 -19.88 -18.22
N LEU F 212 -5.49 -19.27 -18.31
CA LEU F 212 -4.77 -18.81 -17.11
C LEU F 212 -4.72 -17.28 -16.97
N PRO F 213 -4.62 -16.80 -15.71
CA PRO F 213 -4.22 -15.40 -15.44
C PRO F 213 -2.85 -15.12 -16.09
N GLY F 214 -2.61 -13.86 -16.47
CA GLY F 214 -1.24 -13.43 -16.87
C GLY F 214 -0.34 -13.22 -15.66
N THR F 215 0.97 -13.16 -15.87
CA THR F 215 1.88 -12.90 -14.76
C THR F 215 1.87 -11.44 -14.31
N VAL F 216 1.38 -10.53 -15.16
CA VAL F 216 1.41 -9.10 -14.80
C VAL F 216 0.01 -8.49 -14.93
N HIS F 217 -0.32 -8.01 -16.12
CA HIS F 217 -1.65 -7.40 -16.33
C HIS F 217 -2.71 -8.47 -16.71
N GLN F 218 -3.97 -8.16 -16.39
CA GLN F 218 -5.11 -9.05 -16.52
C GLN F 218 -6.17 -8.41 -17.43
N VAL F 219 -7.10 -9.22 -17.90
CA VAL F 219 -8.16 -8.73 -18.77
C VAL F 219 -9.49 -9.15 -18.12
N PRO F 220 -10.37 -8.17 -17.81
CA PRO F 220 -11.65 -8.55 -17.18
C PRO F 220 -12.56 -9.31 -18.18
N TYR F 221 -13.34 -10.26 -17.66
CA TYR F 221 -14.33 -10.94 -18.48
C TYR F 221 -15.54 -10.03 -18.55
N CYS F 222 -15.94 -9.69 -19.76
CA CYS F 222 -17.14 -8.88 -20.03
C CYS F 222 -17.98 -9.65 -21.03
N HIS F 223 -19.26 -9.82 -20.72
CA HIS F 223 -20.14 -10.56 -21.62
C HIS F 223 -20.64 -9.80 -22.86
N ALA F 224 -20.83 -8.49 -22.75
CA ALA F 224 -21.31 -7.69 -23.87
C ALA F 224 -20.30 -6.62 -24.35
N ASP F 225 -19.62 -6.00 -23.40
CA ASP F 225 -18.79 -4.82 -23.67
C ASP F 225 -17.53 -5.26 -24.43
N THR F 226 -17.32 -4.71 -25.63
CA THR F 226 -16.15 -5.04 -26.47
C THR F 226 -14.95 -4.12 -26.24
N ASP F 227 -15.13 -3.05 -25.47
CA ASP F 227 -14.04 -2.11 -25.09
C ASP F 227 -12.83 -2.91 -24.61
N PRO F 228 -11.65 -2.70 -25.24
CA PRO F 228 -10.49 -3.51 -24.85
C PRO F 228 -9.81 -3.15 -23.49
N TYR F 229 -10.46 -3.46 -22.38
CA TYR F 229 -9.89 -3.21 -21.07
C TYR F 229 -8.76 -4.14 -20.70
N TYR F 230 -7.90 -3.66 -19.79
CA TYR F 230 -6.95 -4.46 -19.02
C TYR F 230 -6.75 -3.73 -17.68
N ASP F 231 -6.19 -4.45 -16.72
CA ASP F 231 -6.03 -3.91 -15.39
C ASP F 231 -4.84 -4.56 -14.67
N LEU F 232 -4.58 -4.12 -13.44
CA LEU F 232 -3.52 -4.72 -12.62
C LEU F 232 -4.14 -5.41 -11.39
N SER F 233 -5.22 -6.13 -11.64
CA SER F 233 -5.73 -7.04 -10.61
C SER F 233 -4.67 -8.13 -10.34
N PRO F 234 -4.78 -8.79 -9.18
CA PRO F 234 -3.71 -9.70 -8.73
C PRO F 234 -3.33 -10.79 -9.72
N ALA F 235 -2.03 -10.93 -9.93
CA ALA F 235 -1.47 -11.96 -10.81
C ALA F 235 -1.24 -13.28 -10.05
N SER F 236 -1.25 -14.38 -10.80
CA SER F 236 -1.09 -15.71 -10.22
C SER F 236 -0.62 -16.69 -11.27
N CYS F 237 -0.19 -17.86 -10.81
CA CYS F 237 0.05 -18.95 -11.72
C CYS F 237 -0.81 -20.16 -11.30
N LEU F 238 -0.71 -21.22 -12.09
CA LEU F 238 -1.43 -22.42 -11.77
C LEU F 238 -0.36 -23.45 -11.42
N MET F 239 -0.56 -24.20 -10.35
CA MET F 239 0.35 -25.32 -10.08
C MET F 239 -0.42 -26.55 -10.49
N HIS F 240 0.23 -27.48 -11.20
CA HIS F 240 -0.41 -28.72 -11.60
C HIS F 240 0.31 -29.88 -10.92
N ARG F 241 -0.46 -30.70 -10.21
CA ARG F 241 0.09 -31.85 -9.46
C ARG F 241 -0.63 -33.15 -9.77
N GLN F 242 0.13 -34.24 -9.93
CA GLN F 242 -0.46 -35.58 -10.05
C GLN F 242 -0.72 -36.11 -8.65
N VAL F 243 -2.00 -36.32 -8.31
CA VAL F 243 -2.40 -36.79 -6.97
C VAL F 243 -3.13 -38.14 -7.18
N GLY F 244 -2.37 -39.22 -7.08
CA GLY F 244 -2.91 -40.54 -7.40
C GLY F 244 -3.35 -40.52 -8.84
N GLU F 245 -4.61 -40.85 -9.10
CA GLU F 245 -5.14 -40.89 -10.45
C GLU F 245 -5.64 -39.53 -10.94
N GLN F 246 -5.67 -38.54 -10.06
CA GLN F 246 -6.20 -37.20 -10.38
C GLN F 246 -5.07 -36.21 -10.74
N TRP F 247 -5.28 -35.47 -11.82
CA TRP F 247 -4.52 -34.26 -12.13
C TRP F 247 -5.23 -33.13 -11.37
N VAL F 248 -4.52 -32.48 -10.46
CA VAL F 248 -5.11 -31.39 -9.65
C VAL F 248 -4.35 -30.08 -9.98
N SER F 249 -5.10 -29.03 -10.29
CA SER F 249 -4.55 -27.68 -10.51
C SER F 249 -4.96 -26.72 -9.39
N TYR F 250 -4.00 -25.99 -8.86
CA TYR F 250 -4.36 -25.00 -7.85
C TYR F 250 -3.70 -23.64 -8.11
N GLN F 251 -4.39 -22.57 -7.71
CA GLN F 251 -3.92 -21.25 -8.01
C GLN F 251 -2.88 -20.86 -6.96
N HIS F 252 -1.77 -20.29 -7.42
CA HIS F 252 -0.73 -19.86 -6.55
C HIS F 252 -0.54 -18.36 -6.75
N SER F 253 -0.83 -17.57 -5.73
CA SER F 253 -0.73 -16.10 -5.84
C SER F 253 0.73 -15.66 -6.08
N LEU F 254 0.91 -14.76 -7.03
CA LEU F 254 2.21 -14.12 -7.26
C LEU F 254 2.26 -12.71 -6.66
N ALA F 255 1.27 -12.37 -5.81
CA ALA F 255 1.25 -11.04 -5.20
C ALA F 255 2.03 -11.13 -3.90
N HIS F 256 2.37 -10.00 -3.31
CA HIS F 256 3.00 -10.01 -1.99
C HIS F 256 1.91 -9.62 -1.02
N TYR F 257 1.72 -10.44 0.01
CA TYR F 257 0.55 -10.30 0.89
C TYR F 257 0.98 -10.61 2.31
N ALA F 258 0.15 -10.26 3.30
CA ALA F 258 0.43 -10.53 4.73
C ALA F 258 0.26 -12.00 5.08
N GLY F 259 1.13 -12.51 5.96
CA GLY F 259 1.08 -13.92 6.41
C GLY F 259 2.16 -14.80 5.74
N PRO F 260 2.17 -16.13 6.03
CA PRO F 260 1.07 -16.81 6.73
C PRO F 260 1.14 -16.72 8.27
N TRP F 261 0.03 -17.01 8.94
CA TRP F 261 0.03 -17.26 10.38
C TRP F 261 -0.50 -18.69 10.62
N LEU F 262 -0.53 -19.15 11.87
CA LEU F 262 -1.03 -20.49 12.16
C LEU F 262 -2.37 -20.42 12.89
N TYR F 263 -3.33 -21.23 12.45
CA TYR F 263 -4.64 -21.31 13.08
C TYR F 263 -4.49 -21.88 14.48
N ASP F 264 -5.20 -21.27 15.43
CA ASP F 264 -5.23 -21.70 16.79
C ASP F 264 -6.70 -21.65 17.26
N GLU F 265 -7.19 -22.78 17.77
CA GLU F 265 -8.59 -22.92 18.20
C GLU F 265 -8.99 -21.87 19.24
N ASN F 266 -8.11 -21.58 20.18
CA ASN F 266 -8.37 -20.59 21.26
C ASN F 266 -8.47 -19.16 20.72
N ILE F 267 -7.72 -18.90 19.67
CA ILE F 267 -7.69 -17.57 19.04
C ILE F 267 -8.89 -17.41 18.10
N SER F 268 -9.31 -18.52 17.49
CA SER F 268 -10.42 -18.55 16.56
C SER F 268 -11.76 -18.27 17.25
N CYS F 269 -11.96 -18.90 18.39
CA CYS F 269 -13.25 -18.77 19.05
C CYS F 269 -13.05 -18.43 20.53
N PRO F 270 -12.73 -17.15 20.84
CA PRO F 270 -12.35 -16.78 22.20
C PRO F 270 -13.50 -16.90 23.23
N THR F 271 -13.16 -17.41 24.40
CA THR F 271 -14.13 -17.67 25.48
C THR F 271 -14.68 -16.38 26.04
N GLU F 272 -14.00 -15.27 25.71
CA GLU F 272 -14.36 -13.93 26.16
C GLU F 272 -15.46 -13.27 25.33
N GLU F 273 -15.66 -13.71 24.08
CA GLU F 273 -16.42 -12.91 23.08
C GLU F 273 -17.77 -13.53 22.67
N ARG F 274 -18.65 -12.72 22.06
CA ARG F 274 -19.89 -13.23 21.46
C ARG F 274 -19.61 -13.90 20.09
CO CO G . 5.05 3.36 26.05
CO CO H . 6.51 4.36 29.28
CO CO I . 25.80 -6.18 1.22
CO CO J . 29.04 -7.76 2.09
CO CO K . 6.49 22.72 -12.43
CO CO L . 7.02 26.24 -13.27
CO CO M . -22.26 14.41 2.99
CO CO N . -25.30 16.49 2.41
CO CO O . -13.90 -21.94 5.90
CO CO P . -15.01 -25.40 6.31
CO CO Q . -1.30 -12.09 -23.77
CO CO R . -2.56 -13.81 -26.86
#